data_1I2H
# 
_entry.id   1I2H 
# 
_audit_conform.dict_name       mmcif_pdbx.dic 
_audit_conform.dict_version    5.376 
_audit_conform.dict_location   http://mmcif.pdb.org/dictionaries/ascii/mmcif_pdbx.dic 
# 
loop_
_database_2.database_id 
_database_2.database_code 
_database_2.pdbx_database_accession 
_database_2.pdbx_DOI 
PDB   1I2H         pdb_00001i2h 10.2210/pdb1i2h/pdb 
RCSB  RCSB012820   ?            ?                   
WWPDB D_1000012820 ?            ?                   
# 
_pdbx_database_status.status_code                     REL 
_pdbx_database_status.entry_id                        1I2H 
_pdbx_database_status.recvd_initial_deposition_date   2001-02-09 
_pdbx_database_status.deposit_site                    RCSB 
_pdbx_database_status.process_site                    RCSB 
_pdbx_database_status.status_code_sf                  REL 
_pdbx_database_status.SG_entry                        . 
_pdbx_database_status.pdb_format_compatible           Y 
_pdbx_database_status.status_code_mr                  ? 
_pdbx_database_status.status_code_cs                  ? 
_pdbx_database_status.status_code_nmr_data            ? 
_pdbx_database_status.methods_development_category    ? 
# 
loop_
_audit_author.name 
_audit_author.pdbx_ordinal 
'Irie, K.'      1 
'Nakatsu, T.'   2 
'Mitsuoka, K.'  3 
'Fujiyoshi, Y.' 4 
'Kato, H.'      5 
# 
loop_
_citation.id 
_citation.title 
_citation.journal_abbrev 
_citation.journal_volume 
_citation.page_first 
_citation.page_last 
_citation.year 
_citation.journal_id_ASTM 
_citation.country 
_citation.journal_id_ISSN 
_citation.journal_id_CSD 
_citation.book_publisher 
_citation.pdbx_database_id_PubMed 
_citation.pdbx_database_id_DOI 
primary 
;Crystal Structure of the Homer 1 Family Conserved Region Reveals the Interaction Between the EVH1 Domain and 
Own Proline-rich Motif
;
J.Mol.Biol.            318 1117  1126  2002 JMOBAK UK 0022-2836 0070 ? 12054806 '10.1016/S0022-2836(02)00170-5' 
1       'Isolation of PSD-Zip45, a Novel Homer/vesl Family Protein Containing Leucine Zipper Motifs, from Rat Brain.' 'FEBS Lett.' 
437 304   308   1998 FEBLAL NE 0014-5793 0165 ? ?        '10.1016/S0014-5793(98)01256-3' 
2       
'Involvement of unique leucine-zipper motif of PSD-Zip45 (Homer 1c/vesl-1L) in group 1 metabotropic glutamate receptor clustering.' 
Proc.Natl.Acad.Sci.USA 96  13801 13806 1999 PNASA6 US 0027-8424 0040 ? ?        10.1073/pnas.96.24.13801        
# 
loop_
_citation_author.citation_id 
_citation_author.name 
_citation_author.ordinal 
_citation_author.identifier_ORCID 
primary 'Irie, K.'       1  ? 
primary 'Nakatsu, T.'    2  ? 
primary 'Mitsuoka, K.'   3  ? 
primary 'Miyazawa, A.'   4  ? 
primary 'Sobue, K.'      5  ? 
primary 'Hiroaki, Y.'    6  ? 
primary 'Doi, T.'        7  ? 
primary 'Fujiyoshi, Y.'  8  ? 
primary 'Kato, H.'       9  ? 
1       'Sun, J.'        10 ? 
1       'Tadokoro, S.'   11 ? 
1       'Imanaka, T.'    12 ? 
1       'Murakami, S.D.' 13 ? 
1       'Nakamura, M.'   14 ? 
1       'Kashiwada, K.'  15 ? 
1       'Ko, J.'         16 ? 
1       'Nishida, W.'    17 ? 
1       'Sobue, K.'      18 ? 
2       'Tadokoro, S.'   19 ? 
2       'Tachibana, T.'  20 ? 
2       'Imanaka, T.'    21 ? 
2       'Nishida, W.'    22 ? 
2       'Sobue, K.'      23 ? 
# 
_cell.entry_id           1I2H 
_cell.length_a           55.262 
_cell.length_b           71.153 
_cell.length_c           39.565 
_cell.angle_alpha        90.00 
_cell.angle_beta         90.00 
_cell.angle_gamma        90.00 
_cell.Z_PDB              4 
_cell.pdbx_unique_axis   ? 
# 
_symmetry.entry_id                         1I2H 
_symmetry.space_group_name_H-M             'P 21 21 2' 
_symmetry.pdbx_full_space_group_name_H-M   ? 
_symmetry.cell_setting                     ? 
_symmetry.Int_Tables_number                18 
# 
loop_
_entity.id 
_entity.type 
_entity.src_method 
_entity.pdbx_description 
_entity.formula_weight 
_entity.pdbx_number_of_molecules 
_entity.pdbx_ec 
_entity.pdbx_mutation 
_entity.pdbx_fragment 
_entity.details 
1 polymer man 'PSD-ZIP45(HOMER-1C/VESL-1L)' 18823.729 1   ? ? 'N-TERMINAL CONSERVED HOMER 1 REGION (CH1 DOMAIN)' ? 
2 water   nat water                         18.015    114 ? ? ?                                                  ? 
# 
_entity_poly.entity_id                      1 
_entity_poly.type                           'polypeptide(L)' 
_entity_poly.nstd_linkage                   no 
_entity_poly.nstd_monomer                   no 
_entity_poly.pdbx_seq_one_letter_code       
;GSPEFMGEQPIFSTRAHVFQIDPNTKKNWVPTSKHAVTVSYFYDSTRNVYRIISLDGSKAIINSTITPNMTFTKTSQKFG
QWADSRANTVYGLGFSSEHHLSKFAEKFQEFKEAARLAKEKSQEKMELTSTPSQESAGGDLQSPLTPESINGTDDERTPD
VTQNSEPR
;
_entity_poly.pdbx_seq_one_letter_code_can   
;GSPEFMGEQPIFSTRAHVFQIDPNTKKNWVPTSKHAVTVSYFYDSTRNVYRIISLDGSKAIINSTITPNMTFTKTSQKFG
QWADSRANTVYGLGFSSEHHLSKFAEKFQEFKEAARLAKEKSQEKMELTSTPSQESAGGDLQSPLTPESINGTDDERTPD
VTQNSEPR
;
_entity_poly.pdbx_strand_id                 A 
_entity_poly.pdbx_target_identifier         ? 
# 
loop_
_entity_poly_seq.entity_id 
_entity_poly_seq.num 
_entity_poly_seq.mon_id 
_entity_poly_seq.hetero 
1 1   GLY n 
1 2   SER n 
1 3   PRO n 
1 4   GLU n 
1 5   PHE n 
1 6   MET n 
1 7   GLY n 
1 8   GLU n 
1 9   GLN n 
1 10  PRO n 
1 11  ILE n 
1 12  PHE n 
1 13  SER n 
1 14  THR n 
1 15  ARG n 
1 16  ALA n 
1 17  HIS n 
1 18  VAL n 
1 19  PHE n 
1 20  GLN n 
1 21  ILE n 
1 22  ASP n 
1 23  PRO n 
1 24  ASN n 
1 25  THR n 
1 26  LYS n 
1 27  LYS n 
1 28  ASN n 
1 29  TRP n 
1 30  VAL n 
1 31  PRO n 
1 32  THR n 
1 33  SER n 
1 34  LYS n 
1 35  HIS n 
1 36  ALA n 
1 37  VAL n 
1 38  THR n 
1 39  VAL n 
1 40  SER n 
1 41  TYR n 
1 42  PHE n 
1 43  TYR n 
1 44  ASP n 
1 45  SER n 
1 46  THR n 
1 47  ARG n 
1 48  ASN n 
1 49  VAL n 
1 50  TYR n 
1 51  ARG n 
1 52  ILE n 
1 53  ILE n 
1 54  SER n 
1 55  LEU n 
1 56  ASP n 
1 57  GLY n 
1 58  SER n 
1 59  LYS n 
1 60  ALA n 
1 61  ILE n 
1 62  ILE n 
1 63  ASN n 
1 64  SER n 
1 65  THR n 
1 66  ILE n 
1 67  THR n 
1 68  PRO n 
1 69  ASN n 
1 70  MET n 
1 71  THR n 
1 72  PHE n 
1 73  THR n 
1 74  LYS n 
1 75  THR n 
1 76  SER n 
1 77  GLN n 
1 78  LYS n 
1 79  PHE n 
1 80  GLY n 
1 81  GLN n 
1 82  TRP n 
1 83  ALA n 
1 84  ASP n 
1 85  SER n 
1 86  ARG n 
1 87  ALA n 
1 88  ASN n 
1 89  THR n 
1 90  VAL n 
1 91  TYR n 
1 92  GLY n 
1 93  LEU n 
1 94  GLY n 
1 95  PHE n 
1 96  SER n 
1 97  SER n 
1 98  GLU n 
1 99  HIS n 
1 100 HIS n 
1 101 LEU n 
1 102 SER n 
1 103 LYS n 
1 104 PHE n 
1 105 ALA n 
1 106 GLU n 
1 107 LYS n 
1 108 PHE n 
1 109 GLN n 
1 110 GLU n 
1 111 PHE n 
1 112 LYS n 
1 113 GLU n 
1 114 ALA n 
1 115 ALA n 
1 116 ARG n 
1 117 LEU n 
1 118 ALA n 
1 119 LYS n 
1 120 GLU n 
1 121 LYS n 
1 122 SER n 
1 123 GLN n 
1 124 GLU n 
1 125 LYS n 
1 126 MET n 
1 127 GLU n 
1 128 LEU n 
1 129 THR n 
1 130 SER n 
1 131 THR n 
1 132 PRO n 
1 133 SER n 
1 134 GLN n 
1 135 GLU n 
1 136 SER n 
1 137 ALA n 
1 138 GLY n 
1 139 GLY n 
1 140 ASP n 
1 141 LEU n 
1 142 GLN n 
1 143 SER n 
1 144 PRO n 
1 145 LEU n 
1 146 THR n 
1 147 PRO n 
1 148 GLU n 
1 149 SER n 
1 150 ILE n 
1 151 ASN n 
1 152 GLY n 
1 153 THR n 
1 154 ASP n 
1 155 ASP n 
1 156 GLU n 
1 157 ARG n 
1 158 THR n 
1 159 PRO n 
1 160 ASP n 
1 161 VAL n 
1 162 THR n 
1 163 GLN n 
1 164 ASN n 
1 165 SER n 
1 166 GLU n 
1 167 PRO n 
1 168 ARG n 
# 
_entity_src_gen.entity_id                          1 
_entity_src_gen.pdbx_src_id                        1 
_entity_src_gen.pdbx_alt_source_flag               sample 
_entity_src_gen.pdbx_seq_type                      ? 
_entity_src_gen.pdbx_beg_seq_num                   ? 
_entity_src_gen.pdbx_end_seq_num                   ? 
_entity_src_gen.gene_src_common_name               'Norway rat' 
_entity_src_gen.gene_src_genus                     Rattus 
_entity_src_gen.pdbx_gene_src_gene                 PSD-ZIP45 
_entity_src_gen.gene_src_species                   ? 
_entity_src_gen.gene_src_strain                    ? 
_entity_src_gen.gene_src_tissue                    ? 
_entity_src_gen.gene_src_tissue_fraction           ? 
_entity_src_gen.gene_src_details                   ? 
_entity_src_gen.pdbx_gene_src_fragment             ? 
_entity_src_gen.pdbx_gene_src_scientific_name      'Rattus norvegicus' 
_entity_src_gen.pdbx_gene_src_ncbi_taxonomy_id     10116 
_entity_src_gen.pdbx_gene_src_variant              ? 
_entity_src_gen.pdbx_gene_src_cell_line            ? 
_entity_src_gen.pdbx_gene_src_atcc                 ? 
_entity_src_gen.pdbx_gene_src_organ                BRAIN 
_entity_src_gen.pdbx_gene_src_organelle            ? 
_entity_src_gen.pdbx_gene_src_cell                 ? 
_entity_src_gen.pdbx_gene_src_cellular_location    ? 
_entity_src_gen.host_org_common_name               ? 
_entity_src_gen.pdbx_host_org_scientific_name      'Escherichia coli BL21(DE3)' 
_entity_src_gen.pdbx_host_org_ncbi_taxonomy_id     469008 
_entity_src_gen.host_org_genus                     Escherichia 
_entity_src_gen.pdbx_host_org_gene                 ? 
_entity_src_gen.pdbx_host_org_organ                ? 
_entity_src_gen.host_org_species                   'Escherichia coli' 
_entity_src_gen.pdbx_host_org_tissue               ? 
_entity_src_gen.pdbx_host_org_tissue_fraction      ? 
_entity_src_gen.pdbx_host_org_strain               'BL21(DE3)' 
_entity_src_gen.pdbx_host_org_variant              ? 
_entity_src_gen.pdbx_host_org_cell_line            ? 
_entity_src_gen.pdbx_host_org_atcc                 ? 
_entity_src_gen.pdbx_host_org_culture_collection   ? 
_entity_src_gen.pdbx_host_org_cell                 ? 
_entity_src_gen.pdbx_host_org_organelle            ? 
_entity_src_gen.pdbx_host_org_cellular_location    ? 
_entity_src_gen.pdbx_host_org_vector_type          PLASMID 
_entity_src_gen.pdbx_host_org_vector               ? 
_entity_src_gen.host_org_details                   ? 
_entity_src_gen.expression_system_id               ? 
_entity_src_gen.plasmid_name                       PGEX-4T-1 
_entity_src_gen.plasmid_details                    ? 
_entity_src_gen.pdbx_description                   ? 
# 
_struct_ref.id                         1 
_struct_ref.db_name                    UNP 
_struct_ref.db_code                    HOME1_RAT 
_struct_ref.entity_id                  1 
_struct_ref.pdbx_seq_one_letter_code   
;MGEQPIFSTRAHVFQIDPNTKKNWVPTSKHAVTVSYFYDSTRNVYRIISLDGSKAIINSTITPNMTFTKTSQKFGQWADS
RANTVYGLGFSSEHHLSKFAEKFQEFKEAARLAKEKSQEKMELTSTPSQESAGGDLQSPLTPESINGTDDERTPDVTQNS
EPR
;
_struct_ref.pdbx_align_begin           1 
_struct_ref.pdbx_db_accession          Q9Z214 
_struct_ref.pdbx_db_isoform            ? 
# 
_struct_ref_seq.align_id                      1 
_struct_ref_seq.ref_id                        1 
_struct_ref_seq.pdbx_PDB_id_code              1I2H 
_struct_ref_seq.pdbx_strand_id                A 
_struct_ref_seq.seq_align_beg                 6 
_struct_ref_seq.pdbx_seq_align_beg_ins_code   ? 
_struct_ref_seq.seq_align_end                 168 
_struct_ref_seq.pdbx_seq_align_end_ins_code   ? 
_struct_ref_seq.pdbx_db_accession             Q9Z214 
_struct_ref_seq.db_align_beg                  1 
_struct_ref_seq.pdbx_db_align_beg_ins_code    ? 
_struct_ref_seq.db_align_end                  163 
_struct_ref_seq.pdbx_db_align_end_ins_code    ? 
_struct_ref_seq.pdbx_auth_seq_align_beg       1001 
_struct_ref_seq.pdbx_auth_seq_align_end       1163 
# 
loop_
_struct_ref_seq_dif.align_id 
_struct_ref_seq_dif.pdbx_pdb_id_code 
_struct_ref_seq_dif.mon_id 
_struct_ref_seq_dif.pdbx_pdb_strand_id 
_struct_ref_seq_dif.seq_num 
_struct_ref_seq_dif.pdbx_pdb_ins_code 
_struct_ref_seq_dif.pdbx_seq_db_name 
_struct_ref_seq_dif.pdbx_seq_db_accession_code 
_struct_ref_seq_dif.db_mon_id 
_struct_ref_seq_dif.pdbx_seq_db_seq_num 
_struct_ref_seq_dif.details 
_struct_ref_seq_dif.pdbx_auth_seq_num 
_struct_ref_seq_dif.pdbx_ordinal 
1 1I2H GLY A 1 ? UNP Q9Z214 ? ? 'SEE REMARK 999' 996  1 
1 1I2H SER A 2 ? UNP Q9Z214 ? ? 'SEE REMARK 999' 997  2 
1 1I2H PRO A 3 ? UNP Q9Z214 ? ? 'SEE REMARK 999' 998  3 
1 1I2H GLU A 4 ? UNP Q9Z214 ? ? 'SEE REMARK 999' 999  4 
1 1I2H PHE A 5 ? UNP Q9Z214 ? ? 'SEE REMARK 999' 1000 5 
# 
loop_
_chem_comp.id 
_chem_comp.type 
_chem_comp.mon_nstd_flag 
_chem_comp.name 
_chem_comp.pdbx_synonyms 
_chem_comp.formula 
_chem_comp.formula_weight 
ALA 'L-peptide linking' y ALANINE         ? 'C3 H7 N O2'     89.093  
ARG 'L-peptide linking' y ARGININE        ? 'C6 H15 N4 O2 1' 175.209 
ASN 'L-peptide linking' y ASPARAGINE      ? 'C4 H8 N2 O3'    132.118 
ASP 'L-peptide linking' y 'ASPARTIC ACID' ? 'C4 H7 N O4'     133.103 
GLN 'L-peptide linking' y GLUTAMINE       ? 'C5 H10 N2 O3'   146.144 
GLU 'L-peptide linking' y 'GLUTAMIC ACID' ? 'C5 H9 N O4'     147.129 
GLY 'peptide linking'   y GLYCINE         ? 'C2 H5 N O2'     75.067  
HIS 'L-peptide linking' y HISTIDINE       ? 'C6 H10 N3 O2 1' 156.162 
HOH non-polymer         . WATER           ? 'H2 O'           18.015  
ILE 'L-peptide linking' y ISOLEUCINE      ? 'C6 H13 N O2'    131.173 
LEU 'L-peptide linking' y LEUCINE         ? 'C6 H13 N O2'    131.173 
LYS 'L-peptide linking' y LYSINE          ? 'C6 H15 N2 O2 1' 147.195 
MET 'L-peptide linking' y METHIONINE      ? 'C5 H11 N O2 S'  149.211 
PHE 'L-peptide linking' y PHENYLALANINE   ? 'C9 H11 N O2'    165.189 
PRO 'L-peptide linking' y PROLINE         ? 'C5 H9 N O2'     115.130 
SER 'L-peptide linking' y SERINE          ? 'C3 H7 N O3'     105.093 
THR 'L-peptide linking' y THREONINE       ? 'C4 H9 N O3'     119.119 
TRP 'L-peptide linking' y TRYPTOPHAN      ? 'C11 H12 N2 O2'  204.225 
TYR 'L-peptide linking' y TYROSINE        ? 'C9 H11 N O3'    181.189 
VAL 'L-peptide linking' y VALINE          ? 'C5 H11 N O2'    117.146 
# 
_exptl.entry_id          1I2H 
_exptl.method            'X-RAY DIFFRACTION' 
_exptl.crystals_number   1 
# 
_exptl_crystal.id                    1 
_exptl_crystal.density_meas          ? 
_exptl_crystal.density_Matthews      2.07 
_exptl_crystal.density_percent_sol   40.44 
_exptl_crystal.description           ? 
# 
_exptl_crystal_grow.crystal_id      1 
_exptl_crystal_grow.method          'VAPOR DIFFUSION, HANGING DROP' 
_exptl_crystal_grow.temp            293 
_exptl_crystal_grow.temp_details    ? 
_exptl_crystal_grow.pH              6.5 
_exptl_crystal_grow.pdbx_details    'sodium citrate, pH 6.5, VAPOR DIFFUSION, HANGING DROP, temperature 293K' 
_exptl_crystal_grow.pdbx_pH_range   . 
# 
_diffrn.id                     1 
_diffrn.ambient_temp           100 
_diffrn.ambient_temp_details   ? 
_diffrn.crystal_id             1 
# 
_diffrn_detector.diffrn_id              1 
_diffrn_detector.detector               'IMAGE PLATE' 
_diffrn_detector.type                   'RIGAKU RAXIS V' 
_diffrn_detector.pdbx_collection_date   2000-11-01 
_diffrn_detector.details                ? 
# 
_diffrn_radiation.diffrn_id                        1 
_diffrn_radiation.wavelength_id                    1 
_diffrn_radiation.pdbx_monochromatic_or_laue_m_l   M 
_diffrn_radiation.monochromator                    'YALE MIRRORS' 
_diffrn_radiation.pdbx_diffrn_protocol             'SINGLE WAVELENGTH' 
_diffrn_radiation.pdbx_scattering_type             x-ray 
# 
_diffrn_radiation_wavelength.id           1 
_diffrn_radiation_wavelength.wavelength   1.02 
_diffrn_radiation_wavelength.wt           1.0 
# 
_diffrn_source.diffrn_id                   1 
_diffrn_source.source                      SYNCHROTRON 
_diffrn_source.type                        'SPRING-8 BEAMLINE BL45XU' 
_diffrn_source.pdbx_synchrotron_site       SPring-8 
_diffrn_source.pdbx_synchrotron_beamline   BL45XU 
_diffrn_source.pdbx_wavelength             ? 
_diffrn_source.pdbx_wavelength_list        1.02 
# 
_reflns.entry_id                     1I2H 
_reflns.observed_criterion_sigma_I   1.0 
_reflns.observed_criterion_sigma_F   1.0 
_reflns.d_resolution_low             200 
_reflns.d_resolution_high            1.800 
_reflns.number_obs                   14936 
_reflns.number_all                   15030 
_reflns.percent_possible_obs         99.4 
_reflns.pdbx_Rmerge_I_obs            0.0660000 
_reflns.pdbx_Rsym_value              ? 
_reflns.pdbx_netI_over_sigmaI        15.0 
_reflns.B_iso_Wilson_estimate        26.7 
_reflns.pdbx_redundancy              3.4 
_reflns.R_free_details               ? 
_reflns.limit_h_max                  ? 
_reflns.limit_h_min                  ? 
_reflns.limit_k_max                  ? 
_reflns.limit_k_min                  ? 
_reflns.limit_l_max                  ? 
_reflns.limit_l_min                  ? 
_reflns.observed_criterion_F_max     ? 
_reflns.observed_criterion_F_min     ? 
_reflns.pdbx_diffrn_id               1 
_reflns.pdbx_ordinal                 1 
# 
_reflns_shell.d_res_high             1.80 
_reflns_shell.d_res_low              1.86 
_reflns_shell.percent_possible_all   96.7 
_reflns_shell.Rmerge_I_obs           0.2680000 
_reflns_shell.pdbx_Rsym_value        ? 
_reflns_shell.meanI_over_sigI_obs    ? 
_reflns_shell.pdbx_redundancy        3.26 
_reflns_shell.percent_possible_obs   ? 
_reflns_shell.number_unique_all      ? 
_reflns_shell.pdbx_diffrn_id         ? 
_reflns_shell.pdbx_ordinal           1 
# 
_refine.entry_id                                 1I2H 
_refine.ls_number_reflns_obs                     14936 
_refine.ls_number_reflns_all                     15009 
_refine.pdbx_ls_sigma_I                          0.0 
_refine.pdbx_ls_sigma_F                          0.0 
_refine.pdbx_data_cutoff_high_absF               ? 
_refine.pdbx_data_cutoff_low_absF                ? 
_refine.ls_d_res_low                             19.090 
_refine.ls_d_res_high                            1.8 
_refine.ls_percent_reflns_obs                    99.5 
_refine.ls_R_factor_obs                          0.2230000 
_refine.ls_R_factor_all                          0.2240000 
_refine.ls_R_factor_R_work                       0.1950000 
_refine.ls_R_factor_R_free                       0.2180000 
_refine.ls_R_factor_R_free_error                 ? 
_refine.ls_R_factor_R_free_error_details         ? 
_refine.ls_percent_reflns_R_free                 ? 
_refine.ls_number_reflns_R_free                  753 
_refine.ls_number_parameters                     ? 
_refine.ls_number_restraints                     ? 
_refine.occupancy_min                            ? 
_refine.occupancy_max                            ? 
_refine.B_iso_mean                               ? 
_refine.aniso_B[1][1]                            ? 
_refine.aniso_B[2][2]                            ? 
_refine.aniso_B[3][3]                            ? 
_refine.aniso_B[1][2]                            ? 
_refine.aniso_B[1][3]                            ? 
_refine.aniso_B[2][3]                            ? 
_refine.solvent_model_details                    ? 
_refine.solvent_model_param_ksol                 ? 
_refine.solvent_model_param_bsol                 ? 
_refine.pdbx_ls_cross_valid_method               ? 
_refine.details                                  ? 
_refine.pdbx_starting_model                      'PDB ENTRY 1DDW' 
_refine.pdbx_method_to_determine_struct          'MOLECULAR REPLACEMENT' 
_refine.pdbx_isotropic_thermal_model             ? 
_refine.pdbx_stereochemistry_target_values       'Engh & Huber' 
_refine.pdbx_stereochem_target_val_spec_case     ? 
_refine.pdbx_R_Free_selection_details            RANDOM 
_refine.pdbx_overall_ESU_R_Free                  ? 
_refine.overall_SU_B                             ? 
_refine.ls_redundancy_reflns_obs                 ? 
_refine.B_iso_min                                ? 
_refine.B_iso_max                                ? 
_refine.correlation_coeff_Fo_to_Fc               ? 
_refine.overall_SU_R_Cruickshank_DPI             ? 
_refine.overall_SU_R_free                        ? 
_refine.overall_SU_ML                            ? 
_refine.pdbx_overall_ESU_R                       ? 
_refine.pdbx_data_cutoff_high_rms_absF           ? 
_refine.correlation_coeff_Fo_to_Fc_free          ? 
_refine.pdbx_solvent_vdw_probe_radii             ? 
_refine.pdbx_solvent_ion_probe_radii             ? 
_refine.pdbx_solvent_shrinkage_radii             ? 
_refine.pdbx_refine_id                           'X-RAY DIFFRACTION' 
_refine.pdbx_diffrn_id                           1 
_refine.pdbx_TLS_residual_ADP_flag               ? 
_refine.pdbx_overall_phase_error                 ? 
_refine.pdbx_overall_SU_R_free_Cruickshank_DPI   ? 
_refine.pdbx_overall_SU_R_Blow_DPI               ? 
_refine.pdbx_overall_SU_R_free_Blow_DPI          ? 
# 
_refine_hist.pdbx_refine_id                   'X-RAY DIFFRACTION' 
_refine_hist.cycle_id                         LAST 
_refine_hist.pdbx_number_atoms_protein        1056 
_refine_hist.pdbx_number_atoms_nucleic_acid   0 
_refine_hist.pdbx_number_atoms_ligand         0 
_refine_hist.number_atoms_solvent             114 
_refine_hist.number_atoms_total               1170 
_refine_hist.d_res_high                       1.8 
_refine_hist.d_res_low                        19.090 
# 
_refine_ls_shell.pdbx_total_number_of_bins_used   ? 
_refine_ls_shell.d_res_high                       1.8 
_refine_ls_shell.d_res_low                        1.885 
_refine_ls_shell.number_reflns_R_work             ? 
_refine_ls_shell.R_factor_R_work                  0.2400000 
_refine_ls_shell.percent_reflns_obs               ? 
_refine_ls_shell.R_factor_R_free                  0.2700000 
_refine_ls_shell.R_factor_R_free_error            ? 
_refine_ls_shell.percent_reflns_R_free            ? 
_refine_ls_shell.number_reflns_R_free             94 
_refine_ls_shell.number_reflns_obs                1758 
_refine_ls_shell.redundancy_reflns_obs            ? 
_refine_ls_shell.number_reflns_all                ? 
_refine_ls_shell.pdbx_refine_id                   'X-RAY DIFFRACTION' 
_refine_ls_shell.R_factor_all                     ? 
# 
_struct.entry_id                  1I2H 
_struct.title                     'CRYSTAL STRUCTURE ANALYSIS OF PSD-ZIP45(HOMER1C/VESL-1L)CONSERVED HOMER 1 DOMAIN' 
_struct.pdbx_model_details        ? 
_struct.pdbx_CASP_flag            ? 
_struct.pdbx_model_type_details   ? 
# 
_struct_keywords.entry_id        1I2H 
_struct_keywords.pdbx_keywords   'SIGNALING PROTEIN' 
_struct_keywords.text            'ENABLED VASP HOMOLOGY 1 domain, SIGNALING PROTEIN' 
# 
loop_
_struct_asym.id 
_struct_asym.pdbx_blank_PDB_chainid_flag 
_struct_asym.pdbx_modified 
_struct_asym.entity_id 
_struct_asym.details 
A N N 1 ? 
B N N 2 ? 
# 
_struct_biol.id                    1 
_struct_biol.pdbx_parent_biol_id   ? 
_struct_biol.details               ? 
# 
_struct_conf.conf_type_id            HELX_P 
_struct_conf.id                      HELX_P1 
_struct_conf.pdbx_PDB_helix_id       1 
_struct_conf.beg_label_comp_id       SER 
_struct_conf.beg_label_asym_id       A 
_struct_conf.beg_label_seq_id        97 
_struct_conf.pdbx_beg_PDB_ins_code   ? 
_struct_conf.end_label_comp_id       SER 
_struct_conf.end_label_asym_id       A 
_struct_conf.end_label_seq_id        122 
_struct_conf.pdbx_end_PDB_ins_code   ? 
_struct_conf.beg_auth_comp_id        SER 
_struct_conf.beg_auth_asym_id        A 
_struct_conf.beg_auth_seq_id         1092 
_struct_conf.end_auth_comp_id        SER 
_struct_conf.end_auth_asym_id        A 
_struct_conf.end_auth_seq_id         1117 
_struct_conf.pdbx_PDB_helix_class    1 
_struct_conf.details                 ? 
_struct_conf.pdbx_PDB_helix_length   26 
# 
_struct_conf_type.id          HELX_P 
_struct_conf_type.criteria    ? 
_struct_conf_type.reference   ? 
# 
loop_
_struct_sheet.id 
_struct_sheet.type 
_struct_sheet.number_strands 
_struct_sheet.details 
A ? 5 ? 
B ? 7 ? 
# 
loop_
_struct_sheet_order.sheet_id 
_struct_sheet_order.range_id_1 
_struct_sheet_order.range_id_2 
_struct_sheet_order.offset 
_struct_sheet_order.sense 
A 1 2 ? anti-parallel 
A 2 3 ? anti-parallel 
A 3 4 ? anti-parallel 
A 4 5 ? anti-parallel 
B 1 2 ? anti-parallel 
B 2 3 ? anti-parallel 
B 3 4 ? anti-parallel 
B 4 5 ? anti-parallel 
B 5 6 ? anti-parallel 
B 6 7 ? anti-parallel 
# 
loop_
_struct_sheet_range.sheet_id 
_struct_sheet_range.id 
_struct_sheet_range.beg_label_comp_id 
_struct_sheet_range.beg_label_asym_id 
_struct_sheet_range.beg_label_seq_id 
_struct_sheet_range.pdbx_beg_PDB_ins_code 
_struct_sheet_range.end_label_comp_id 
_struct_sheet_range.end_label_asym_id 
_struct_sheet_range.end_label_seq_id 
_struct_sheet_range.pdbx_end_PDB_ins_code 
_struct_sheet_range.beg_auth_comp_id 
_struct_sheet_range.beg_auth_asym_id 
_struct_sheet_range.beg_auth_seq_id 
_struct_sheet_range.end_auth_comp_id 
_struct_sheet_range.end_auth_asym_id 
_struct_sheet_range.end_auth_seq_id 
A 1 LYS A 59 ? THR A 65 ? LYS A 1054 THR A 1060 
A 2 VAL A 49 ? ASP A 56 ? VAL A 1044 ASP A 1051 
A 3 VAL A 37 ? ASP A 44 ? VAL A 1032 ASP A 1039 
A 4 PHE A 12 ? ILE A 21 ? PHE A 1007 ILE A 1016 
A 5 VAL A 30 ? PRO A 31 ? VAL A 1025 PRO A 1026 
B 1 LYS A 59 ? THR A 65 ? LYS A 1054 THR A 1060 
B 2 VAL A 49 ? ASP A 56 ? VAL A 1044 ASP A 1051 
B 3 VAL A 37 ? ASP A 44 ? VAL A 1032 ASP A 1039 
B 4 PHE A 12 ? ILE A 21 ? PHE A 1007 ILE A 1016 
B 5 THR A 89 ? PHE A 95 ? THR A 1084 PHE A 1090 
B 6 PHE A 79 ? ASP A 84 ? PHE A 1074 ASP A 1079 
B 7 PHE A 72 ? SER A 76 ? PHE A 1067 SER A 1071 
# 
loop_
_pdbx_struct_sheet_hbond.sheet_id 
_pdbx_struct_sheet_hbond.range_id_1 
_pdbx_struct_sheet_hbond.range_id_2 
_pdbx_struct_sheet_hbond.range_1_label_atom_id 
_pdbx_struct_sheet_hbond.range_1_label_comp_id 
_pdbx_struct_sheet_hbond.range_1_label_asym_id 
_pdbx_struct_sheet_hbond.range_1_label_seq_id 
_pdbx_struct_sheet_hbond.range_1_PDB_ins_code 
_pdbx_struct_sheet_hbond.range_1_auth_atom_id 
_pdbx_struct_sheet_hbond.range_1_auth_comp_id 
_pdbx_struct_sheet_hbond.range_1_auth_asym_id 
_pdbx_struct_sheet_hbond.range_1_auth_seq_id 
_pdbx_struct_sheet_hbond.range_2_label_atom_id 
_pdbx_struct_sheet_hbond.range_2_label_comp_id 
_pdbx_struct_sheet_hbond.range_2_label_asym_id 
_pdbx_struct_sheet_hbond.range_2_label_seq_id 
_pdbx_struct_sheet_hbond.range_2_PDB_ins_code 
_pdbx_struct_sheet_hbond.range_2_auth_atom_id 
_pdbx_struct_sheet_hbond.range_2_auth_comp_id 
_pdbx_struct_sheet_hbond.range_2_auth_asym_id 
_pdbx_struct_sheet_hbond.range_2_auth_seq_id 
A 1 2 O SER A 64 ? O SER A 1059 N ILE A 52 ? N ILE A 1047 
A 2 3 N LEU A 55 ? N LEU A 1050 O THR A 38 ? O THR A 1033 
A 3 4 N TYR A 41 ? N TYR A 1036 O PHE A 12 ? O PHE A 1007 
A 4 5 N GLN A 20 ? N GLN A 1015 O VAL A 30 ? O VAL A 1025 
B 1 2 O SER A 64 ? O SER A 1059 N ILE A 52 ? N ILE A 1047 
B 2 3 N LEU A 55 ? N LEU A 1050 O THR A 38 ? O THR A 1033 
B 3 4 N TYR A 41 ? N TYR A 1036 O PHE A 12 ? O PHE A 1007 
B 4 5 N ILE A 21 ? N ILE A 1016 O VAL A 90 ? O VAL A 1085 
B 5 6 N LEU A 93 ? N LEU A 1088 O GLY A 80 ? O GLY A 1075 
B 6 7 O GLN A 81 ? O GLN A 1076 N THR A 73 ? N THR A 1068 
# 
_atom_sites.entry_id                    1I2H 
_atom_sites.fract_transf_matrix[1][1]   -0.01233740 
_atom_sites.fract_transf_matrix[1][2]   -0.00109818 
_atom_sites.fract_transf_matrix[1][3]   0.01319271 
_atom_sites.fract_transf_matrix[2][1]   -0.00608083 
_atom_sites.fract_transf_matrix[2][2]   -0.01082325 
_atom_sites.fract_transf_matrix[2][3]   -0.00658754 
_atom_sites.fract_transf_matrix[3][1]   0.01490955 
_atom_sites.fract_transf_matrix[3][2]   -0.01604981 
_atom_sites.fract_transf_matrix[3][3]   0.01260692 
_atom_sites.fract_transf_vector[1]      0.459833 
_atom_sites.fract_transf_vector[2]      0.137270 
_atom_sites.fract_transf_vector[3]      0.062933 
# 
loop_
_atom_type.symbol 
C 
N 
O 
S 
# 
loop_
_atom_site.group_PDB 
_atom_site.id 
_atom_site.type_symbol 
_atom_site.label_atom_id 
_atom_site.label_alt_id 
_atom_site.label_comp_id 
_atom_site.label_asym_id 
_atom_site.label_entity_id 
_atom_site.label_seq_id 
_atom_site.pdbx_PDB_ins_code 
_atom_site.Cartn_x 
_atom_site.Cartn_y 
_atom_site.Cartn_z 
_atom_site.occupancy 
_atom_site.B_iso_or_equiv 
_atom_site.pdbx_formal_charge 
_atom_site.auth_seq_id 
_atom_site.auth_comp_id 
_atom_site.auth_asym_id 
_atom_site.auth_atom_id 
_atom_site.pdbx_PDB_model_num 
ATOM   1    N N   . GLU A 1 4   ? -4.680  6.632   -19.901 1.00 51.11 ? 999  GLU A N   1 
ATOM   2    C CA  . GLU A 1 4   ? -3.824  5.762   -19.046 1.00 50.71 ? 999  GLU A CA  1 
ATOM   3    C C   . GLU A 1 4   ? -2.676  6.544   -18.420 1.00 48.42 ? 999  GLU A C   1 
ATOM   4    O O   . GLU A 1 4   ? -2.772  7.758   -18.237 1.00 48.74 ? 999  GLU A O   1 
ATOM   5    C CB  . GLU A 1 4   ? -3.336  4.536   -19.813 1.00 52.99 ? 999  GLU A CB  1 
ATOM   6    C CG  . GLU A 1 4   ? -3.085  4.749   -21.294 1.00 56.07 ? 999  GLU A CG  1 
ATOM   7    C CD  . GLU A 1 4   ? -2.242  3.670   -21.939 1.00 58.49 ? 999  GLU A CD  1 
ATOM   8    O OE1 . GLU A 1 4   ? -1.590  2.887   -21.217 1.00 59.32 ? 999  GLU A OE1 1 
ATOM   9    O OE2 . GLU A 1 4   ? -2.221  3.604   -23.187 1.00 59.85 ? 999  GLU A OE2 1 
ATOM   10   N N   . PHE A 1 5   ? -1.604  5.853   -18.050 1.00 45.99 ? 1000 PHE A N   1 
ATOM   11   C CA  . PHE A 1 5   ? -0.438  6.483   -17.444 1.00 43.26 ? 1000 PHE A CA  1 
ATOM   12   C C   . PHE A 1 5   ? 0.751   6.480   -18.397 1.00 43.93 ? 1000 PHE A C   1 
ATOM   13   O O   . PHE A 1 5   ? 0.835   5.630   -19.285 1.00 43.44 ? 1000 PHE A O   1 
ATOM   14   C CB  . PHE A 1 5   ? -0.073  5.761   -16.138 1.00 42.34 ? 1000 PHE A CB  1 
ATOM   15   C CG  . PHE A 1 5   ? -1.116  5.901   -15.064 1.00 39.74 ? 1000 PHE A CG  1 
ATOM   16   C CD1 . PHE A 1 5   ? -2.108  4.946   -14.918 1.00 39.72 ? 1000 PHE A CD1 1 
ATOM   17   C CD2 . PHE A 1 5   ? -1.112  6.992   -14.211 1.00 39.29 ? 1000 PHE A CD2 1 
ATOM   18   C CE1 . PHE A 1 5   ? -3.077  5.075   -13.941 1.00 38.57 ? 1000 PHE A CE1 1 
ATOM   19   C CE2 . PHE A 1 5   ? -2.078  7.127   -13.232 1.00 38.53 ? 1000 PHE A CE2 1 
ATOM   20   C CZ  . PHE A 1 5   ? -3.061  6.168   -13.097 1.00 38.12 ? 1000 PHE A CZ  1 
ATOM   21   N N   . MET A 1 6   ? 1.666   7.431   -18.232 1.00 43.78 ? 1001 MET A N   1 
ATOM   22   C CA  . MET A 1 6   ? 2.929   7.418   -18.965 1.00 44.46 ? 1001 MET A CA  1 
ATOM   23   C C   . MET A 1 6   ? 4.015   6.737   -18.137 1.00 43.52 ? 1001 MET A C   1 
ATOM   24   O O   . MET A 1 6   ? 3.911   6.704   -16.911 1.00 43.76 ? 1001 MET A O   1 
ATOM   25   C CB  . MET A 1 6   ? 3.371   8.837   -19.318 1.00 45.73 ? 1001 MET A CB  1 
ATOM   26   C CG  . MET A 1 6   ? 2.365   9.639   -20.129 1.00 48.05 ? 1001 MET A CG  1 
ATOM   27   S SD  . MET A 1 6   ? 2.914   11.329  -20.435 1.00 51.59 ? 1001 MET A SD  1 
ATOM   28   N N   . GLY A 1 7   ? 5.049   6.210   -18.780 1.00 42.58 ? 1002 GLY A N   1 
ATOM   29   C CA  . GLY A 1 7   ? 6.154   5.583   -18.061 1.00 40.16 ? 1002 GLY A CA  1 
ATOM   30   C C   . GLY A 1 7   ? 5.764   4.239   -17.460 1.00 36.99 ? 1002 GLY A C   1 
ATOM   31   O O   . GLY A 1 7   ? 5.104   3.426   -18.108 1.00 38.54 ? 1002 GLY A O   1 
ATOM   32   N N   . GLU A 1 8   ? 6.176   4.000   -16.217 1.00 33.22 ? 1003 GLU A N   1 
ATOM   33   C CA  . GLU A 1 8   ? 5.995   2.695   -15.585 1.00 30.45 ? 1003 GLU A CA  1 
ATOM   34   C C   . GLU A 1 8   ? 4.517   2.399   -15.366 1.00 29.91 ? 1003 GLU A C   1 
ATOM   35   O O   . GLU A 1 8   ? 3.842   3.140   -14.652 1.00 28.01 ? 1003 GLU A O   1 
ATOM   36   C CB  . GLU A 1 8   ? 6.748   2.622   -14.256 1.00 30.50 ? 1003 GLU A CB  1 
ATOM   37   C CG  . GLU A 1 8   ? 8.253   2.777   -14.383 1.00 29.73 ? 1003 GLU A CG  1 
ATOM   38   C CD  . GLU A 1 8   ? 8.993   2.470   -13.097 1.00 28.74 ? 1003 GLU A CD  1 
ATOM   39   O OE1 . GLU A 1 8   ? 8.568   1.557   -12.359 1.00 30.02 ? 1003 GLU A OE1 1 
ATOM   40   O OE2 . GLU A 1 8   ? 10.011  3.141   -12.822 1.00 31.24 ? 1003 GLU A OE2 1 
ATOM   41   N N   . GLN A 1 9   ? 4.019   1.326   -15.972 1.00 26.20 ? 1004 GLN A N   1 
ATOM   42   C CA  . GLN A 1 9   ? 2.601   1.004   -15.870 1.00 27.87 ? 1004 GLN A CA  1 
ATOM   43   C C   . GLN A 1 9   ? 2.271   0.354   -14.530 1.00 26.00 ? 1004 GLN A C   1 
ATOM   44   O O   . GLN A 1 9   ? 3.007   -0.489  -14.025 1.00 25.93 ? 1004 GLN A O   1 
ATOM   45   C CB  . GLN A 1 9   ? 2.150   0.102   -17.018 1.00 31.53 ? 1004 GLN A CB  1 
ATOM   46   C CG  . GLN A 1 9   ? 2.030   0.779   -18.371 1.00 35.13 ? 1004 GLN A CG  1 
ATOM   47   C CD  . GLN A 1 9   ? 1.098   1.974   -18.354 1.00 37.42 ? 1004 GLN A CD  1 
ATOM   48   O OE1 . GLN A 1 9   ? -0.036  1.887   -17.882 1.00 40.47 ? 1004 GLN A OE1 1 
ATOM   49   N NE2 . GLN A 1 9   ? 1.580   3.103   -18.859 1.00 38.55 ? 1004 GLN A NE2 1 
ATOM   50   N N   . PRO A 1 10  ? 1.151   0.768   -13.946 1.00 25.59 ? 1005 PRO A N   1 
ATOM   51   C CA  . PRO A 1 10  ? 0.565   0.075   -12.811 1.00 25.46 ? 1005 PRO A CA  1 
ATOM   52   C C   . PRO A 1 10  ? 0.094   -1.316  -13.208 1.00 25.52 ? 1005 PRO A C   1 
ATOM   53   O O   . PRO A 1 10  ? -0.014  -1.618  -14.399 1.00 25.82 ? 1005 PRO A O   1 
ATOM   54   C CB  . PRO A 1 10  ? -0.586  0.969   -12.383 1.00 24.90 ? 1005 PRO A CB  1 
ATOM   55   C CG  . PRO A 1 10  ? -0.951  1.757   -13.589 1.00 25.78 ? 1005 PRO A CG  1 
ATOM   56   C CD  . PRO A 1 10  ? 0.297   1.886   -14.414 1.00 25.91 ? 1005 PRO A CD  1 
ATOM   57   N N   . ILE A 1 11  ? -0.178  -2.164  -12.225 1.00 24.85 ? 1006 ILE A N   1 
ATOM   58   C CA  . ILE A 1 11  ? -0.600  -3.536  -12.498 1.00 25.05 ? 1006 ILE A CA  1 
ATOM   59   C C   . ILE A 1 11  ? -2.114  -3.610  -12.655 1.00 25.22 ? 1006 ILE A C   1 
ATOM   60   O O   . ILE A 1 11  ? -2.635  -4.345  -13.493 1.00 23.69 ? 1006 ILE A O   1 
ATOM   61   C CB  . ILE A 1 11  ? -0.130  -4.491  -11.386 1.00 24.39 ? 1006 ILE A CB  1 
ATOM   62   C CG1 . ILE A 1 11  ? 1.393   -4.398  -11.228 1.00 23.53 ? 1006 ILE A CG1 1 
ATOM   63   C CG2 . ILE A 1 11  ? -0.551  -5.924  -11.682 1.00 24.56 ? 1006 ILE A CG2 1 
ATOM   64   C CD1 . ILE A 1 11  ? 1.940   -5.079  -9.993  1.00 24.60 ? 1006 ILE A CD1 1 
ATOM   65   N N   . PHE A 1 12  ? -2.819  -2.835  -11.841 1.00 22.21 ? 1007 PHE A N   1 
ATOM   66   C CA  . PHE A 1 12  ? -4.277  -2.821  -11.847 1.00 21.58 ? 1007 PHE A CA  1 
ATOM   67   C C   . PHE A 1 12  ? -4.779  -1.429  -11.472 1.00 23.73 ? 1007 PHE A C   1 
ATOM   68   O O   . PHE A 1 12  ? -4.291  -0.824  -10.518 1.00 24.00 ? 1007 PHE A O   1 
ATOM   69   C CB  . PHE A 1 12  ? -4.838  -3.864  -10.886 1.00 23.29 ? 1007 PHE A CB  1 
ATOM   70   C CG  . PHE A 1 12  ? -6.334  -3.912  -10.779 1.00 23.87 ? 1007 PHE A CG  1 
ATOM   71   C CD1 . PHE A 1 12  ? -7.081  -4.698  -11.639 1.00 25.90 ? 1007 PHE A CD1 1 
ATOM   72   C CD2 . PHE A 1 12  ? -6.998  -3.178  -9.809  1.00 25.72 ? 1007 PHE A CD2 1 
ATOM   73   C CE1 . PHE A 1 12  ? -8.458  -4.749  -11.539 1.00 26.94 ? 1007 PHE A CE1 1 
ATOM   74   C CE2 . PHE A 1 12  ? -8.374  -3.222  -9.704  1.00 26.54 ? 1007 PHE A CE2 1 
ATOM   75   C CZ  . PHE A 1 12  ? -9.105  -4.010  -10.570 1.00 26.33 ? 1007 PHE A CZ  1 
ATOM   76   N N   . SER A 1 13  ? -5.745  -0.931  -12.234 1.00 24.21 ? 1008 SER A N   1 
ATOM   77   C CA  . SER A 1 13  ? -6.329  0.374   -11.963 1.00 23.74 ? 1008 SER A CA  1 
ATOM   78   C C   . SER A 1 13  ? -7.853  0.298   -11.957 1.00 25.16 ? 1008 SER A C   1 
ATOM   79   O O   . SER A 1 13  ? -8.450  -0.503  -12.673 1.00 25.33 ? 1008 SER A O   1 
ATOM   80   C CB  . SER A 1 13  ? -5.874  1.404   -12.999 1.00 24.41 ? 1008 SER A CB  1 
ATOM   81   O OG  . SER A 1 13  ? -4.472  1.591   -12.979 1.00 25.51 ? 1008 SER A OG  1 
ATOM   82   N N   . THR A 1 14  ? -8.468  1.149   -11.145 1.00 23.89 ? 1009 THR A N   1 
ATOM   83   C CA  . THR A 1 14  ? -9.922  1.244   -11.097 1.00 24.88 ? 1009 THR A CA  1 
ATOM   84   C C   . THR A 1 14  ? -10.347 2.688   -10.852 1.00 25.21 ? 1009 THR A C   1 
ATOM   85   O O   . THR A 1 14  ? -9.505  3.557   -10.625 1.00 26.18 ? 1009 THR A O   1 
ATOM   86   C CB  . THR A 1 14  ? -10.522 0.324   -10.021 1.00 25.72 ? 1009 THR A CB  1 
ATOM   87   O OG1 . THR A 1 14  ? -11.954 0.429   -10.039 1.00 27.89 ? 1009 THR A OG1 1 
ATOM   88   C CG2 . THR A 1 14  ? -10.011 0.694   -8.636  1.00 26.34 ? 1009 THR A CG2 1 
ATOM   89   N N   . ARG A 1 15  ? -11.648 2.939   -10.919 1.00 22.12 ? 1010 ARG A N   1 
ATOM   90   C CA  . ARG A 1 15  ? -12.183 4.269   -10.655 1.00 24.12 ? 1010 ARG A CA  1 
ATOM   91   C C   . ARG A 1 15  ? -12.992 4.261   -9.361  1.00 22.44 ? 1010 ARG A C   1 
ATOM   92   O O   . ARG A 1 15  ? -13.795 3.352   -9.142  1.00 23.66 ? 1010 ARG A O   1 
ATOM   93   C CB  . ARG A 1 15  ? -13.054 4.746   -11.816 1.00 26.19 ? 1010 ARG A CB  1 
ATOM   94   C CG  . ARG A 1 15  ? -12.328 4.887   -13.142 1.00 31.70 ? 1010 ARG A CG  1 
ATOM   95   C CD  . ARG A 1 15  ? -11.425 6.110   -13.167 1.00 32.91 ? 1010 ARG A CD  1 
ATOM   96   N NE  . ARG A 1 15  ? -12.179 7.345   -13.337 1.00 35.59 ? 1010 ARG A NE  1 
ATOM   97   C CZ  . ARG A 1 15  ? -11.659 8.563   -13.394 1.00 36.20 ? 1010 ARG A CZ  1 
ATOM   98   N NH1 . ARG A 1 15  ? -10.349 8.750   -13.290 1.00 36.37 ? 1010 ARG A NH1 1 
ATOM   99   N NH2 . ARG A 1 15  ? -12.455 9.615   -13.554 1.00 36.83 ? 1010 ARG A NH2 1 
ATOM   100  N N   . ALA A 1 16  ? -12.777 5.263   -8.515  1.00 22.27 ? 1011 ALA A N   1 
ATOM   101  C CA  . ALA A 1 16  ? -13.519 5.352   -7.263  1.00 21.66 ? 1011 ALA A CA  1 
ATOM   102  C C   . ALA A 1 16  ? -13.483 6.761   -6.680  1.00 24.15 ? 1011 ALA A C   1 
ATOM   103  O O   . ALA A 1 16  ? -12.563 7.535   -6.937  1.00 24.25 ? 1011 ALA A O   1 
ATOM   104  C CB  . ALA A 1 16  ? -12.962 4.356   -6.254  1.00 21.21 ? 1011 ALA A CB  1 
ATOM   105  N N   . HIS A 1 17  ? -14.516 7.098   -5.912  1.00 22.27 ? 1012 HIS A N   1 
ATOM   106  C CA  . HIS A 1 17  ? -14.463 8.279   -5.053  1.00 23.42 ? 1012 HIS A CA  1 
ATOM   107  C C   . HIS A 1 17  ? -13.630 7.947   -3.818  1.00 21.99 ? 1012 HIS A C   1 
ATOM   108  O O   . HIS A 1 17  ? -13.800 6.876   -3.234  1.00 21.98 ? 1012 HIS A O   1 
ATOM   109  C CB  . HIS A 1 17  ? -15.857 8.739   -4.648  1.00 24.44 ? 1012 HIS A CB  1 
ATOM   110  C CG  . HIS A 1 17  ? -16.605 9.496   -5.699  1.00 27.26 ? 1012 HIS A CG  1 
ATOM   111  N ND1 . HIS A 1 17  ? -17.172 8.895   -6.800  1.00 29.58 ? 1012 HIS A ND1 1 
ATOM   112  C CD2 . HIS A 1 17  ? -16.886 10.817  -5.807  1.00 28.64 ? 1012 HIS A CD2 1 
ATOM   113  C CE1 . HIS A 1 17  ? -17.765 9.809   -7.545  1.00 29.13 ? 1012 HIS A CE1 1 
ATOM   114  N NE2 . HIS A 1 17  ? -17.605 10.986  -6.965  1.00 29.01 ? 1012 HIS A NE2 1 
ATOM   115  N N   . VAL A 1 18  ? -12.724 8.846   -3.451  1.00 19.04 ? 1013 VAL A N   1 
ATOM   116  C CA  . VAL A 1 18  ? -11.828 8.583   -2.330  1.00 18.19 ? 1013 VAL A CA  1 
ATOM   117  C C   . VAL A 1 18  ? -12.293 9.311   -1.076  1.00 18.17 ? 1013 VAL A C   1 
ATOM   118  O O   . VAL A 1 18  ? -12.709 10.466  -1.101  1.00 20.46 ? 1013 VAL A O   1 
ATOM   119  C CB  . VAL A 1 18  ? -10.373 8.965   -2.651  1.00 17.58 ? 1013 VAL A CB  1 
ATOM   120  C CG1 . VAL A 1 18  ? -9.452  8.696   -1.468  1.00 17.39 ? 1013 VAL A CG1 1 
ATOM   121  C CG2 . VAL A 1 18  ? -9.876  8.204   -3.873  1.00 17.04 ? 1013 VAL A CG2 1 
ATOM   122  N N   . PHE A 1 19  ? -12.287 8.586   0.037   1.00 17.71 ? 1014 PHE A N   1 
ATOM   123  C CA  . PHE A 1 19  ? -12.665 9.102   1.343   1.00 17.73 ? 1014 PHE A CA  1 
ATOM   124  C C   . PHE A 1 19  ? -11.574 8.746   2.357   1.00 16.61 ? 1014 PHE A C   1 
ATOM   125  O O   . PHE A 1 19  ? -10.806 7.814   2.104   1.00 17.62 ? 1014 PHE A O   1 
ATOM   126  C CB  . PHE A 1 19  ? -13.988 8.505   1.825   1.00 18.82 ? 1014 PHE A CB  1 
ATOM   127  C CG  . PHE A 1 19  ? -15.206 8.811   1.003   1.00 20.09 ? 1014 PHE A CG  1 
ATOM   128  C CD1 . PHE A 1 19  ? -15.520 8.047   -0.110  1.00 21.82 ? 1014 PHE A CD1 1 
ATOM   129  C CD2 . PHE A 1 19  ? -16.046 9.861   1.338   1.00 23.12 ? 1014 PHE A CD2 1 
ATOM   130  C CE1 . PHE A 1 19  ? -16.634 8.325   -0.879  1.00 23.39 ? 1014 PHE A CE1 1 
ATOM   131  C CE2 . PHE A 1 19  ? -17.166 10.143  0.578   1.00 23.62 ? 1014 PHE A CE2 1 
ATOM   132  C CZ  . PHE A 1 19  ? -17.460 9.375   -0.532  1.00 23.91 ? 1014 PHE A CZ  1 
ATOM   133  N N   . GLN A 1 20  ? -11.522 9.451   3.482   1.00 17.51 ? 1015 GLN A N   1 
ATOM   134  C CA  . GLN A 1 20  ? -10.528 9.133   4.503   1.00 18.10 ? 1015 GLN A CA  1 
ATOM   135  C C   . GLN A 1 20  ? -11.019 9.432   5.913   1.00 16.68 ? 1015 GLN A C   1 
ATOM   136  O O   . GLN A 1 20  ? -11.948 10.205  6.132   1.00 18.99 ? 1015 GLN A O   1 
ATOM   137  C CB  . GLN A 1 20  ? -9.216  9.868   4.226   1.00 19.02 ? 1015 GLN A CB  1 
ATOM   138  C CG  . GLN A 1 20  ? -9.288  11.378  4.362   1.00 19.77 ? 1015 GLN A CG  1 
ATOM   139  C CD  . GLN A 1 20  ? -8.015  12.063  3.909   1.00 22.49 ? 1015 GLN A CD  1 
ATOM   140  O OE1 . GLN A 1 20  ? -7.724  12.118  2.713   1.00 21.43 ? 1015 GLN A OE1 1 
ATOM   141  N NE2 . GLN A 1 20  ? -7.248  12.589  4.858   1.00 21.38 ? 1015 GLN A NE2 1 
ATOM   142  N N   . ILE A 1 21  ? -10.421 8.753   6.890   1.00 16.58 ? 1016 ILE A N   1 
ATOM   143  C CA  . ILE A 1 21  ? -10.601 9.073   8.299   1.00 17.58 ? 1016 ILE A CA  1 
ATOM   144  C C   . ILE A 1 21  ? -9.240  9.454   8.889   1.00 19.59 ? 1016 ILE A C   1 
ATOM   145  O O   . ILE A 1 21  ? -8.290  8.676   8.834   1.00 19.05 ? 1016 ILE A O   1 
ATOM   146  C CB  . ILE A 1 21  ? -11.204 7.931   9.131   1.00 18.88 ? 1016 ILE A CB  1 
ATOM   147  C CG1 . ILE A 1 21  ? -12.574 7.504   8.599   1.00 19.89 ? 1016 ILE A CG1 1 
ATOM   148  C CG2 . ILE A 1 21  ? -11.327 8.351   10.595  1.00 20.03 ? 1016 ILE A CG2 1 
ATOM   149  C CD1 . ILE A 1 21  ? -13.126 6.240   9.221   1.00 20.08 ? 1016 ILE A CD1 1 
ATOM   150  N N   . ASP A 1 22  ? -9.158  10.660  9.431   1.00 17.37 ? 1017 ASP A N   1 
ATOM   151  C CA  . ASP A 1 22  ? -7.943  11.133  10.090  1.00 18.35 ? 1017 ASP A CA  1 
ATOM   152  C C   . ASP A 1 22  ? -8.095  10.986  11.593  1.00 20.41 ? 1017 ASP A C   1 
ATOM   153  O O   . ASP A 1 22  ? -9.033  11.508  12.192  1.00 20.68 ? 1017 ASP A O   1 
ATOM   154  C CB  . ASP A 1 22  ? -7.701  12.594  9.714   1.00 18.91 ? 1017 ASP A CB  1 
ATOM   155  C CG  . ASP A 1 22  ? -7.680  12.835  8.218   1.00 20.62 ? 1017 ASP A CG  1 
ATOM   156  O OD1 . ASP A 1 22  ? -6.955  12.108  7.506   1.00 23.60 ? 1017 ASP A OD1 1 
ATOM   157  O OD2 . ASP A 1 22  ? -8.388  13.751  7.751   1.00 22.36 ? 1017 ASP A OD2 1 
ATOM   158  N N   . PRO A 1 23  ? -7.160  10.317  12.256  1.00 21.69 ? 1018 PRO A N   1 
ATOM   159  C CA  . PRO A 1 23  ? -7.251  10.036  13.674  1.00 21.14 ? 1018 PRO A CA  1 
ATOM   160  C C   . PRO A 1 23  ? -7.256  11.248  14.585  1.00 20.92 ? 1018 PRO A C   1 
ATOM   161  O O   . PRO A 1 23  ? -7.783  11.172  15.701  1.00 20.79 ? 1018 PRO A O   1 
ATOM   162  C CB  . PRO A 1 23  ? -6.041  9.146   13.950  1.00 23.52 ? 1018 PRO A CB  1 
ATOM   163  C CG  . PRO A 1 23  ? -5.071  9.437   12.863  1.00 24.62 ? 1018 PRO A CG  1 
ATOM   164  C CD  . PRO A 1 23  ? -5.879  9.857   11.668  1.00 21.65 ? 1018 PRO A CD  1 
ATOM   165  N N   . ASN A 1 24  ? -6.677  12.369  14.167  1.00 19.78 ? 1019 ASN A N   1 
ATOM   166  C CA  . ASN A 1 24  ? -6.542  13.544  15.014  1.00 21.03 ? 1019 ASN A CA  1 
ATOM   167  C C   . ASN A 1 24  ? -7.583  14.618  14.741  1.00 22.06 ? 1019 ASN A C   1 
ATOM   168  O O   . ASN A 1 24  ? -7.432  15.756  15.194  1.00 24.41 ? 1019 ASN A O   1 
ATOM   169  C CB  . ASN A 1 24  ? -5.118  14.115  14.894  1.00 21.32 ? 1019 ASN A CB  1 
ATOM   170  C CG  . ASN A 1 24  ? -4.091  13.048  15.238  1.00 21.94 ? 1019 ASN A CG  1 
ATOM   171  O OD1 . ASN A 1 24  ? -3.997  12.619  16.388  1.00 25.02 ? 1019 ASN A OD1 1 
ATOM   172  N ND2 . ASN A 1 24  ? -3.340  12.605  14.238  1.00 20.11 ? 1019 ASN A ND2 1 
ATOM   173  N N   . THR A 1 25  ? -8.638  14.299  13.995  1.00 21.49 ? 1020 THR A N   1 
ATOM   174  C CA  . THR A 1 25  ? -9.811  15.164  13.907  1.00 22.14 ? 1020 THR A CA  1 
ATOM   175  C C   . THR A 1 25  ? -11.028 14.402  14.432  1.00 22.86 ? 1020 THR A C   1 
ATOM   176  O O   . THR A 1 25  ? -11.075 13.174  14.356  1.00 20.33 ? 1020 THR A O   1 
ATOM   177  C CB  . THR A 1 25  ? -10.102 15.709  12.503  1.00 21.95 ? 1020 THR A CB  1 
ATOM   178  O OG1 . THR A 1 25  ? -10.265 14.623  11.564  1.00 22.83 ? 1020 THR A OG1 1 
ATOM   179  C CG2 . THR A 1 25  ? -8.978  16.627  12.005  1.00 20.95 ? 1020 THR A CG2 1 
ATOM   180  N N   . LYS A 1 26  ? -12.010 15.122  14.962  1.00 24.62 ? 1021 LYS A N   1 
ATOM   181  C CA  . LYS A 1 26  ? -13.235 14.523  15.466  1.00 28.41 ? 1021 LYS A CA  1 
ATOM   182  C C   . LYS A 1 26  ? -14.205 14.030  14.402  1.00 28.81 ? 1021 LYS A C   1 
ATOM   183  O O   . LYS A 1 26  ? -15.080 13.220  14.737  1.00 30.59 ? 1021 LYS A O   1 
ATOM   184  C CB  . LYS A 1 26  ? -13.961 15.512  16.391  1.00 31.23 ? 1021 LYS A CB  1 
ATOM   185  C CG  . LYS A 1 26  ? -13.354 15.637  17.778  1.00 34.62 ? 1021 LYS A CG  1 
ATOM   186  C CD  . LYS A 1 26  ? -13.588 14.385  18.609  1.00 39.27 ? 1021 LYS A CD  1 
ATOM   187  C CE  . LYS A 1 26  ? -13.086 14.570  20.037  1.00 40.60 ? 1021 LYS A CE  1 
ATOM   188  N N   . LYS A 1 27  ? -14.108 14.485  13.158  1.00 28.63 ? 1022 LYS A N   1 
ATOM   189  C CA  . LYS A 1 27  ? -15.010 14.018  12.106  1.00 29.30 ? 1022 LYS A CA  1 
ATOM   190  C C   . LYS A 1 27  ? -14.778 12.542  11.823  1.00 27.69 ? 1022 LYS A C   1 
ATOM   191  O O   . LYS A 1 27  ? -13.738 12.016  12.216  1.00 25.62 ? 1022 LYS A O   1 
ATOM   192  C CB  . LYS A 1 27  ? -14.860 14.854  10.834  1.00 31.92 ? 1022 LYS A CB  1 
ATOM   193  C CG  . LYS A 1 27  ? -15.363 16.281  10.991  1.00 36.50 ? 1022 LYS A CG  1 
ATOM   194  C CD  . LYS A 1 27  ? -15.921 16.810  9.676   1.00 38.81 ? 1022 LYS A CD  1 
ATOM   195  C CE  . LYS A 1 27  ? -16.787 18.039  9.909   1.00 41.32 ? 1022 LYS A CE  1 
ATOM   196  N NZ  . LYS A 1 27  ? -17.599 18.387  8.704   1.00 44.08 ? 1022 LYS A NZ  1 
ATOM   197  N N   . ASN A 1 28  ? -15.728 11.838  11.221  1.00 25.45 ? 1023 ASN A N   1 
ATOM   198  C CA  . ASN A 1 28  ? -15.446 10.461  10.781  1.00 25.92 ? 1023 ASN A CA  1 
ATOM   199  C C   . ASN A 1 28  ? -15.032 10.483  9.317   1.00 24.61 ? 1023 ASN A C   1 
ATOM   200  O O   . ASN A 1 28  ? -14.046 11.148  8.981   1.00 23.01 ? 1023 ASN A O   1 
ATOM   201  C CB  . ASN A 1 28  ? -16.658 9.585   11.067  1.00 28.55 ? 1023 ASN A CB  1 
ATOM   202  C CG  . ASN A 1 28  ? -16.904 9.422   12.556  1.00 32.85 ? 1023 ASN A CG  1 
ATOM   203  O OD1 . ASN A 1 28  ? -15.990 9.086   13.310  1.00 34.71 ? 1023 ASN A OD1 1 
ATOM   204  N ND2 . ASN A 1 28  ? -18.137 9.662   12.984  1.00 33.15 ? 1023 ASN A ND2 1 
ATOM   205  N N   . TRP A 1 29  ? -15.770 9.817   8.440   1.00 22.01 ? 1024 TRP A N   1 
ATOM   206  C CA  . TRP A 1 29  ? -15.454 9.819   7.019   1.00 21.23 ? 1024 TRP A CA  1 
ATOM   207  C C   . TRP A 1 29  ? -15.534 11.214  6.407   1.00 23.90 ? 1024 TRP A C   1 
ATOM   208  O O   . TRP A 1 29  ? -16.503 11.947  6.601   1.00 23.91 ? 1024 TRP A O   1 
ATOM   209  C CB  . TRP A 1 29  ? -16.392 8.881   6.256   1.00 20.01 ? 1024 TRP A CB  1 
ATOM   210  C CG  . TRP A 1 29  ? -16.120 7.426   6.482   1.00 20.17 ? 1024 TRP A CG  1 
ATOM   211  C CD1 . TRP A 1 29  ? -16.905 6.537   7.158   1.00 20.00 ? 1024 TRP A CD1 1 
ATOM   212  C CD2 . TRP A 1 29  ? -14.978 6.689   6.029   1.00 18.43 ? 1024 TRP A CD2 1 
ATOM   213  N NE1 . TRP A 1 29  ? -16.323 5.293   7.152   1.00 19.30 ? 1024 TRP A NE1 1 
ATOM   214  C CE2 . TRP A 1 29  ? -15.138 5.360   6.465   1.00 18.15 ? 1024 TRP A CE2 1 
ATOM   215  C CE3 . TRP A 1 29  ? -13.836 7.025   5.295   1.00 18.14 ? 1024 TRP A CE3 1 
ATOM   216  C CZ2 . TRP A 1 29  ? -14.199 4.366   6.194   1.00 18.47 ? 1024 TRP A CZ2 1 
ATOM   217  C CZ3 . TRP A 1 29  ? -12.905 6.039   5.027   1.00 18.57 ? 1024 TRP A CZ3 1 
ATOM   218  C CH2 . TRP A 1 29  ? -13.093 4.724   5.476   1.00 18.24 ? 1024 TRP A CH2 1 
ATOM   219  N N   . VAL A 1 30  ? -14.497 11.593  5.669   1.00 22.56 ? 1025 VAL A N   1 
ATOM   220  C CA  . VAL A 1 30  ? -14.459 12.846  4.930   1.00 23.09 ? 1025 VAL A CA  1 
ATOM   221  C C   . VAL A 1 30  ? -14.053 12.559  3.483   1.00 23.64 ? 1025 VAL A C   1 
ATOM   222  O O   . VAL A 1 30  ? -13.223 11.691  3.222   1.00 23.30 ? 1025 VAL A O   1 
ATOM   223  C CB  . VAL A 1 30  ? -13.501 13.897  5.509   1.00 24.13 ? 1025 VAL A CB  1 
ATOM   224  C CG1 . VAL A 1 30  ? -14.051 14.530  6.779   1.00 24.50 ? 1025 VAL A CG1 1 
ATOM   225  C CG2 . VAL A 1 30  ? -12.125 13.295  5.771   1.00 22.43 ? 1025 VAL A CG2 1 
ATOM   226  N N   . PRO A 1 31  ? -14.662 13.278  2.550   1.00 24.21 ? 1026 PRO A N   1 
ATOM   227  C CA  . PRO A 1 31  ? -14.318 13.172  1.144   1.00 24.92 ? 1026 PRO A CA  1 
ATOM   228  C C   . PRO A 1 31  ? -12.912 13.682  0.870   1.00 24.41 ? 1026 PRO A C   1 
ATOM   229  O O   . PRO A 1 31  ? -12.540 14.770  1.314   1.00 23.94 ? 1026 PRO A O   1 
ATOM   230  C CB  . PRO A 1 31  ? -15.375 13.999  0.429   1.00 26.50 ? 1026 PRO A CB  1 
ATOM   231  C CG  . PRO A 1 31  ? -15.960 14.897  1.457   1.00 26.78 ? 1026 PRO A CG  1 
ATOM   232  C CD  . PRO A 1 31  ? -15.799 14.201  2.780   1.00 26.74 ? 1026 PRO A CD  1 
ATOM   233  N N   . THR A 1 32  ? -12.117 12.885  0.165   1.00 22.38 ? 1027 THR A N   1 
ATOM   234  C CA  . THR A 1 32  ? -10.760 13.280  -0.198  1.00 23.42 ? 1027 THR A CA  1 
ATOM   235  C C   . THR A 1 32  ? -10.774 13.873  -1.606  1.00 26.06 ? 1027 THR A C   1 
ATOM   236  O O   . THR A 1 32  ? -10.126 14.871  -1.902  1.00 27.79 ? 1027 THR A O   1 
ATOM   237  C CB  . THR A 1 32  ? -9.782  12.097  -0.142  1.00 22.69 ? 1027 THR A CB  1 
ATOM   238  O OG1 . THR A 1 32  ? -9.832  11.492  1.158   1.00 21.10 ? 1027 THR A OG1 1 
ATOM   239  C CG2 . THR A 1 32  ? -8.356  12.553  -0.417  1.00 22.27 ? 1027 THR A CG2 1 
ATOM   240  N N   . SER A 1 33  ? -11.542 13.220  -2.470  1.00 27.70 ? 1028 SER A N   1 
ATOM   241  C CA  . SER A 1 33  ? -11.777 13.706  -3.824  1.00 28.85 ? 1028 SER A CA  1 
ATOM   242  C C   . SER A 1 33  ? -13.243 14.111  -3.953  1.00 32.13 ? 1028 SER A C   1 
ATOM   243  O O   . SER A 1 33  ? -14.121 13.433  -3.419  1.00 30.69 ? 1028 SER A O   1 
ATOM   244  C CB  . SER A 1 33  ? -11.417 12.644  -4.858  1.00 29.37 ? 1028 SER A CB  1 
ATOM   245  O OG  . SER A 1 33  ? -12.199 11.473  -4.686  1.00 28.36 ? 1028 SER A OG  1 
ATOM   246  N N   . LYS A 1 34  ? -13.497 15.220  -4.638  1.00 34.11 ? 1029 LYS A N   1 
ATOM   247  C CA  . LYS A 1 34  ? -14.868 15.606  -4.956  1.00 34.96 ? 1029 LYS A CA  1 
ATOM   248  C C   . LYS A 1 34  ? -15.453 14.709  -6.042  1.00 34.97 ? 1029 LYS A C   1 
ATOM   249  O O   . LYS A 1 34  ? -16.641 14.384  -6.016  1.00 37.85 ? 1029 LYS A O   1 
ATOM   250  C CB  . LYS A 1 34  ? -14.925 17.071  -5.395  1.00 38.42 ? 1029 LYS A CB  1 
ATOM   251  N N   . HIS A 1 35  ? -14.622 14.315  -7.000  1.00 33.03 ? 1030 HIS A N   1 
ATOM   252  C CA  . HIS A 1 35  ? -15.059 13.478  -8.108  1.00 32.89 ? 1030 HIS A CA  1 
ATOM   253  C C   . HIS A 1 35  ? -14.296 12.157  -8.132  1.00 30.76 ? 1030 HIS A C   1 
ATOM   254  O O   . HIS A 1 35  ? -13.331 11.976  -7.391  1.00 31.48 ? 1030 HIS A O   1 
ATOM   255  C CB  . HIS A 1 35  ? -14.880 14.210  -9.440  1.00 33.99 ? 1030 HIS A CB  1 
ATOM   256  N N   . ALA A 1 36  ? -14.749 11.233  -8.973  1.00 31.07 ? 1031 ALA A N   1 
ATOM   257  C CA  . ALA A 1 36  ? -14.079 9.945   -9.120  1.00 30.03 ? 1031 ALA A CA  1 
ATOM   258  C C   . ALA A 1 36  ? -12.655 10.140  -9.628  1.00 29.51 ? 1031 ALA A C   1 
ATOM   259  O O   . ALA A 1 36  ? -12.401 10.980  -10.492 1.00 32.30 ? 1031 ALA A O   1 
ATOM   260  C CB  . ALA A 1 36  ? -14.863 9.044   -10.060 1.00 30.02 ? 1031 ALA A CB  1 
ATOM   261  N N   . VAL A 1 37  ? -11.716 9.394   -9.060  1.00 26.41 ? 1032 VAL A N   1 
ATOM   262  C CA  . VAL A 1 37  ? -10.330 9.412   -9.504  1.00 24.36 ? 1032 VAL A CA  1 
ATOM   263  C C   . VAL A 1 37  ? -9.854  7.992   -9.809  1.00 25.02 ? 1032 VAL A C   1 
ATOM   264  O O   . VAL A 1 37  ? -10.534 7.022   -9.472  1.00 24.89 ? 1032 VAL A O   1 
ATOM   265  C CB  . VAL A 1 37  ? -9.366  10.030  -8.476  1.00 23.68 ? 1032 VAL A CB  1 
ATOM   266  C CG1 . VAL A 1 37  ? -9.521  11.542  -8.384  1.00 24.20 ? 1032 VAL A CG1 1 
ATOM   267  C CG2 . VAL A 1 37  ? -9.564  9.391   -7.106  1.00 21.64 ? 1032 VAL A CG2 1 
ATOM   268  N N   . THR A 1 38  ? -8.691  7.884   -10.439 1.00 23.14 ? 1033 THR A N   1 
ATOM   269  C CA  . THR A 1 38  ? -8.090  6.579   -10.696 1.00 22.94 ? 1033 THR A CA  1 
ATOM   270  C C   . THR A 1 38  ? -7.345  6.089   -9.460  1.00 22.62 ? 1033 THR A C   1 
ATOM   271  O O   . THR A 1 38  ? -6.628  6.840   -8.802  1.00 22.61 ? 1033 THR A O   1 
ATOM   272  C CB  . THR A 1 38  ? -7.142  6.614   -11.907 1.00 24.35 ? 1033 THR A CB  1 
ATOM   273  O OG1 . THR A 1 38  ? -7.848  7.115   -13.052 1.00 25.06 ? 1033 THR A OG1 1 
ATOM   274  C CG2 . THR A 1 38  ? -6.612  5.224   -12.226 1.00 24.18 ? 1033 THR A CG2 1 
ATOM   275  N N   . VAL A 1 39  ? -7.567  4.828   -9.107  1.00 21.16 ? 1034 VAL A N   1 
ATOM   276  C CA  . VAL A 1 39  ? -6.875  4.185   -7.998  1.00 20.94 ? 1034 VAL A CA  1 
ATOM   277  C C   . VAL A 1 39  ? -6.120  2.971   -8.543  1.00 22.00 ? 1034 VAL A C   1 
ATOM   278  O O   . VAL A 1 39  ? -6.715  2.142   -9.233  1.00 21.97 ? 1034 VAL A O   1 
ATOM   279  C CB  . VAL A 1 39  ? -7.812  3.732   -6.868  1.00 20.34 ? 1034 VAL A CB  1 
ATOM   280  C CG1 . VAL A 1 39  ? -7.037  3.011   -5.770  1.00 21.31 ? 1034 VAL A CG1 1 
ATOM   281  C CG2 . VAL A 1 39  ? -8.578  4.900   -6.260  1.00 20.56 ? 1034 VAL A CG2 1 
ATOM   282  N N   . SER A 1 40  ? -4.829  2.881   -8.243  1.00 20.54 ? 1035 SER A N   1 
ATOM   283  C CA  . SER A 1 40  ? -3.992  1.864   -8.866  1.00 20.66 ? 1035 SER A CA  1 
ATOM   284  C C   . SER A 1 40  ? -3.130  1.111   -7.859  1.00 19.61 ? 1035 SER A C   1 
ATOM   285  O O   . SER A 1 40  ? -2.708  1.649   -6.839  1.00 22.64 ? 1035 SER A O   1 
ATOM   286  C CB  . SER A 1 40  ? -3.077  2.495   -9.920  1.00 21.97 ? 1035 SER A CB  1 
ATOM   287  O OG  . SER A 1 40  ? -3.807  3.102   -10.967 1.00 23.83 ? 1035 SER A OG  1 
ATOM   288  N N   . TYR A 1 41  ? -2.867  -0.157  -8.168  1.00 18.69 ? 1036 TYR A N   1 
ATOM   289  C CA  . TYR A 1 41  ? -1.840  -0.919  -7.467  1.00 18.69 ? 1036 TYR A CA  1 
ATOM   290  C C   . TYR A 1 41  ? -0.532  -0.826  -8.257  1.00 21.17 ? 1036 TYR A C   1 
ATOM   291  O O   . TYR A 1 41  ? -0.522  -1.077  -9.463  1.00 22.31 ? 1036 TYR A O   1 
ATOM   292  C CB  . TYR A 1 41  ? -2.231  -2.376  -7.303  1.00 19.56 ? 1036 TYR A CB  1 
ATOM   293  C CG  . TYR A 1 41  ? -3.398  -2.684  -6.399  1.00 21.21 ? 1036 TYR A CG  1 
ATOM   294  C CD1 . TYR A 1 41  ? -3.214  -2.884  -5.037  1.00 21.38 ? 1036 TYR A CD1 1 
ATOM   295  C CD2 . TYR A 1 41  ? -4.685  -2.802  -6.908  1.00 20.66 ? 1036 TYR A CD2 1 
ATOM   296  C CE1 . TYR A 1 41  ? -4.278  -3.182  -4.206  1.00 21.12 ? 1036 TYR A CE1 1 
ATOM   297  C CE2 . TYR A 1 41  ? -5.756  -3.098  -6.084  1.00 22.54 ? 1036 TYR A CE2 1 
ATOM   298  C CZ  . TYR A 1 41  ? -5.546  -3.286  -4.735  1.00 21.76 ? 1036 TYR A CZ  1 
ATOM   299  O OH  . TYR A 1 41  ? -6.609  -3.580  -3.913  1.00 20.18 ? 1036 TYR A OH  1 
ATOM   300  N N   . PHE A 1 42  ? 0.549   -0.468  -7.578  1.00 20.07 ? 1037 PHE A N   1 
ATOM   301  C CA  . PHE A 1 42  ? 1.802   -0.167  -8.268  1.00 21.18 ? 1037 PHE A CA  1 
ATOM   302  C C   . PHE A 1 42  ? 2.967   -0.874  -7.589  1.00 20.24 ? 1037 PHE A C   1 
ATOM   303  O O   . PHE A 1 42  ? 3.066   -0.854  -6.361  1.00 19.65 ? 1037 PHE A O   1 
ATOM   304  C CB  . PHE A 1 42  ? 2.019   1.351   -8.325  1.00 22.40 ? 1037 PHE A CB  1 
ATOM   305  C CG  . PHE A 1 42  ? 3.227   1.728   -9.139  1.00 23.48 ? 1037 PHE A CG  1 
ATOM   306  C CD1 . PHE A 1 42  ? 3.164   1.753   -10.521 1.00 24.36 ? 1037 PHE A CD1 1 
ATOM   307  C CD2 . PHE A 1 42  ? 4.426   2.043   -8.520  1.00 23.89 ? 1037 PHE A CD2 1 
ATOM   308  C CE1 . PHE A 1 42  ? 4.274   2.087   -11.275 1.00 23.48 ? 1037 PHE A CE1 1 
ATOM   309  C CE2 . PHE A 1 42  ? 5.539   2.375   -9.267  1.00 23.79 ? 1037 PHE A CE2 1 
ATOM   310  C CZ  . PHE A 1 42  ? 5.462   2.397   -10.646 1.00 24.76 ? 1037 PHE A CZ  1 
ATOM   311  N N   . TYR A 1 43  ? 3.820   -1.530  -8.374  1.00 19.33 ? 1038 TYR A N   1 
ATOM   312  C CA  . TYR A 1 43  ? 5.022   -2.143  -7.813  1.00 18.80 ? 1038 TYR A CA  1 
ATOM   313  C C   . TYR A 1 43  ? 6.196   -1.178  -7.955  1.00 19.58 ? 1038 TYR A C   1 
ATOM   314  O O   . TYR A 1 43  ? 6.636   -0.851  -9.055  1.00 17.91 ? 1038 TYR A O   1 
ATOM   315  C CB  . TYR A 1 43  ? 5.325   -3.519  -8.419  1.00 19.77 ? 1038 TYR A CB  1 
ATOM   316  C CG  . TYR A 1 43  ? 6.662   -4.057  -7.939  1.00 19.21 ? 1038 TYR A CG  1 
ATOM   317  C CD1 . TYR A 1 43  ? 6.843   -4.426  -6.614  1.00 20.39 ? 1038 TYR A CD1 1 
ATOM   318  C CD2 . TYR A 1 43  ? 7.740   -4.167  -8.806  1.00 21.26 ? 1038 TYR A CD2 1 
ATOM   319  C CE1 . TYR A 1 43  ? 8.062   -4.899  -6.166  1.00 22.07 ? 1038 TYR A CE1 1 
ATOM   320  C CE2 . TYR A 1 43  ? 8.962   -4.640  -8.366  1.00 22.08 ? 1038 TYR A CE2 1 
ATOM   321  C CZ  . TYR A 1 43  ? 9.118   -5.003  -7.046  1.00 22.61 ? 1038 TYR A CZ  1 
ATOM   322  O OH  . TYR A 1 43  ? 10.333  -5.473  -6.604  1.00 25.45 ? 1038 TYR A OH  1 
ATOM   323  N N   . ASP A 1 44  ? 6.665   -0.669  -6.821  1.00 16.59 ? 1039 ASP A N   1 
ATOM   324  C CA  . ASP A 1 44  ? 7.852   0.181   -6.766  1.00 18.27 ? 1039 ASP A CA  1 
ATOM   325  C C   . ASP A 1 44  ? 9.105   -0.683  -6.671  1.00 19.69 ? 1039 ASP A C   1 
ATOM   326  O O   . ASP A 1 44  ? 9.451   -1.183  -5.600  1.00 19.80 ? 1039 ASP A O   1 
ATOM   327  C CB  . ASP A 1 44  ? 7.742   1.122   -5.571  1.00 19.25 ? 1039 ASP A CB  1 
ATOM   328  C CG  . ASP A 1 44  ? 8.806   2.187   -5.468  1.00 19.54 ? 1039 ASP A CG  1 
ATOM   329  O OD1 . ASP A 1 44  ? 9.961   1.968   -5.885  1.00 21.19 ? 1039 ASP A OD1 1 
ATOM   330  O OD2 . ASP A 1 44  ? 8.483   3.280   -4.948  1.00 21.06 ? 1039 ASP A OD2 1 
ATOM   331  N N   . SER A 1 45  ? 9.813   -0.838  -7.785  1.00 19.30 ? 1040 SER A N   1 
ATOM   332  C CA  . SER A 1 45  ? 10.909  -1.790  -7.888  1.00 22.42 ? 1040 SER A CA  1 
ATOM   333  C C   . SER A 1 45  ? 12.127  -1.423  -7.055  1.00 23.04 ? 1040 SER A C   1 
ATOM   334  O O   . SER A 1 45  ? 12.807  -2.311  -6.531  1.00 23.08 ? 1040 SER A O   1 
ATOM   335  C CB  . SER A 1 45  ? 11.320  -1.964  -9.356  1.00 22.08 ? 1040 SER A CB  1 
ATOM   336  O OG  . SER A 1 45  ? 11.787  -0.742  -9.903  1.00 22.15 ? 1040 SER A OG  1 
ATOM   337  N N   . THR A 1 46  ? 12.420  -0.136  -6.916  1.00 25.63 ? 1041 THR A N   1 
ATOM   338  C CA  . THR A 1 46  ? 13.542  0.326   -6.106  1.00 28.96 ? 1041 THR A CA  1 
ATOM   339  C C   . THR A 1 46  ? 13.332  0.051   -4.624  1.00 28.83 ? 1041 THR A C   1 
ATOM   340  O O   . THR A 1 46  ? 14.269  -0.341  -3.925  1.00 29.04 ? 1041 THR A O   1 
ATOM   341  C CB  . THR A 1 46  ? 13.815  1.821   -6.347  1.00 31.07 ? 1041 THR A CB  1 
ATOM   342  O OG1 . THR A 1 46  ? 12.608  2.564   -6.136  1.00 36.07 ? 1041 THR A OG1 1 
ATOM   343  C CG2 . THR A 1 46  ? 14.303  2.024   -7.775  1.00 33.51 ? 1041 THR A CG2 1 
ATOM   344  N N   . ARG A 1 47  ? 12.105  0.209   -4.139  1.00 27.97 ? 1042 ARG A N   1 
ATOM   345  C CA  . ARG A 1 47  ? 11.771  -0.074  -2.752  1.00 27.13 ? 1042 ARG A CA  1 
ATOM   346  C C   . ARG A 1 47  ? 11.323  -1.513  -2.530  1.00 26.38 ? 1042 ARG A C   1 
ATOM   347  O O   . ARG A 1 47  ? 11.157  -1.952  -1.391  1.00 27.27 ? 1042 ARG A O   1 
ATOM   348  C CB  . ARG A 1 47  ? 10.673  0.878   -2.267  1.00 28.57 ? 1042 ARG A CB  1 
ATOM   349  C CG  . ARG A 1 47  ? 11.002  2.354   -2.395  1.00 31.04 ? 1042 ARG A CG  1 
ATOM   350  C CD  . ARG A 1 47  ? 12.180  2.754   -1.525  1.00 35.79 ? 1042 ARG A CD  1 
ATOM   351  N NE  . ARG A 1 47  ? 11.975  2.458   -0.116  1.00 39.87 ? 1042 ARG A NE  1 
ATOM   352  C CZ  . ARG A 1 47  ? 11.147  3.085   0.709   1.00 42.25 ? 1042 ARG A CZ  1 
ATOM   353  N NH1 . ARG A 1 47  ? 10.398  4.095   0.284   1.00 41.89 ? 1042 ARG A NH1 1 
ATOM   354  N NH2 . ARG A 1 47  ? 11.065  2.703   1.977   1.00 43.38 ? 1042 ARG A NH2 1 
ATOM   355  N N   . ASN A 1 48  ? 11.074  -2.251  -3.602  1.00 24.46 ? 1043 ASN A N   1 
ATOM   356  C CA  . ASN A 1 48  ? 10.558  -3.613  -3.544  1.00 25.03 ? 1043 ASN A CA  1 
ATOM   357  C C   . ASN A 1 48  ? 9.308   -3.711  -2.682  1.00 22.05 ? 1043 ASN A C   1 
ATOM   358  O O   . ASN A 1 48  ? 9.146   -4.550  -1.795  1.00 23.79 ? 1043 ASN A O   1 
ATOM   359  C CB  . ASN A 1 48  ? 11.653  -4.588  -3.107  1.00 27.80 ? 1043 ASN A CB  1 
ATOM   360  C CG  . ASN A 1 48  ? 11.209  -6.036  -3.067  1.00 26.88 ? 1043 ASN A CG  1 
ATOM   361  O OD1 . ASN A 1 48  ? 11.580  -6.785  -2.161  1.00 32.52 ? 1043 ASN A OD1 1 
ATOM   362  N ND2 . ASN A 1 48  ? 10.381  -6.436  -4.025  1.00 26.89 ? 1043 ASN A ND2 1 
ATOM   363  N N   . VAL A 1 49  ? 8.350   -2.814  -2.926  1.00 20.28 ? 1044 VAL A N   1 
ATOM   364  C CA  . VAL A 1 49  ? 7.066   -2.827  -2.250  1.00 18.88 ? 1044 VAL A CA  1 
ATOM   365  C C   . VAL A 1 49  ? 5.931   -2.543  -3.235  1.00 19.99 ? 1044 VAL A C   1 
ATOM   366  O O   . VAL A 1 49  ? 6.132   -1.932  -4.281  1.00 20.64 ? 1044 VAL A O   1 
ATOM   367  C CB  . VAL A 1 49  ? 6.945   -1.792  -1.114  1.00 19.81 ? 1044 VAL A CB  1 
ATOM   368  C CG1 . VAL A 1 49  ? 7.640   -2.244  0.162   1.00 21.19 ? 1044 VAL A CG1 1 
ATOM   369  C CG2 . VAL A 1 49  ? 7.488   -0.437  -1.571  1.00 20.01 ? 1044 VAL A CG2 1 
ATOM   370  N N   . TYR A 1 50  ? 4.735   -2.975  -2.855  1.00 18.35 ? 1045 TYR A N   1 
ATOM   371  C CA  . TYR A 1 50  ? 3.534   -2.654  -3.615  1.00 17.63 ? 1045 TYR A CA  1 
ATOM   372  C C   . TYR A 1 50  ? 2.800   -1.499  -2.946  1.00 18.67 ? 1045 TYR A C   1 
ATOM   373  O O   . TYR A 1 50  ? 2.650   -1.475  -1.725  1.00 20.18 ? 1045 TYR A O   1 
ATOM   374  C CB  . TYR A 1 50  ? 2.620   -3.879  -3.738  1.00 17.91 ? 1045 TYR A CB  1 
ATOM   375  C CG  . TYR A 1 50  ? 3.285   -5.023  -4.478  1.00 18.43 ? 1045 TYR A CG  1 
ATOM   376  C CD1 . TYR A 1 50  ? 3.166   -5.146  -5.855  1.00 18.27 ? 1045 TYR A CD1 1 
ATOM   377  C CD2 . TYR A 1 50  ? 4.043   -5.965  -3.797  1.00 18.92 ? 1045 TYR A CD2 1 
ATOM   378  C CE1 . TYR A 1 50  ? 3.777   -6.184  -6.533  1.00 17.24 ? 1045 TYR A CE1 1 
ATOM   379  C CE2 . TYR A 1 50  ? 4.660   -7.003  -4.469  1.00 19.42 ? 1045 TYR A CE2 1 
ATOM   380  C CZ  . TYR A 1 50  ? 4.523   -7.110  -5.836  1.00 20.08 ? 1045 TYR A CZ  1 
ATOM   381  O OH  . TYR A 1 50  ? 5.136   -8.144  -6.505  1.00 21.76 ? 1045 TYR A OH  1 
ATOM   382  N N   . ARG A 1 51  ? 2.376   -0.527  -3.747  1.00 19.13 ? 1046 ARG A N   1 
ATOM   383  C CA  . ARG A 1 51  ? 1.704   0.652   -3.222  1.00 21.27 ? 1046 ARG A CA  1 
ATOM   384  C C   . ARG A 1 51  ? 0.355   0.876   -3.898  1.00 22.32 ? 1046 ARG A C   1 
ATOM   385  O O   . ARG A 1 51  ? 0.199   0.655   -5.097  1.00 21.35 ? 1046 ARG A O   1 
ATOM   386  C CB  . ARG A 1 51  ? 2.575   1.901   -3.390  1.00 21.21 ? 1046 ARG A CB  1 
ATOM   387  C CG  . ARG A 1 51  ? 3.716   2.016   -2.394  1.00 22.37 ? 1046 ARG A CG  1 
ATOM   388  C CD  . ARG A 1 51  ? 4.636   3.185   -2.711  1.00 23.71 ? 1046 ARG A CD  1 
ATOM   389  N NE  . ARG A 1 51  ? 5.761   3.242   -1.785  1.00 26.05 ? 1046 ARG A NE  1 
ATOM   390  C CZ  . ARG A 1 51  ? 6.802   4.057   -1.873  1.00 28.02 ? 1046 ARG A CZ  1 
ATOM   391  N NH1 . ARG A 1 51  ? 6.904   4.928   -2.869  1.00 28.40 ? 1046 ARG A NH1 1 
ATOM   392  N NH2 . ARG A 1 51  ? 7.761   4.001   -0.957  1.00 30.00 ? 1046 ARG A NH2 1 
ATOM   393  N N   . ILE A 1 52  ? -0.627  1.292   -3.101  1.00 19.46 ? 1047 ILE A N   1 
ATOM   394  C CA  . ILE A 1 52  ? -1.868  1.824   -3.662  1.00 18.81 ? 1047 ILE A CA  1 
ATOM   395  C C   . ILE A 1 52  ? -1.657  3.313   -3.926  1.00 19.28 ? 1047 ILE A C   1 
ATOM   396  O O   . ILE A 1 52  ? -1.376  4.085   -3.011  1.00 17.96 ? 1047 ILE A O   1 
ATOM   397  C CB  . ILE A 1 52  ? -3.079  1.587   -2.751  1.00 18.71 ? 1047 ILE A CB  1 
ATOM   398  C CG1 . ILE A 1 52  ? -3.289  0.082   -2.548  1.00 20.33 ? 1047 ILE A CG1 1 
ATOM   399  C CG2 . ILE A 1 52  ? -4.332  2.228   -3.334  1.00 20.78 ? 1047 ILE A CG2 1 
ATOM   400  C CD1 . ILE A 1 52  ? -4.329  -0.285  -1.515  1.00 21.20 ? 1047 ILE A CD1 1 
ATOM   401  N N   . ILE A 1 53  ? -1.712  3.686   -5.200  1.00 18.39 ? 1048 ILE A N   1 
ATOM   402  C CA  . ILE A 1 53  ? -1.453  5.060   -5.609  1.00 21.33 ? 1048 ILE A CA  1 
ATOM   403  C C   . ILE A 1 53  ? -2.718  5.653   -6.226  1.00 19.72 ? 1048 ILE A C   1 
ATOM   404  O O   . ILE A 1 53  ? -3.299  5.079   -7.144  1.00 20.58 ? 1048 ILE A O   1 
ATOM   405  C CB  . ILE A 1 53  ? -0.289  5.181   -6.607  1.00 22.26 ? 1048 ILE A CB  1 
ATOM   406  C CG1 . ILE A 1 53  ? 1.024   4.658   -6.027  1.00 23.89 ? 1048 ILE A CG1 1 
ATOM   407  C CG2 . ILE A 1 53  ? -0.118  6.623   -7.075  1.00 23.59 ? 1048 ILE A CG2 1 
ATOM   408  C CD1 . ILE A 1 53  ? 1.526   5.357   -4.784  1.00 27.99 ? 1048 ILE A CD1 1 
ATOM   409  N N   . SER A 1 54  ? -3.133  6.798   -5.697  1.00 20.34 ? 1049 SER A N   1 
ATOM   410  C CA  . SER A 1 54  ? -4.247  7.536   -6.280  1.00 20.52 ? 1049 SER A CA  1 
ATOM   411  C C   . SER A 1 54  ? -3.877  9.007   -6.430  1.00 21.67 ? 1049 SER A C   1 
ATOM   412  O O   . SER A 1 54  ? -3.432  9.645   -5.479  1.00 21.83 ? 1049 SER A O   1 
ATOM   413  C CB  . SER A 1 54  ? -5.510  7.386   -5.433  1.00 21.06 ? 1049 SER A CB  1 
ATOM   414  O OG  . SER A 1 54  ? -6.609  8.049   -6.035  1.00 22.81 ? 1049 SER A OG  1 
ATOM   415  N N   . LEU A 1 55  ? -4.054  9.528   -7.639  1.00 23.51 ? 1050 LEU A N   1 
ATOM   416  C CA  . LEU A 1 55  ? -3.734  10.922  -7.919  1.00 25.36 ? 1050 LEU A CA  1 
ATOM   417  C C   . LEU A 1 55  ? -4.998  11.747  -8.136  1.00 26.85 ? 1050 LEU A C   1 
ATOM   418  O O   . LEU A 1 55  ? -5.904  11.338  -8.860  1.00 28.11 ? 1050 LEU A O   1 
ATOM   419  C CB  . LEU A 1 55  ? -2.831  11.028  -9.150  1.00 22.82 ? 1050 LEU A CB  1 
ATOM   420  C CG  . LEU A 1 55  ? -1.564  10.171  -9.169  1.00 22.65 ? 1050 LEU A CG  1 
ATOM   421  C CD1 . LEU A 1 55  ? -0.875  10.271  -10.523 1.00 24.87 ? 1050 LEU A CD1 1 
ATOM   422  C CD2 . LEU A 1 55  ? -0.608  10.575  -8.054  1.00 21.65 ? 1050 LEU A CD2 1 
ATOM   423  N N   . ASP A 1 56  ? -5.060  12.903  -7.487  1.00 27.14 ? 1051 ASP A N   1 
ATOM   424  C CA  . ASP A 1 56  ? -6.092  13.894  -7.791  1.00 28.75 ? 1051 ASP A CA  1 
ATOM   425  C C   . ASP A 1 56  ? -5.418  15.088  -8.466  1.00 29.31 ? 1051 ASP A C   1 
ATOM   426  O O   . ASP A 1 56  ? -4.778  15.901  -7.803  1.00 27.27 ? 1051 ASP A O   1 
ATOM   427  C CB  . ASP A 1 56  ? -6.841  14.314  -6.535  1.00 32.14 ? 1051 ASP A CB  1 
ATOM   428  C CG  . ASP A 1 56  ? -8.143  15.041  -6.803  1.00 35.18 ? 1051 ASP A CG  1 
ATOM   429  O OD1 . ASP A 1 56  ? -8.494  15.259  -7.981  1.00 37.01 ? 1051 ASP A OD1 1 
ATOM   430  O OD2 . ASP A 1 56  ? -8.830  15.399  -5.821  1.00 38.11 ? 1051 ASP A OD2 1 
ATOM   431  N N   . GLY A 1 57  ? -5.544  15.161  -9.788  1.00 29.52 ? 1052 GLY A N   1 
ATOM   432  C CA  . GLY A 1 57  ? -4.710  16.087  -10.562 1.00 30.07 ? 1052 GLY A CA  1 
ATOM   433  C C   . GLY A 1 57  ? -3.261  15.604  -10.494 1.00 29.07 ? 1052 GLY A C   1 
ATOM   434  O O   . GLY A 1 57  ? -2.983  14.437  -10.772 1.00 29.13 ? 1052 GLY A O   1 
ATOM   435  N N   . SER A 1 58  ? -2.355  16.481  -10.073 1.00 27.73 ? 1053 SER A N   1 
ATOM   436  C CA  . SER A 1 58  ? -0.931  16.176  -10.109 1.00 28.11 ? 1053 SER A CA  1 
ATOM   437  C C   . SER A 1 58  ? -0.393  15.673  -8.777  1.00 25.73 ? 1053 SER A C   1 
ATOM   438  O O   . SER A 1 58  ? 0.774   15.279  -8.699  1.00 25.38 ? 1053 SER A O   1 
ATOM   439  C CB  . SER A 1 58  ? -0.144  17.413  -10.555 1.00 28.76 ? 1053 SER A CB  1 
ATOM   440  O OG  . SER A 1 58  ? -0.390  18.510  -9.691  1.00 35.45 ? 1053 SER A OG  1 
ATOM   441  N N   . LYS A 1 59  ? -1.221  15.672  -7.737  1.00 24.87 ? 1054 LYS A N   1 
ATOM   442  C CA  . LYS A 1 59  ? -0.772  15.271  -6.410  1.00 24.90 ? 1054 LYS A CA  1 
ATOM   443  C C   . LYS A 1 59  ? -1.367  13.936  -5.977  1.00 24.20 ? 1054 LYS A C   1 
ATOM   444  O O   . LYS A 1 59  ? -2.509  13.613  -6.300  1.00 24.23 ? 1054 LYS A O   1 
ATOM   445  C CB  . LYS A 1 59  ? -1.120  16.348  -5.376  1.00 28.10 ? 1054 LYS A CB  1 
ATOM   446  C CG  . LYS A 1 59  ? -2.610  16.609  -5.224  1.00 29.03 ? 1054 LYS A CG  1 
ATOM   447  C CD  . LYS A 1 59  ? -2.902  17.478  -4.010  1.00 32.37 ? 1054 LYS A CD  1 
ATOM   448  C CE  . LYS A 1 59  ? -4.399  17.672  -3.820  1.00 34.94 ? 1054 LYS A CE  1 
ATOM   449  N NZ  . LYS A 1 59  ? -4.702  18.462  -2.592  1.00 38.61 ? 1054 LYS A NZ  1 
ATOM   450  N N   . ALA A 1 60  ? -0.583  13.166  -5.227  1.00 22.94 ? 1055 ALA A N   1 
ATOM   451  C CA  . ALA A 1 60  ? -1.050  11.897  -4.680  1.00 22.79 ? 1055 ALA A CA  1 
ATOM   452  C C   . ALA A 1 60  ? -1.957  12.136  -3.476  1.00 21.47 ? 1055 ALA A C   1 
ATOM   453  O O   . ALA A 1 60  ? -1.587  12.849  -2.543  1.00 23.00 ? 1055 ALA A O   1 
ATOM   454  C CB  . ALA A 1 60  ? 0.129   11.019  -4.294  1.00 23.33 ? 1055 ALA A CB  1 
ATOM   455  N N   . ILE A 1 61  ? -3.154  11.561  -3.517  1.00 18.62 ? 1056 ILE A N   1 
ATOM   456  C CA  . ILE A 1 61  ? -4.079  11.641  -2.394  1.00 19.95 ? 1056 ILE A CA  1 
ATOM   457  C C   . ILE A 1 61  ? -4.141  10.299  -1.672  1.00 19.80 ? 1056 ILE A C   1 
ATOM   458  O O   . ILE A 1 61  ? -4.637  10.187  -0.553  1.00 21.33 ? 1056 ILE A O   1 
ATOM   459  C CB  . ILE A 1 61  ? -5.494  12.066  -2.816  1.00 20.26 ? 1056 ILE A CB  1 
ATOM   460  C CG1 . ILE A 1 61  ? -6.033  11.149  -3.915  1.00 19.94 ? 1056 ILE A CG1 1 
ATOM   461  C CG2 . ILE A 1 61  ? -5.493  13.520  -3.272  1.00 22.49 ? 1056 ILE A CG2 1 
ATOM   462  C CD1 . ILE A 1 61  ? -7.510  11.310  -4.197  1.00 20.60 ? 1056 ILE A CD1 1 
ATOM   463  N N   . ILE A 1 62  ? -3.682  9.248   -2.348  1.00 18.65 ? 1057 ILE A N   1 
ATOM   464  C CA  . ILE A 1 62  ? -3.399  7.971   -1.711  1.00 19.80 ? 1057 ILE A CA  1 
ATOM   465  C C   . ILE A 1 62  ? -1.964  7.546   -2.044  1.00 18.77 ? 1057 ILE A C   1 
ATOM   466  O O   . ILE A 1 62  ? -1.575  7.481   -3.207  1.00 19.44 ? 1057 ILE A O   1 
ATOM   467  C CB  . ILE A 1 62  ? -4.350  6.832   -2.115  1.00 19.20 ? 1057 ILE A CB  1 
ATOM   468  C CG1 . ILE A 1 62  ? -5.809  7.137   -1.774  1.00 20.69 ? 1057 ILE A CG1 1 
ATOM   469  C CG2 . ILE A 1 62  ? -3.934  5.528   -1.429  1.00 18.39 ? 1057 ILE A CG2 1 
ATOM   470  C CD1 . ILE A 1 62  ? -6.816  6.181   -2.374  1.00 19.94 ? 1057 ILE A CD1 1 
ATOM   471  N N   . ASN A 1 63  ? -1.186  7.263   -1.011  1.00 19.13 ? 1058 ASN A N   1 
ATOM   472  C CA  . ASN A 1 63  ? 0.133   6.650   -1.161  1.00 21.71 ? 1058 ASN A CA  1 
ATOM   473  C C   . ASN A 1 63  ? 0.295   5.627   -0.037  1.00 22.47 ? 1058 ASN A C   1 
ATOM   474  O O   . ASN A 1 63  ? 0.861   5.916   1.016   1.00 24.26 ? 1058 ASN A O   1 
ATOM   475  C CB  . ASN A 1 63  ? 1.229   7.702   -1.143  1.00 23.80 ? 1058 ASN A CB  1 
ATOM   476  C CG  . ASN A 1 63  ? 2.633   7.179   -1.341  1.00 25.08 ? 1058 ASN A CG  1 
ATOM   477  O OD1 . ASN A 1 63  ? 2.899   5.978   -1.307  1.00 28.65 ? 1058 ASN A OD1 1 
ATOM   478  N ND2 . ASN A 1 63  ? 3.574   8.097   -1.552  1.00 27.33 ? 1058 ASN A ND2 1 
ATOM   479  N N   . SER A 1 64  ? -0.259  4.439   -0.259  1.00 18.41 ? 1059 SER A N   1 
ATOM   480  C CA  . SER A 1 64  ? -0.361  3.435   0.792   1.00 17.57 ? 1059 SER A CA  1 
ATOM   481  C C   . SER A 1 64  ? 0.470   2.201   0.460   1.00 18.78 ? 1059 SER A C   1 
ATOM   482  O O   . SER A 1 64  ? 0.217   1.527   -0.537  1.00 18.44 ? 1059 SER A O   1 
ATOM   483  C CB  . SER A 1 64  ? -1.823  3.042   1.008   1.00 17.89 ? 1059 SER A CB  1 
ATOM   484  O OG  . SER A 1 64  ? -1.947  2.048   2.009   1.00 19.92 ? 1059 SER A OG  1 
ATOM   485  N N   . THR A 1 65  ? 1.464   1.920   1.297   1.00 19.30 ? 1060 THR A N   1 
ATOM   486  C CA  . THR A 1 65  ? 2.305   0.746   1.098   1.00 17.43 ? 1060 THR A CA  1 
ATOM   487  C C   . THR A 1 65  ? 1.605   -0.495  1.641   1.00 18.44 ? 1060 THR A C   1 
ATOM   488  O O   . THR A 1 65  ? 1.307   -0.575  2.832   1.00 17.48 ? 1060 THR A O   1 
ATOM   489  C CB  . THR A 1 65  ? 3.683   0.908   1.762   1.00 19.25 ? 1060 THR A CB  1 
ATOM   490  O OG1 . THR A 1 65  ? 4.330   2.079   1.239   1.00 19.35 ? 1060 THR A OG1 1 
ATOM   491  C CG2 . THR A 1 65  ? 4.567   -0.302  1.492   1.00 21.34 ? 1060 THR A CG2 1 
ATOM   492  N N   . ILE A 1 66  ? 1.339   -1.449  0.756   1.00 16.54 ? 1061 ILE A N   1 
ATOM   493  C CA  . ILE A 1 66  ? 0.642   -2.670  1.155   1.00 19.56 ? 1061 ILE A CA  1 
ATOM   494  C C   . ILE A 1 66  ? 1.515   -3.492  2.093   1.00 21.01 ? 1061 ILE A C   1 
ATOM   495  O O   . ILE A 1 66  ? 2.694   -3.725  1.830   1.00 22.79 ? 1061 ILE A O   1 
ATOM   496  C CB  . ILE A 1 66  ? 0.214   -3.497  -0.070  1.00 20.46 ? 1061 ILE A CB  1 
ATOM   497  C CG1 . ILE A 1 66  ? -0.671  -2.640  -0.981  1.00 20.25 ? 1061 ILE A CG1 1 
ATOM   498  C CG2 . ILE A 1 66  ? -0.521  -4.760  0.354   1.00 20.94 ? 1061 ILE A CG2 1 
ATOM   499  C CD1 . ILE A 1 66  ? -0.883  -3.204  -2.366  1.00 25.39 ? 1061 ILE A CD1 1 
ATOM   500  N N   . THR A 1 67  ? 0.947   -3.875  3.231   1.00 20.48 ? 1062 THR A N   1 
ATOM   501  C CA  . THR A 1 67  ? 1.599   -4.801  4.148   1.00 21.33 ? 1062 THR A CA  1 
ATOM   502  C C   . THR A 1 67  ? 0.760   -6.070  4.252   1.00 23.09 ? 1062 THR A C   1 
ATOM   503  O O   . THR A 1 67  ? -0.443  -6.057  3.992   1.00 23.67 ? 1062 THR A O   1 
ATOM   504  C CB  . THR A 1 67  ? 1.809   -4.221  5.556   1.00 23.32 ? 1062 THR A CB  1 
ATOM   505  O OG1 . THR A 1 67  ? 0.550   -3.802  6.101   1.00 25.69 ? 1062 THR A OG1 1 
ATOM   506  C CG2 . THR A 1 67  ? 2.764   -3.037  5.539   1.00 23.61 ? 1062 THR A CG2 1 
ATOM   507  N N   . PRO A 1 68  ? 1.386   -7.165  4.673   1.00 24.93 ? 1063 PRO A N   1 
ATOM   508  C CA  . PRO A 1 68  ? 0.727   -8.448  4.800   1.00 28.34 ? 1063 PRO A CA  1 
ATOM   509  C C   . PRO A 1 68  ? -0.446  -8.484  5.762   1.00 29.34 ? 1063 PRO A C   1 
ATOM   510  O O   . PRO A 1 68  ? -1.394  -9.248  5.556   1.00 33.62 ? 1063 PRO A O   1 
ATOM   511  C CB  . PRO A 1 68  ? 1.836   -9.387  5.273   1.00 28.25 ? 1063 PRO A CB  1 
ATOM   512  C CG  . PRO A 1 68  ? 3.102   -8.771  4.799   1.00 28.77 ? 1063 PRO A CG  1 
ATOM   513  C CD  . PRO A 1 68  ? 2.865   -7.287  4.779   1.00 26.52 ? 1063 PRO A CD  1 
ATOM   514  N N   . ASN A 1 69  ? -0.416  -7.681  6.819   1.00 28.69 ? 1064 ASN A N   1 
ATOM   515  C CA  . ASN A 1 69  ? -1.442  -7.686  7.848   1.00 31.55 ? 1064 ASN A CA  1 
ATOM   516  C C   . ASN A 1 69  ? -2.552  -6.673  7.596   1.00 30.78 ? 1064 ASN A C   1 
ATOM   517  O O   . ASN A 1 69  ? -3.508  -6.610  8.373   1.00 31.53 ? 1064 ASN A O   1 
ATOM   518  C CB  . ASN A 1 69  ? -0.809  -7.430  9.221   1.00 32.72 ? 1064 ASN A CB  1 
ATOM   519  C CG  . ASN A 1 69  ? -0.047  -6.122  9.281   1.00 34.00 ? 1064 ASN A CG  1 
ATOM   520  N N   . MET A 1 70  ? -2.435  -5.875  6.541   1.00 25.51 ? 1065 MET A N   1 
ATOM   521  C CA  . MET A 1 70  ? -3.496  -4.950  6.165   1.00 23.51 ? 1065 MET A CA  1 
ATOM   522  C C   . MET A 1 70  ? -4.787  -5.700  5.848   1.00 23.92 ? 1065 MET A C   1 
ATOM   523  O O   . MET A 1 70  ? -4.754  -6.822  5.346   1.00 24.53 ? 1065 MET A O   1 
ATOM   524  C CB  . MET A 1 70  ? -3.098  -4.099  4.961   1.00 22.92 ? 1065 MET A CB  1 
ATOM   525  C CG  . MET A 1 70  ? -2.314  -2.842  5.298   1.00 23.58 ? 1065 MET A CG  1 
ATOM   526  S SD  . MET A 1 70  ? -1.985  -1.823  3.847   1.00 20.16 ? 1065 MET A SD  1 
ATOM   527  C CE  . MET A 1 70  ? -1.305  -0.353  4.613   1.00 21.08 ? 1065 MET A CE  1 
ATOM   528  N N   . THR A 1 71  ? -5.920  -5.075  6.146   1.00 22.17 ? 1066 THR A N   1 
ATOM   529  C CA  . THR A 1 71  ? -7.219  -5.660  5.843   1.00 25.14 ? 1066 THR A CA  1 
ATOM   530  C C   . THR A 1 71  ? -8.074  -4.693  5.029   1.00 23.25 ? 1066 THR A C   1 
ATOM   531  O O   . THR A 1 71  ? -8.281  -3.549  5.431   1.00 21.95 ? 1066 THR A O   1 
ATOM   532  C CB  . THR A 1 71  ? -7.983  -6.055  7.121   1.00 28.16 ? 1066 THR A CB  1 
ATOM   533  O OG1 . THR A 1 71  ? -7.178  -6.932  7.921   1.00 31.69 ? 1066 THR A OG1 1 
ATOM   534  C CG2 . THR A 1 71  ? -9.284  -6.765  6.779   1.00 29.29 ? 1066 THR A CG2 1 
ATOM   535  N N   . PHE A 1 72  ? -8.555  -5.153  3.878   1.00 19.49 ? 1067 PHE A N   1 
ATOM   536  C CA  . PHE A 1 72  ? -9.581  -4.421  3.141   1.00 18.84 ? 1067 PHE A CA  1 
ATOM   537  C C   . PHE A 1 72  ? -10.951 -5.028  3.435   1.00 19.95 ? 1067 PHE A C   1 
ATOM   538  O O   . PHE A 1 72  ? -11.172 -6.211  3.175   1.00 20.66 ? 1067 PHE A O   1 
ATOM   539  C CB  . PHE A 1 72  ? -9.307  -4.433  1.639   1.00 19.25 ? 1067 PHE A CB  1 
ATOM   540  C CG  . PHE A 1 72  ? -10.256 -3.585  0.840   1.00 19.89 ? 1067 PHE A CG  1 
ATOM   541  C CD1 . PHE A 1 72  ? -9.968  -2.255  0.588   1.00 18.21 ? 1067 PHE A CD1 1 
ATOM   542  C CD2 . PHE A 1 72  ? -11.435 -4.115  0.341   1.00 20.69 ? 1067 PHE A CD2 1 
ATOM   543  C CE1 . PHE A 1 72  ? -10.836 -1.469  -0.146  1.00 18.29 ? 1067 PHE A CE1 1 
ATOM   544  C CE2 . PHE A 1 72  ? -12.308 -3.336  -0.391  1.00 20.38 ? 1067 PHE A CE2 1 
ATOM   545  C CZ  . PHE A 1 72  ? -12.005 -2.013  -0.639  1.00 19.36 ? 1067 PHE A CZ  1 
ATOM   546  N N   . THR A 1 73  ? -11.857 -4.218  3.969   1.00 18.90 ? 1068 THR A N   1 
ATOM   547  C CA  . THR A 1 73  ? -13.189 -4.697  4.317   1.00 18.53 ? 1068 THR A CA  1 
ATOM   548  C C   . THR A 1 73  ? -14.261 -4.042  3.453   1.00 18.46 ? 1068 THR A C   1 
ATOM   549  O O   . THR A 1 73  ? -14.290 -2.821  3.306   1.00 18.73 ? 1068 THR A O   1 
ATOM   550  C CB  . THR A 1 73  ? -13.504 -4.443  5.802   1.00 17.40 ? 1068 THR A CB  1 
ATOM   551  O OG1 . THR A 1 73  ? -12.431 -4.945  6.612   1.00 19.78 ? 1068 THR A OG1 1 
ATOM   552  C CG2 . THR A 1 73  ? -14.795 -5.137  6.208   1.00 18.63 ? 1068 THR A CG2 1 
ATOM   553  N N   . LYS A 1 74  ? -15.129 -4.858  2.865   1.00 17.34 ? 1069 LYS A N   1 
ATOM   554  C CA  . LYS A 1 74  ? -16.366 -4.346  2.271   1.00 17.47 ? 1069 LYS A CA  1 
ATOM   555  C C   . LYS A 1 74  ? -17.405 -4.152  3.372   1.00 19.09 ? 1069 LYS A C   1 
ATOM   556  O O   . LYS A 1 74  ? -17.674 -5.081  4.136   1.00 18.58 ? 1069 LYS A O   1 
ATOM   557  C CB  . LYS A 1 74  ? -16.880 -5.297  1.193   1.00 18.02 ? 1069 LYS A CB  1 
ATOM   558  C CG  . LYS A 1 74  ? -15.906 -5.523  0.048   1.00 17.84 ? 1069 LYS A CG  1 
ATOM   559  C CD  . LYS A 1 74  ? -16.469 -6.449  -1.014  1.00 21.53 ? 1069 LYS A CD  1 
ATOM   560  C CE  . LYS A 1 74  ? -16.515 -7.894  -0.548  1.00 22.89 ? 1069 LYS A CE  1 
ATOM   561  N NZ  . LYS A 1 74  ? -17.051 -8.800  -1.602  1.00 22.39 ? 1069 LYS A NZ  1 
ATOM   562  N N   . THR A 1 75  ? -17.962 -2.949  3.486   1.00 18.39 ? 1070 THR A N   1 
ATOM   563  C CA  . THR A 1 75  ? -18.748 -2.581  4.655   1.00 20.24 ? 1070 THR A CA  1 
ATOM   564  C C   . THR A 1 75  ? -20.112 -2.003  4.299   1.00 21.44 ? 1070 THR A C   1 
ATOM   565  O O   . THR A 1 75  ? -20.966 -1.849  5.175   1.00 23.03 ? 1070 THR A O   1 
ATOM   566  C CB  . THR A 1 75  ? -18.025 -1.536  5.532   1.00 21.79 ? 1070 THR A CB  1 
ATOM   567  O OG1 . THR A 1 75  ? -17.463 -0.517  4.686   1.00 21.43 ? 1070 THR A OG1 1 
ATOM   568  C CG2 . THR A 1 75  ? -16.928 -2.158  6.381   1.00 22.23 ? 1070 THR A CG2 1 
ATOM   569  N N   . SER A 1 76  ? -20.308 -1.645  3.037   1.00 22.15 ? 1071 SER A N   1 
ATOM   570  C CA  . SER A 1 76  ? -21.589 -1.117  2.581   1.00 24.14 ? 1071 SER A CA  1 
ATOM   571  C C   . SER A 1 76  ? -21.657 -1.136  1.057   1.00 26.92 ? 1071 SER A C   1 
ATOM   572  O O   . SER A 1 76  ? -20.679 -1.519  0.411   1.00 24.86 ? 1071 SER A O   1 
ATOM   573  C CB  . SER A 1 76  ? -21.816 0.297   3.110   1.00 26.31 ? 1071 SER A CB  1 
ATOM   574  O OG  . SER A 1 76  ? -20.798 1.182   2.677   1.00 27.48 ? 1071 SER A OG  1 
ATOM   575  N N   . GLN A 1 77  ? -22.794 -0.726  0.497   1.00 28.06 ? 1072 GLN A N   1 
ATOM   576  C CA  . GLN A 1 77  ? -22.973 -0.843  -0.949  1.00 27.31 ? 1072 GLN A CA  1 
ATOM   577  C C   . GLN A 1 77  ? -21.859 -0.094  -1.664  1.00 25.37 ? 1072 GLN A C   1 
ATOM   578  O O   . GLN A 1 77  ? -21.590 1.077   -1.394  1.00 27.02 ? 1072 GLN A O   1 
ATOM   579  C CB  . GLN A 1 77  ? -24.338 -0.333  -1.411  1.00 29.63 ? 1072 GLN A CB  1 
ATOM   580  C CG  . GLN A 1 77  ? -24.602 -0.599  -2.886  1.00 33.31 ? 1072 GLN A CG  1 
ATOM   581  C CD  . GLN A 1 77  ? -25.869 0.044   -3.403  1.00 36.05 ? 1072 GLN A CD  1 
ATOM   582  O OE1 . GLN A 1 77  ? -26.075 1.249   -3.254  1.00 38.47 ? 1072 GLN A OE1 1 
ATOM   583  N NE2 . GLN A 1 77  ? -26.730 -0.754  -4.024  1.00 35.88 ? 1072 GLN A NE2 1 
ATOM   584  N N   . LYS A 1 78  ? -21.115 -0.790  -2.516  1.00 22.18 ? 1073 LYS A N   1 
ATOM   585  C CA  . LYS A 1 78  ? -20.080 -0.218  -3.360  1.00 23.53 ? 1073 LYS A CA  1 
ATOM   586  C C   . LYS A 1 78  ? -18.943 0.481   -2.635  1.00 23.92 ? 1073 LYS A C   1 
ATOM   587  O O   . LYS A 1 78  ? -18.174 1.223   -3.259  1.00 23.76 ? 1073 LYS A O   1 
ATOM   588  C CB  . LYS A 1 78  ? -20.734 0.757   -4.362  1.00 25.86 ? 1073 LYS A CB  1 
ATOM   589  C CG  . LYS A 1 78  ? -21.667 0.061   -5.335  1.00 30.44 ? 1073 LYS A CG  1 
ATOM   590  C CD  . LYS A 1 78  ? -22.229 0.985   -6.395  1.00 33.12 ? 1073 LYS A CD  1 
ATOM   591  C CE  . LYS A 1 78  ? -23.466 1.732   -5.917  1.00 35.97 ? 1073 LYS A CE  1 
ATOM   592  N NZ  . LYS A 1 78  ? -24.208 2.374   -7.058  1.00 37.59 ? 1073 LYS A NZ  1 
ATOM   593  N N   . PHE A 1 79  ? -18.754 0.240   -1.346  1.00 21.51 ? 1074 PHE A N   1 
ATOM   594  C CA  . PHE A 1 79  ? -17.801 0.954   -0.521  1.00 20.06 ? 1074 PHE A CA  1 
ATOM   595  C C   . PHE A 1 79  ? -16.960 -0.027  0.293   1.00 20.46 ? 1074 PHE A C   1 
ATOM   596  O O   . PHE A 1 79  ? -17.478 -0.975  0.880   1.00 19.49 ? 1074 PHE A O   1 
ATOM   597  C CB  . PHE A 1 79  ? -18.510 1.934   0.421   1.00 20.36 ? 1074 PHE A CB  1 
ATOM   598  C CG  . PHE A 1 79  ? -17.575 2.702   1.313   1.00 20.60 ? 1074 PHE A CG  1 
ATOM   599  C CD1 . PHE A 1 79  ? -16.988 3.876   0.873   1.00 19.76 ? 1074 PHE A CD1 1 
ATOM   600  C CD2 . PHE A 1 79  ? -17.280 2.251   2.590   1.00 19.80 ? 1074 PHE A CD2 1 
ATOM   601  C CE1 . PHE A 1 79  ? -16.124 4.585   1.684   1.00 20.80 ? 1074 PHE A CE1 1 
ATOM   602  C CE2 . PHE A 1 79  ? -16.416 2.955   3.406   1.00 20.15 ? 1074 PHE A CE2 1 
ATOM   603  C CZ  . PHE A 1 79  ? -15.837 4.124   2.953   1.00 21.17 ? 1074 PHE A CZ  1 
ATOM   604  N N   . GLY A 1 80  ? -15.658 0.224   0.316   1.00 18.42 ? 1075 GLY A N   1 
ATOM   605  C CA  . GLY A 1 80  ? -14.734 -0.602  1.086   1.00 16.82 ? 1075 GLY A CA  1 
ATOM   606  C C   . GLY A 1 80  ? -13.654 0.280   1.709   1.00 17.49 ? 1075 GLY A C   1 
ATOM   607  O O   . GLY A 1 80  ? -13.451 1.415   1.279   1.00 17.59 ? 1075 GLY A O   1 
ATOM   608  N N   . GLN A 1 81  ? -12.948 -0.268  2.692   1.00 17.07 ? 1076 GLN A N   1 
ATOM   609  C CA  . GLN A 1 81  ? -11.997 0.527   3.458   1.00 16.09 ? 1076 GLN A CA  1 
ATOM   610  C C   . GLN A 1 81  ? -10.833 -0.306  3.978   1.00 16.94 ? 1076 GLN A C   1 
ATOM   611  O O   . GLN A 1 81  ? -10.957 -1.510  4.192   1.00 17.18 ? 1076 GLN A O   1 
ATOM   612  C CB  . GLN A 1 81  ? -12.721 1.195   4.635   1.00 15.89 ? 1076 GLN A CB  1 
ATOM   613  C CG  . GLN A 1 81  ? -13.413 0.211   5.564   1.00 18.77 ? 1076 GLN A CG  1 
ATOM   614  C CD  . GLN A 1 81  ? -14.194 0.892   6.668   1.00 20.15 ? 1076 GLN A CD  1 
ATOM   615  O OE1 . GLN A 1 81  ? -15.419 1.000   6.603   1.00 23.20 ? 1076 GLN A OE1 1 
ATOM   616  N NE2 . GLN A 1 81  ? -13.489 1.359   7.693   1.00 19.69 ? 1076 GLN A NE2 1 
ATOM   617  N N   . TRP A 1 82  ? -9.696  0.355   4.178   1.00 15.97 ? 1077 TRP A N   1 
ATOM   618  C CA  . TRP A 1 82  ? -8.569  -0.271  4.861   1.00 16.84 ? 1077 TRP A CA  1 
ATOM   619  C C   . TRP A 1 82  ? -7.875  0.752   5.757   1.00 17.28 ? 1077 TRP A C   1 
ATOM   620  O O   . TRP A 1 82  ? -7.818  1.937   5.430   1.00 17.49 ? 1077 TRP A O   1 
ATOM   621  C CB  . TRP A 1 82  ? -7.599  -0.909  3.884   1.00 15.75 ? 1077 TRP A CB  1 
ATOM   622  C CG  . TRP A 1 82  ? -6.701  -0.011  3.099   1.00 15.24 ? 1077 TRP A CG  1 
ATOM   623  C CD1 . TRP A 1 82  ? -5.383  0.245   3.354   1.00 15.68 ? 1077 TRP A CD1 1 
ATOM   624  C CD2 . TRP A 1 82  ? -7.030  0.738   1.924   1.00 16.41 ? 1077 TRP A CD2 1 
ATOM   625  N NE1 . TRP A 1 82  ? -4.876  1.110   2.416   1.00 16.78 ? 1077 TRP A NE1 1 
ATOM   626  C CE2 . TRP A 1 82  ? -5.869  1.428   1.526   1.00 15.88 ? 1077 TRP A CE2 1 
ATOM   627  C CE3 . TRP A 1 82  ? -8.199  0.894   1.172   1.00 16.27 ? 1077 TRP A CE3 1 
ATOM   628  C CZ2 . TRP A 1 82  ? -5.841  2.262   0.409   1.00 17.28 ? 1077 TRP A CZ2 1 
ATOM   629  C CZ3 . TRP A 1 82  ? -8.169  1.722   0.065   1.00 17.88 ? 1077 TRP A CZ3 1 
ATOM   630  C CH2 . TRP A 1 82  ? -6.997  2.395   -0.307  1.00 17.07 ? 1077 TRP A CH2 1 
ATOM   631  N N   . ALA A 1 83  ? -7.387  0.289   6.902   1.00 18.03 ? 1078 ALA A N   1 
ATOM   632  C CA  . ALA A 1 83  ? -6.582  1.136   7.775   1.00 19.21 ? 1078 ALA A CA  1 
ATOM   633  C C   . ALA A 1 83  ? -5.111  1.063   7.380   1.00 18.52 ? 1078 ALA A C   1 
ATOM   634  O O   . ALA A 1 83  ? -4.588  -0.009  7.077   1.00 18.79 ? 1078 ALA A O   1 
ATOM   635  C CB  . ALA A 1 83  ? -6.766  0.725   9.228   1.00 20.66 ? 1078 ALA A CB  1 
ATOM   636  N N   . ASP A 1 84  ? -4.453  2.215   7.371   1.00 15.99 ? 1079 ASP A N   1 
ATOM   637  C CA  . ASP A 1 84  ? -3.020  2.282   7.086   1.00 17.29 ? 1079 ASP A CA  1 
ATOM   638  C C   . ASP A 1 84  ? -2.301  2.860   8.299   1.00 17.92 ? 1079 ASP A C   1 
ATOM   639  O O   . ASP A 1 84  ? -2.284  4.070   8.519   1.00 18.22 ? 1079 ASP A O   1 
ATOM   640  C CB  . ASP A 1 84  ? -2.770  3.107   5.833   1.00 17.17 ? 1079 ASP A CB  1 
ATOM   641  C CG  . ASP A 1 84  ? -1.339  3.164   5.351   1.00 19.40 ? 1079 ASP A CG  1 
ATOM   642  O OD1 . ASP A 1 84  ? -0.396  2.973   6.146   1.00 17.96 ? 1079 ASP A OD1 1 
ATOM   643  O OD2 . ASP A 1 84  ? -1.138  3.415   4.140   1.00 17.95 ? 1079 ASP A OD2 1 
ATOM   644  N N   . SER A 1 85  ? -1.685  1.985   9.087   1.00 18.50 ? 1080 SER A N   1 
ATOM   645  C CA  . SER A 1 85  ? -0.980  2.375   10.300  1.00 21.66 ? 1080 SER A CA  1 
ATOM   646  C C   . SER A 1 85  ? 0.211   3.283   10.025  1.00 20.12 ? 1080 SER A C   1 
ATOM   647  O O   . SER A 1 85  ? 0.503   4.185   10.812  1.00 19.83 ? 1080 SER A O   1 
ATOM   648  C CB  . SER A 1 85  ? -0.517  1.131   11.065  1.00 23.63 ? 1080 SER A CB  1 
ATOM   649  O OG  . SER A 1 85  ? -1.623  0.343   11.470  1.00 31.37 ? 1080 SER A OG  1 
ATOM   650  N N   . ARG A 1 86  ? 0.911   3.049   8.920   1.00 18.73 ? 1081 ARG A N   1 
ATOM   651  C CA  . ARG A 1 86  ? 2.083   3.832   8.558   1.00 17.02 ? 1081 ARG A CA  1 
ATOM   652  C C   . ARG A 1 86  ? 1.695   5.256   8.183   1.00 16.83 ? 1081 ARG A C   1 
ATOM   653  O O   . ARG A 1 86  ? 2.302   6.225   8.635   1.00 18.91 ? 1081 ARG A O   1 
ATOM   654  C CB  . ARG A 1 86  ? 2.833   3.159   7.408   1.00 19.03 ? 1081 ARG A CB  1 
ATOM   655  C CG  . ARG A 1 86  ? 4.064   3.911   6.926   1.00 18.40 ? 1081 ARG A CG  1 
ATOM   656  C CD  . ARG A 1 86  ? 4.857   3.086   5.922   1.00 21.58 ? 1081 ARG A CD  1 
ATOM   657  N NE  . ARG A 1 86  ? 6.040   3.794   5.450   1.00 21.68 ? 1081 ARG A NE  1 
ATOM   658  C CZ  . ARG A 1 86  ? 7.084   3.232   4.856   1.00 25.85 ? 1081 ARG A CZ  1 
ATOM   659  N NH1 . ARG A 1 86  ? 7.124   1.924   4.647   1.00 25.61 ? 1081 ARG A NH1 1 
ATOM   660  N NH2 . ARG A 1 86  ? 8.107   3.985   4.468   1.00 26.89 ? 1081 ARG A NH2 1 
ATOM   661  N N   . ALA A 1 87  ? 0.633   5.387   7.390   1.00 16.75 ? 1082 ALA A N   1 
ATOM   662  C CA  . ALA A 1 87  ? 0.107   6.684   6.989   1.00 17.38 ? 1082 ALA A CA  1 
ATOM   663  C C   . ALA A 1 87  ? -0.764  7.309   8.071   1.00 19.03 ? 1082 ALA A C   1 
ATOM   664  O O   . ALA A 1 87  ? -1.182  8.462   7.965   1.00 19.62 ? 1082 ALA A O   1 
ATOM   665  C CB  . ALA A 1 87  ? -0.679  6.559   5.690   1.00 20.55 ? 1082 ALA A CB  1 
ATOM   666  N N   . ASN A 1 88  ? -1.086  6.546   9.108   1.00 17.81 ? 1083 ASN A N   1 
ATOM   667  C CA  . ASN A 1 88  ? -1.965  6.961   10.185  1.00 20.53 ? 1083 ASN A CA  1 
ATOM   668  C C   . ASN A 1 88  ? -3.268  7.541   9.655   1.00 19.34 ? 1083 ASN A C   1 
ATOM   669  O O   . ASN A 1 88  ? -3.707  8.622   10.034  1.00 18.09 ? 1083 ASN A O   1 
ATOM   670  C CB  . ASN A 1 88  ? -1.252  7.941   11.120  1.00 23.23 ? 1083 ASN A CB  1 
ATOM   671  C CG  . ASN A 1 88  ? -0.267  7.239   12.036  1.00 25.43 ? 1083 ASN A CG  1 
ATOM   672  O OD1 . ASN A 1 88  ? -0.610  6.252   12.689  1.00 25.79 ? 1083 ASN A OD1 1 
ATOM   673  N ND2 . ASN A 1 88  ? 0.960   7.744   12.090  1.00 26.77 ? 1083 ASN A ND2 1 
ATOM   674  N N   . THR A 1 89  ? -3.899  6.819   8.737   1.00 17.94 ? 1084 THR A N   1 
ATOM   675  C CA  . THR A 1 89  ? -5.094  7.244   8.036   1.00 17.12 ? 1084 THR A CA  1 
ATOM   676  C C   . THR A 1 89  ? -5.901  5.995   7.665   1.00 17.99 ? 1084 THR A C   1 
ATOM   677  O O   . THR A 1 89  ? -5.316  4.948   7.386   1.00 17.69 ? 1084 THR A O   1 
ATOM   678  C CB  . THR A 1 89  ? -4.815  8.017   6.735   1.00 20.01 ? 1084 THR A CB  1 
ATOM   679  O OG1 . THR A 1 89  ? -3.934  9.129   6.941   1.00 20.08 ? 1084 THR A OG1 1 
ATOM   680  C CG2 . THR A 1 89  ? -6.111  8.562   6.140   1.00 20.88 ? 1084 THR A CG2 1 
ATOM   681  N N   . VAL A 1 90  ? -7.222  6.107   7.687   1.00 17.34 ? 1085 VAL A N   1 
ATOM   682  C CA  . VAL A 1 90  ? -8.068  5.065   7.110   1.00 15.28 ? 1085 VAL A CA  1 
ATOM   683  C C   . VAL A 1 90  ? -8.546  5.533   5.738   1.00 15.84 ? 1085 VAL A C   1 
ATOM   684  O O   . VAL A 1 90  ? -9.024  6.662   5.619   1.00 17.34 ? 1085 VAL A O   1 
ATOM   685  C CB  . VAL A 1 90  ? -9.274  4.727   7.998   1.00 17.82 ? 1085 VAL A CB  1 
ATOM   686  C CG1 . VAL A 1 90  ? -10.078 3.575   7.409   1.00 16.90 ? 1085 VAL A CG1 1 
ATOM   687  C CG2 . VAL A 1 90  ? -8.832  4.387   9.414   1.00 17.57 ? 1085 VAL A CG2 1 
ATOM   688  N N   . TYR A 1 91  ? -8.388  4.697   4.718   1.00 14.66 ? 1086 TYR A N   1 
ATOM   689  C CA  . TYR A 1 91  ? -8.863  5.055   3.386   1.00 14.76 ? 1086 TYR A CA  1 
ATOM   690  C C   . TYR A 1 91  ? -10.150 4.315   3.042   1.00 15.41 ? 1086 TYR A C   1 
ATOM   691  O O   . TYR A 1 91  ? -10.332 3.154   3.404   1.00 19.47 ? 1086 TYR A O   1 
ATOM   692  C CB  . TYR A 1 91  ? -7.793  4.784   2.319   1.00 14.68 ? 1086 TYR A CB  1 
ATOM   693  C CG  . TYR A 1 91  ? -6.543  5.610   2.549   1.00 16.56 ? 1086 TYR A CG  1 
ATOM   694  C CD1 . TYR A 1 91  ? -6.522  6.963   2.240   1.00 18.99 ? 1086 TYR A CD1 1 
ATOM   695  C CD2 . TYR A 1 91  ? -5.398  5.040   3.088   1.00 19.51 ? 1086 TYR A CD2 1 
ATOM   696  C CE1 . TYR A 1 91  ? -5.390  7.727   2.458   1.00 21.97 ? 1086 TYR A CE1 1 
ATOM   697  C CE2 . TYR A 1 91  ? -4.262  5.796   3.307   1.00 19.87 ? 1086 TYR A CE2 1 
ATOM   698  C CZ  . TYR A 1 91  ? -4.264  7.137   2.991   1.00 21.53 ? 1086 TYR A CZ  1 
ATOM   699  O OH  . TYR A 1 91  ? -3.136  7.893   3.208   1.00 24.56 ? 1086 TYR A OH  1 
ATOM   700  N N   . GLY A 1 92  ? -11.046 5.008   2.350   1.00 15.86 ? 1087 GLY A N   1 
ATOM   701  C CA  . GLY A 1 92  ? -12.299 4.414   1.895   1.00 18.18 ? 1087 GLY A CA  1 
ATOM   702  C C   . GLY A 1 92  ? -12.497 4.708   0.410   1.00 19.43 ? 1087 GLY A C   1 
ATOM   703  O O   . GLY A 1 92  ? -12.160 5.794   -0.061  1.00 20.60 ? 1087 GLY A O   1 
ATOM   704  N N   . LEU A 1 93  ? -13.015 3.729   -0.324  1.00 19.60 ? 1088 LEU A N   1 
ATOM   705  C CA  . LEU A 1 93  ? -13.268 3.899   -1.749  1.00 20.19 ? 1088 LEU A CA  1 
ATOM   706  C C   . LEU A 1 93  ? -14.732 3.636   -2.092  1.00 19.16 ? 1088 LEU A C   1 
ATOM   707  O O   . LEU A 1 93  ? -15.278 2.587   -1.749  1.00 18.83 ? 1088 LEU A O   1 
ATOM   708  C CB  . LEU A 1 93  ? -12.379 2.973   -2.579  1.00 18.92 ? 1088 LEU A CB  1 
ATOM   709  C CG  . LEU A 1 93  ? -10.864 3.153   -2.498  1.00 19.17 ? 1088 LEU A CG  1 
ATOM   710  C CD1 . LEU A 1 93  ? -10.154 2.077   -3.306  1.00 19.95 ? 1088 LEU A CD1 1 
ATOM   711  C CD2 . LEU A 1 93  ? -10.447 4.537   -2.976  1.00 20.23 ? 1088 LEU A CD2 1 
ATOM   712  N N   . GLY A 1 94  ? -15.364 4.593   -2.761  1.00 19.06 ? 1089 GLY A N   1 
ATOM   713  C CA  . GLY A 1 94  ? -16.713 4.395   -3.288  1.00 20.23 ? 1089 GLY A CA  1 
ATOM   714  C C   . GLY A 1 94  ? -16.642 4.036   -4.771  1.00 22.11 ? 1089 GLY A C   1 
ATOM   715  O O   . GLY A 1 94  ? -16.155 4.825   -5.580  1.00 21.97 ? 1089 GLY A O   1 
ATOM   716  N N   . PHE A 1 95  ? -17.123 2.849   -5.120  1.00 21.71 ? 1090 PHE A N   1 
ATOM   717  C CA  . PHE A 1 95  ? -17.017 2.349   -6.486  1.00 23.61 ? 1090 PHE A CA  1 
ATOM   718  C C   . PHE A 1 95  ? -18.281 2.621   -7.288  1.00 24.50 ? 1090 PHE A C   1 
ATOM   719  O O   . PHE A 1 95  ? -19.322 2.973   -6.734  1.00 26.98 ? 1090 PHE A O   1 
ATOM   720  C CB  . PHE A 1 95  ? -16.689 0.850   -6.478  1.00 22.05 ? 1090 PHE A CB  1 
ATOM   721  C CG  . PHE A 1 95  ? -15.349 0.557   -5.860  1.00 23.34 ? 1090 PHE A CG  1 
ATOM   722  C CD1 . PHE A 1 95  ? -14.211 0.485   -6.644  1.00 23.85 ? 1090 PHE A CD1 1 
ATOM   723  C CD2 . PHE A 1 95  ? -15.228 0.365   -4.493  1.00 23.44 ? 1090 PHE A CD2 1 
ATOM   724  C CE1 . PHE A 1 95  ? -12.978 0.221   -6.079  1.00 24.31 ? 1090 PHE A CE1 1 
ATOM   725  C CE2 . PHE A 1 95  ? -13.999 0.101   -3.923  1.00 23.82 ? 1090 PHE A CE2 1 
ATOM   726  C CZ  . PHE A 1 95  ? -12.872 0.030   -4.717  1.00 23.00 ? 1090 PHE A CZ  1 
ATOM   727  N N   . SER A 1 96  ? -18.198 2.440   -8.604  1.00 26.52 ? 1091 SER A N   1 
ATOM   728  C CA  . SER A 1 96  ? -19.329 2.668   -9.493  1.00 28.79 ? 1091 SER A CA  1 
ATOM   729  C C   . SER A 1 96  ? -20.262 1.465   -9.564  1.00 29.40 ? 1091 SER A C   1 
ATOM   730  O O   . SER A 1 96  ? -21.418 1.601   -9.970  1.00 29.75 ? 1091 SER A O   1 
ATOM   731  C CB  . SER A 1 96  ? -18.844 3.033   -10.898 1.00 27.50 ? 1091 SER A CB  1 
ATOM   732  O OG  . SER A 1 96  ? -18.191 1.938   -11.513 1.00 31.49 ? 1091 SER A OG  1 
ATOM   733  N N   . SER A 1 97  ? -19.774 0.291   -9.181  1.00 28.47 ? 1092 SER A N   1 
ATOM   734  C CA  . SER A 1 97  ? -20.611 -0.897  -9.082  1.00 27.72 ? 1092 SER A CA  1 
ATOM   735  C C   . SER A 1 97  ? -20.071 -1.862  -8.032  1.00 28.37 ? 1092 SER A C   1 
ATOM   736  O O   . SER A 1 97  ? -18.911 -1.777  -7.631  1.00 26.27 ? 1092 SER A O   1 
ATOM   737  C CB  . SER A 1 97  ? -20.703 -1.604  -10.435 1.00 28.15 ? 1092 SER A CB  1 
ATOM   738  O OG  . SER A 1 97  ? -19.446 -2.143  -10.811 1.00 29.59 ? 1092 SER A OG  1 
ATOM   739  N N   . GLU A 1 98  ? -20.904 -2.810  -7.608  1.00 25.51 ? 1093 GLU A N   1 
ATOM   740  C CA  . GLU A 1 98  ? -20.467 -3.898  -6.742  1.00 25.40 ? 1093 GLU A CA  1 
ATOM   741  C C   . GLU A 1 98  ? -19.379 -4.753  -7.377  1.00 24.32 ? 1093 GLU A C   1 
ATOM   742  O O   . GLU A 1 98  ? -18.484 -5.222  -6.666  1.00 22.48 ? 1093 GLU A O   1 
ATOM   743  C CB  . GLU A 1 98  ? -21.650 -4.775  -6.325  1.00 26.80 ? 1093 GLU A CB  1 
ATOM   744  C CG  . GLU A 1 98  ? -21.382 -5.652  -5.117  1.00 29.31 ? 1093 GLU A CG  1 
ATOM   745  C CD  . GLU A 1 98  ? -20.628 -6.932  -5.408  1.00 30.11 ? 1093 GLU A CD  1 
ATOM   746  O OE1 . GLU A 1 98  ? -20.629 -7.388  -6.573  1.00 32.18 ? 1093 GLU A OE1 1 
ATOM   747  O OE2 . GLU A 1 98  ? -20.016 -7.489  -4.471  1.00 31.71 ? 1093 GLU A OE2 1 
ATOM   748  N N   . HIS A 1 99  ? -19.422 -4.976  -8.687  1.00 22.76 ? 1094 HIS A N   1 
ATOM   749  C CA  . HIS A 1 99  ? -18.363 -5.695  -9.378  1.00 24.77 ? 1094 HIS A CA  1 
ATOM   750  C C   . HIS A 1 99  ? -16.992 -5.068  -9.152  1.00 21.51 ? 1094 HIS A C   1 
ATOM   751  O O   . HIS A 1 99  ? -16.030 -5.793  -8.876  1.00 20.96 ? 1094 HIS A O   1 
ATOM   752  C CB  . HIS A 1 99  ? -18.648 -5.816  -10.885 1.00 28.69 ? 1094 HIS A CB  1 
ATOM   753  C CG  . HIS A 1 99  ? -17.516 -6.495  -11.603 1.00 32.16 ? 1094 HIS A CG  1 
ATOM   754  N ND1 . HIS A 1 99  ? -16.563 -5.796  -12.309 1.00 34.98 ? 1094 HIS A ND1 1 
ATOM   755  C CD2 . HIS A 1 99  ? -17.171 -7.801  -11.689 1.00 34.58 ? 1094 HIS A CD2 1 
ATOM   756  C CE1 . HIS A 1 99  ? -15.686 -6.643  -12.816 1.00 34.02 ? 1094 HIS A CE1 1 
ATOM   757  N NE2 . HIS A 1 99  ? -16.031 -7.866  -12.454 1.00 37.01 ? 1094 HIS A NE2 1 
ATOM   758  N N   . HIS A 1 100 ? -16.875 -3.749  -9.274  1.00 20.75 ? 1095 HIS A N   1 
ATOM   759  C CA  . HIS A 1 100 ? -15.597 -3.073  -9.100  1.00 21.91 ? 1095 HIS A CA  1 
ATOM   760  C C   . HIS A 1 100 ? -15.128 -3.099  -7.650  1.00 21.74 ? 1095 HIS A C   1 
ATOM   761  O O   . HIS A 1 100 ? -13.933 -3.245  -7.386  1.00 21.34 ? 1095 HIS A O   1 
ATOM   762  C CB  . HIS A 1 100 ? -15.653 -1.631  -9.607  1.00 23.23 ? 1095 HIS A CB  1 
ATOM   763  C CG  . HIS A 1 100 ? -15.810 -1.514  -11.091 1.00 26.81 ? 1095 HIS A CG  1 
ATOM   764  N ND1 . HIS A 1 100 ? -14.969 -2.147  -11.980 1.00 28.91 ? 1095 HIS A ND1 1 
ATOM   765  C CD2 . HIS A 1 100 ? -16.702 -0.827  -11.844 1.00 28.97 ? 1095 HIS A CD2 1 
ATOM   766  C CE1 . HIS A 1 100 ? -15.339 -1.864  -13.214 1.00 29.89 ? 1095 HIS A CE1 1 
ATOM   767  N NE2 . HIS A 1 100 ? -16.389 -1.063  -13.161 1.00 29.55 ? 1095 HIS A NE2 1 
ATOM   768  N N   . LEU A 1 101 ? -16.052 -2.959  -6.706  1.00 20.67 ? 1096 LEU A N   1 
ATOM   769  C CA  . LEU A 1 101 ? -15.743 -3.129  -5.293  1.00 20.42 ? 1096 LEU A CA  1 
ATOM   770  C C   . LEU A 1 101 ? -15.123 -4.491  -5.004  1.00 20.65 ? 1096 LEU A C   1 
ATOM   771  O O   . LEU A 1 101 ? -14.066 -4.578  -4.378  1.00 19.80 ? 1096 LEU A O   1 
ATOM   772  C CB  . LEU A 1 101 ? -16.999 -2.940  -4.437  1.00 21.08 ? 1096 LEU A CB  1 
ATOM   773  C CG  . LEU A 1 101 ? -16.897 -3.350  -2.965  1.00 21.87 ? 1096 LEU A CG  1 
ATOM   774  C CD1 . LEU A 1 101 ? -15.843 -2.527  -2.241  1.00 22.46 ? 1096 LEU A CD1 1 
ATOM   775  C CD2 . LEU A 1 101 ? -18.248 -3.229  -2.275  1.00 20.08 ? 1096 LEU A CD2 1 
ATOM   776  N N   . SER A 1 102 ? -15.774 -5.558  -5.456  1.00 21.51 ? 1097 SER A N   1 
ATOM   777  C CA  . SER A 1 102 ? -15.314 -6.915  -5.204  1.00 21.15 ? 1097 SER A CA  1 
ATOM   778  C C   . SER A 1 102 ? -14.002 -7.225  -5.911  1.00 21.12 ? 1097 SER A C   1 
ATOM   779  O O   . SER A 1 102 ? -13.148 -7.920  -5.356  1.00 20.68 ? 1097 SER A O   1 
ATOM   780  C CB  . SER A 1 102 ? -16.381 -7.932  -5.617  1.00 24.87 ? 1097 SER A CB  1 
ATOM   781  O OG  . SER A 1 102 ? -17.484 -7.892  -4.728  1.00 25.67 ? 1097 SER A OG  1 
ATOM   782  N N   . LYS A 1 103 ? -13.828 -6.712  -7.125  1.00 21.01 ? 1098 LYS A N   1 
ATOM   783  C CA  . LYS A 1 103 ? -12.587 -6.899  -7.867  1.00 21.99 ? 1098 LYS A CA  1 
ATOM   784  C C   . LYS A 1 103 ? -11.418 -6.249  -7.135  1.00 21.60 ? 1098 LYS A C   1 
ATOM   785  O O   . LYS A 1 103 ? -10.363 -6.862  -6.969  1.00 21.07 ? 1098 LYS A O   1 
ATOM   786  C CB  . LYS A 1 103 ? -12.706 -6.343  -9.285  1.00 24.53 ? 1098 LYS A CB  1 
ATOM   787  C CG  . LYS A 1 103 ? -11.532 -6.667  -10.194 1.00 29.10 ? 1098 LYS A CG  1 
ATOM   788  C CD  . LYS A 1 103 ? -11.456 -8.152  -10.511 1.00 31.49 ? 1098 LYS A CD  1 
ATOM   789  C CE  . LYS A 1 103 ? -10.266 -8.469  -11.403 1.00 33.51 ? 1098 LYS A CE  1 
ATOM   790  N N   . PHE A 1 104 ? -11.614 -5.019  -6.665  1.00 20.37 ? 1099 PHE A N   1 
ATOM   791  C CA  . PHE A 1 104 ? -10.602 -4.319  -5.890  1.00 20.58 ? 1099 PHE A CA  1 
ATOM   792  C C   . PHE A 1 104 ? -10.225 -5.087  -4.629  1.00 20.61 ? 1099 PHE A C   1 
ATOM   793  O O   . PHE A 1 104 ? -9.044  -5.222  -4.304  1.00 19.54 ? 1099 PHE A O   1 
ATOM   794  C CB  . PHE A 1 104 ? -11.067 -2.901  -5.523  1.00 19.63 ? 1099 PHE A CB  1 
ATOM   795  C CG  . PHE A 1 104 ? -9.951  -2.069  -4.950  1.00 20.23 ? 1099 PHE A CG  1 
ATOM   796  C CD1 . PHE A 1 104 ? -9.094  -1.374  -5.784  1.00 20.17 ? 1099 PHE A CD1 1 
ATOM   797  C CD2 . PHE A 1 104 ? -9.754  -1.993  -3.581  1.00 19.44 ? 1099 PHE A CD2 1 
ATOM   798  C CE1 . PHE A 1 104 ? -8.062  -0.614  -5.266  1.00 19.96 ? 1099 PHE A CE1 1 
ATOM   799  C CE2 . PHE A 1 104 ? -8.723  -1.238  -3.056  1.00 19.31 ? 1099 PHE A CE2 1 
ATOM   800  C CZ  . PHE A 1 104 ? -7.875  -0.548  -3.900  1.00 21.39 ? 1099 PHE A CZ  1 
ATOM   801  N N   . ALA A 1 105 ? -11.218 -5.602  -3.912  1.00 20.41 ? 1100 ALA A N   1 
ATOM   802  C CA  . ALA A 1 105 ? -10.996 -6.397  -2.714  1.00 19.76 ? 1100 ALA A CA  1 
ATOM   803  C C   . ALA A 1 105 ? -10.215 -7.673  -3.001  1.00 20.58 ? 1100 ALA A C   1 
ATOM   804  O O   . ALA A 1 105 ? -9.321  -8.042  -2.235  1.00 20.87 ? 1100 ALA A O   1 
ATOM   805  C CB  . ALA A 1 105 ? -12.329 -6.737  -2.059  1.00 19.25 ? 1100 ALA A CB  1 
ATOM   806  N N   . GLU A 1 106 ? -10.540 -8.356  -4.094  1.00 21.41 ? 1101 GLU A N   1 
ATOM   807  C CA  . GLU A 1 106 ? -9.803  -9.538  -4.517  1.00 23.67 ? 1101 GLU A CA  1 
ATOM   808  C C   . GLU A 1 106 ? -8.343  -9.214  -4.816  1.00 22.29 ? 1101 GLU A C   1 
ATOM   809  O O   . GLU A 1 106 ? -7.438  -9.920  -4.372  1.00 21.79 ? 1101 GLU A O   1 
ATOM   810  C CB  . GLU A 1 106 ? -10.445 -10.177 -5.749  1.00 26.87 ? 1101 GLU A CB  1 
ATOM   811  C CG  . GLU A 1 106 ? -11.798 -10.819 -5.507  1.00 31.74 ? 1101 GLU A CG  1 
ATOM   812  C CD  . GLU A 1 106 ? -12.309 -11.616 -6.689  1.00 35.56 ? 1101 GLU A CD  1 
ATOM   813  O OE1 . GLU A 1 106 ? -11.657 -11.623 -7.754  1.00 37.36 ? 1101 GLU A OE1 1 
ATOM   814  O OE2 . GLU A 1 106 ? -13.379 -12.248 -6.559  1.00 39.04 ? 1101 GLU A OE2 1 
ATOM   815  N N   . LYS A 1 107 ? -8.106  -8.136  -5.557  1.00 20.61 ? 1102 LYS A N   1 
ATOM   816  C CA  . LYS A 1 107 ? -6.759  -7.660  -5.836  1.00 20.86 ? 1102 LYS A CA  1 
ATOM   817  C C   . LYS A 1 107 ? -5.988  -7.328  -4.567  1.00 20.50 ? 1102 LYS A C   1 
ATOM   818  O O   . LYS A 1 107 ? -4.806  -7.663  -4.454  1.00 19.60 ? 1102 LYS A O   1 
ATOM   819  C CB  . LYS A 1 107 ? -6.796  -6.450  -6.775  1.00 21.52 ? 1102 LYS A CB  1 
ATOM   820  C CG  . LYS A 1 107 ? -7.180  -6.792  -8.207  1.00 23.64 ? 1102 LYS A CG  1 
ATOM   821  C CD  . LYS A 1 107 ? -6.114  -7.645  -8.881  1.00 23.45 ? 1102 LYS A CD  1 
ATOM   822  C CE  . LYS A 1 107 ? -6.596  -8.176  -10.224 1.00 28.55 ? 1102 LYS A CE  1 
ATOM   823  N NZ  . LYS A 1 107 ? -5.593  -9.081  -10.851 1.00 28.06 ? 1102 LYS A NZ  1 
ATOM   824  N N   . PHE A 1 108 ? -6.636  -6.707  -3.588  1.00 18.70 ? 1103 PHE A N   1 
ATOM   825  C CA  . PHE A 1 108 ? -6.014  -6.389  -2.311  1.00 18.85 ? 1103 PHE A CA  1 
ATOM   826  C C   . PHE A 1 108 ? -5.392  -7.617  -1.657  1.00 20.49 ? 1103 PHE A C   1 
ATOM   827  O O   . PHE A 1 108 ? -4.244  -7.569  -1.208  1.00 19.50 ? 1103 PHE A O   1 
ATOM   828  C CB  . PHE A 1 108 ? -7.035  -5.749  -1.365  1.00 16.75 ? 1103 PHE A CB  1 
ATOM   829  C CG  . PHE A 1 108 ? -6.414  -4.936  -0.264  1.00 18.64 ? 1103 PHE A CG  1 
ATOM   830  C CD1 . PHE A 1 108 ? -5.968  -5.537  0.900   1.00 18.50 ? 1103 PHE A CD1 1 
ATOM   831  C CD2 . PHE A 1 108 ? -6.282  -3.563  -0.395  1.00 18.50 ? 1103 PHE A CD2 1 
ATOM   832  C CE1 . PHE A 1 108 ? -5.399  -4.787  1.912   1.00 17.73 ? 1103 PHE A CE1 1 
ATOM   833  C CE2 . PHE A 1 108 ? -5.713  -2.807  0.613   1.00 19.04 ? 1103 PHE A CE2 1 
ATOM   834  C CZ  . PHE A 1 108 ? -5.272  -3.421  1.768   1.00 18.41 ? 1103 PHE A CZ  1 
ATOM   835  N N   . GLN A 1 109 ? -6.126  -8.723  -1.600  1.00 20.99 ? 1104 GLN A N   1 
ATOM   836  C CA  . GLN A 1 109 ? -5.613  -9.980  -1.078  1.00 22.63 ? 1104 GLN A CA  1 
ATOM   837  C C   . GLN A 1 109 ? -4.469  -10.531 -1.920  1.00 21.29 ? 1104 GLN A C   1 
ATOM   838  O O   . GLN A 1 109 ? -3.492  -11.051 -1.374  1.00 21.97 ? 1104 GLN A O   1 
ATOM   839  C CB  . GLN A 1 109 ? -6.732  -11.019 -0.970  1.00 25.25 ? 1104 GLN A CB  1 
ATOM   840  C CG  . GLN A 1 109 ? -7.702  -10.784 0.178   1.00 29.91 ? 1104 GLN A CG  1 
ATOM   841  C CD  . GLN A 1 109 ? -7.068  -10.997 1.541   1.00 29.40 ? 1104 GLN A CD  1 
ATOM   842  N N   . GLU A 1 110 ? -4.567  -10.416 -3.239  1.00 20.66 ? 1105 GLU A N   1 
ATOM   843  C CA  . GLU A 1 110 ? -3.475  -10.775 -4.134  1.00 22.10 ? 1105 GLU A CA  1 
ATOM   844  C C   . GLU A 1 110 ? -2.209  -9.978  -3.843  1.00 21.84 ? 1105 GLU A C   1 
ATOM   845  O O   . GLU A 1 110 ? -1.122  -10.555 -3.766  1.00 22.88 ? 1105 GLU A O   1 
ATOM   846  C CB  . GLU A 1 110 ? -3.891  -10.583 -5.595  1.00 22.64 ? 1105 GLU A CB  1 
ATOM   847  C CG  . GLU A 1 110 ? -2.906  -11.157 -6.597  1.00 26.64 ? 1105 GLU A CG  1 
ATOM   848  C CD  . GLU A 1 110 ? -3.306  -10.948 -8.043  1.00 28.12 ? 1105 GLU A CD  1 
ATOM   849  O OE1 . GLU A 1 110 ? -4.465  -10.567 -8.310  1.00 28.04 ? 1105 GLU A OE1 1 
ATOM   850  O OE2 . GLU A 1 110 ? -2.453  -11.170 -8.929  1.00 29.20 ? 1105 GLU A OE2 1 
ATOM   851  N N   . PHE A 1 111 ? -2.332  -8.666  -3.661  1.00 21.33 ? 1106 PHE A N   1 
ATOM   852  C CA  . PHE A 1 111 ? -1.182  -7.816  -3.374  1.00 21.82 ? 1106 PHE A CA  1 
ATOM   853  C C   . PHE A 1 111 ? -0.671  -7.996  -1.954  1.00 22.24 ? 1106 PHE A C   1 
ATOM   854  O O   . PHE A 1 111 ? 0.525   -7.839  -1.693  1.00 23.81 ? 1106 PHE A O   1 
ATOM   855  C CB  . PHE A 1 111 ? -1.497  -6.344  -3.687  1.00 20.58 ? 1106 PHE A CB  1 
ATOM   856  C CG  . PHE A 1 111 ? -1.440  -6.095  -5.173  1.00 21.74 ? 1106 PHE A CG  1 
ATOM   857  C CD1 . PHE A 1 111 ? -0.223  -5.884  -5.798  1.00 22.44 ? 1106 PHE A CD1 1 
ATOM   858  C CD2 . PHE A 1 111 ? -2.589  -6.094  -5.943  1.00 21.72 ? 1106 PHE A CD2 1 
ATOM   859  C CE1 . PHE A 1 111 ? -0.153  -5.668  -7.160  1.00 24.05 ? 1106 PHE A CE1 1 
ATOM   860  C CE2 . PHE A 1 111 ? -2.528  -5.879  -7.306  1.00 22.61 ? 1106 PHE A CE2 1 
ATOM   861  C CZ  . PHE A 1 111 ? -1.308  -5.664  -7.916  1.00 22.84 ? 1106 PHE A CZ  1 
ATOM   862  N N   . LYS A 1 112 ? -1.545  -8.365  -1.026  1.00 23.79 ? 1107 LYS A N   1 
ATOM   863  C CA  . LYS A 1 112 ? -1.159  -8.747  0.322   1.00 24.36 ? 1107 LYS A CA  1 
ATOM   864  C C   . LYS A 1 112 ? -0.209  -9.941  0.345   1.00 24.42 ? 1107 LYS A C   1 
ATOM   865  O O   . LYS A 1 112 ? 0.780   -9.948  1.078   1.00 23.06 ? 1107 LYS A O   1 
ATOM   866  C CB  . LYS A 1 112 ? -2.396  -9.106  1.152   1.00 24.55 ? 1107 LYS A CB  1 
ATOM   867  C CG  . LYS A 1 112 ? -3.148  -7.938  1.757   1.00 26.18 ? 1107 LYS A CG  1 
ATOM   868  C CD  . LYS A 1 112 ? -4.415  -8.383  2.465   1.00 28.52 ? 1107 LYS A CD  1 
ATOM   869  C CE  . LYS A 1 112 ? -4.138  -9.307  3.638   1.00 29.04 ? 1107 LYS A CE  1 
ATOM   870  N NZ  . LYS A 1 112 ? -5.388  -9.697  4.347   1.00 29.56 ? 1107 LYS A NZ  1 
ATOM   871  N N   . GLU A 1 113 ? -0.528  -10.970 -0.433  1.00 24.45 ? 1108 GLU A N   1 
ATOM   872  C CA  . GLU A 1 113 ? 0.321   -12.144 -0.562  1.00 25.51 ? 1108 GLU A CA  1 
ATOM   873  C C   . GLU A 1 113 ? 1.651   -11.803 -1.224  1.00 24.06 ? 1108 GLU A C   1 
ATOM   874  O O   . GLU A 1 113 ? 2.714   -12.236 -0.782  1.00 24.06 ? 1108 GLU A O   1 
ATOM   875  C CB  . GLU A 1 113 ? -0.391  -13.233 -1.369  1.00 27.92 ? 1108 GLU A CB  1 
ATOM   876  C CG  . GLU A 1 113 ? -1.746  -13.650 -0.799  1.00 32.10 ? 1108 GLU A CG  1 
ATOM   877  N N   . ALA A 1 114 ? 1.597   -11.002 -2.284  1.00 23.75 ? 1109 ALA A N   1 
ATOM   878  C CA  . ALA A 1 114 ? 2.785   -10.530 -2.981  1.00 24.20 ? 1109 ALA A CA  1 
ATOM   879  C C   . ALA A 1 114 ? 3.691   -9.704  -2.077  1.00 24.54 ? 1109 ALA A C   1 
ATOM   880  O O   . ALA A 1 114 ? 4.916   -9.823  -2.136  1.00 25.60 ? 1109 ALA A O   1 
ATOM   881  C CB  . ALA A 1 114 ? 2.381   -9.718  -4.205  1.00 24.02 ? 1109 ALA A CB  1 
ATOM   882  N N   . ALA A 1 115 ? 3.106   -8.860  -1.234  1.00 23.82 ? 1110 ALA A N   1 
ATOM   883  C CA  . ALA A 1 115 ? 3.845   -8.089  -0.246  1.00 23.25 ? 1110 ALA A CA  1 
ATOM   884  C C   . ALA A 1 115 ? 4.524   -8.977  0.790   1.00 24.05 ? 1110 ALA A C   1 
ATOM   885  O O   . ALA A 1 115 ? 5.647   -8.694  1.211   1.00 25.27 ? 1110 ALA A O   1 
ATOM   886  C CB  . ALA A 1 115 ? 2.912   -7.102  0.445   1.00 22.94 ? 1110 ALA A CB  1 
ATOM   887  N N   . ARG A 1 116 ? 3.859   -10.048 1.211   1.00 25.28 ? 1111 ARG A N   1 
ATOM   888  C CA  . ARG A 1 116 ? 4.453   -11.031 2.107   1.00 27.68 ? 1111 ARG A CA  1 
ATOM   889  C C   . ARG A 1 116 ? 5.682   -11.682 1.482   1.00 29.05 ? 1111 ARG A C   1 
ATOM   890  O O   . ARG A 1 116 ? 6.734   -11.782 2.113   1.00 30.08 ? 1111 ARG A O   1 
ATOM   891  C CB  . ARG A 1 116 ? 3.428   -12.101 2.487   1.00 30.53 ? 1111 ARG A CB  1 
ATOM   892  C CG  . ARG A 1 116 ? 3.899   -13.048 3.580   1.00 33.91 ? 1111 ARG A CG  1 
ATOM   893  C CD  . ARG A 1 116 ? 2.875   -14.140 3.848   1.00 34.34 ? 1111 ARG A CD  1 
ATOM   894  N NE  . ARG A 1 116 ? 2.687   -15.012 2.690   1.00 38.90 ? 1111 ARG A NE  1 
ATOM   895  N N   . LEU A 1 117 ? 5.557   -12.117 0.232   1.00 27.02 ? 1112 LEU A N   1 
ATOM   896  C CA  . LEU A 1 117 ? 6.664   -12.699 -0.511  1.00 27.86 ? 1112 LEU A CA  1 
ATOM   897  C C   . LEU A 1 117 ? 7.778   -11.692 -0.773  1.00 28.50 ? 1112 LEU A C   1 
ATOM   898  O O   . LEU A 1 117 ? 8.960   -12.024 -0.673  1.00 29.28 ? 1112 LEU A O   1 
ATOM   899  C CB  . LEU A 1 117 ? 6.164   -13.276 -1.840  1.00 29.06 ? 1112 LEU A CB  1 
ATOM   900  N N   . ALA A 1 118 ? 7.417   -10.457 -1.098  1.00 27.64 ? 1113 ALA A N   1 
ATOM   901  C CA  . ALA A 1 118 ? 8.375   -9.375  -1.277  1.00 29.20 ? 1113 ALA A CA  1 
ATOM   902  C C   . ALA A 1 118 ? 9.233   -9.146  -0.038  1.00 31.93 ? 1113 ALA A C   1 
ATOM   903  O O   . ALA A 1 118 ? 10.454  -9.009  -0.142  1.00 32.93 ? 1113 ALA A O   1 
ATOM   904  C CB  . ALA A 1 118 ? 7.645   -8.090  -1.650  1.00 27.76 ? 1113 ALA A CB  1 
ATOM   905  N N   . LYS A 1 119 ? 8.615   -9.104  1.137   1.00 32.72 ? 1114 LYS A N   1 
ATOM   906  C CA  . LYS A 1 119 ? 9.327   -8.930  2.394   1.00 35.91 ? 1114 LYS A CA  1 
ATOM   907  C C   . LYS A 1 119 ? 10.279  -10.082 2.690   1.00 37.53 ? 1114 LYS A C   1 
ATOM   908  O O   . LYS A 1 119 ? 11.403  -9.864  3.147   1.00 36.98 ? 1114 LYS A O   1 
ATOM   909  C CB  . LYS A 1 119 ? 8.339   -8.764  3.554   1.00 36.02 ? 1114 LYS A CB  1 
ATOM   910  C CG  . LYS A 1 119 ? 7.521   -7.485  3.493   1.00 37.51 ? 1114 LYS A CG  1 
ATOM   911  N N   . GLU A 1 120 ? 9.850   -11.312 2.429   1.00 39.63 ? 1115 GLU A N   1 
ATOM   912  C CA  . GLU A 1 120 ? 10.715  -12.480 2.514   1.00 42.16 ? 1115 GLU A CA  1 
ATOM   913  C C   . GLU A 1 120 ? 11.932  -12.364 1.604   1.00 44.34 ? 1115 GLU A C   1 
ATOM   914  O O   . GLU A 1 120 ? 13.057  -12.650 2.016   1.00 45.56 ? 1115 GLU A O   1 
ATOM   915  C CB  . GLU A 1 120 ? 9.929   -13.749 2.174   1.00 41.15 ? 1115 GLU A CB  1 
ATOM   916  N N   . LYS A 1 121 ? 11.726  -11.923 0.368   1.00 45.69 ? 1116 LYS A N   1 
ATOM   917  C CA  . LYS A 1 121 ? 12.794  -11.724 -0.596  1.00 47.33 ? 1116 LYS A CA  1 
ATOM   918  C C   . LYS A 1 121 ? 13.678  -10.521 -0.293  1.00 47.86 ? 1116 LYS A C   1 
ATOM   919  O O   . LYS A 1 121 ? 14.824  -10.476 -0.753  1.00 49.32 ? 1116 LYS A O   1 
ATOM   920  C CB  . LYS A 1 121 ? 12.207  -11.582 -2.008  1.00 47.54 ? 1116 LYS A CB  1 
ATOM   921  C CG  . LYS A 1 121 ? 11.467  -12.817 -2.494  1.00 47.63 ? 1116 LYS A CG  1 
ATOM   922  C CD  . LYS A 1 121 ? 10.854  -12.588 -3.868  1.00 48.08 ? 1116 LYS A CD  1 
ATOM   923  N N   . SER A 1 122 ? 13.169  -9.535  0.436   1.00 48.18 ? 1117 SER A N   1 
ATOM   924  C CA  . SER A 1 122 ? 13.975  -8.401  0.867   1.00 48.14 ? 1117 SER A CA  1 
ATOM   925  C C   . SER A 1 122 ? 14.983  -8.820  1.935   1.00 48.44 ? 1117 SER A C   1 
ATOM   926  O O   . SER A 1 122 ? 15.840  -7.987  2.300   1.00 48.36 ? 1117 SER A O   1 
ATOM   927  C CB  . SER A 1 122 ? 13.092  -7.272  1.398   1.00 48.60 ? 1117 SER A CB  1 
ATOM   928  O OG  . SER A 1 122 ? 12.354  -6.657  0.345   1.00 49.67 ? 1117 SER A OG  1 
ATOM   929  N N   . LYS A 1 125 ? 20.722  -11.572 2.009   1.00 48.17 ? 1120 LYS A N   1 
ATOM   930  C CA  . LYS A 1 125 ? 21.485  -12.843 1.846   1.00 46.45 ? 1120 LYS A CA  1 
ATOM   931  C C   . LYS A 1 125 ? 22.784  -12.812 2.645   1.00 45.29 ? 1120 LYS A C   1 
ATOM   932  O O   . LYS A 1 125 ? 23.680  -12.018 2.361   1.00 45.88 ? 1120 LYS A O   1 
ATOM   933  N N   . MET A 1 126 ? 22.882  -13.686 3.641   1.00 43.60 ? 1121 MET A N   1 
ATOM   934  C CA  . MET A 1 126 ? 24.030  -13.701 4.539   1.00 42.81 ? 1121 MET A CA  1 
ATOM   935  C C   . MET A 1 126 ? 24.979  -14.851 4.223   1.00 41.93 ? 1121 MET A C   1 
ATOM   936  O O   . MET A 1 126 ? 24.565  -15.913 3.763   1.00 43.22 ? 1121 MET A O   1 
ATOM   937  C CB  . MET A 1 126 ? 23.564  -13.790 5.994   1.00 41.72 ? 1121 MET A CB  1 
ATOM   938  C CG  . MET A 1 126 ? 22.752  -12.596 6.465   1.00 40.50 ? 1121 MET A CG  1 
ATOM   939  S SD  . MET A 1 126 ? 23.739  -11.099 6.647   1.00 39.78 ? 1121 MET A SD  1 
ATOM   940  C CE  . MET A 1 126 ? 24.777  -11.545 8.042   1.00 39.36 ? 1121 MET A CE  1 
ATOM   941  N N   . GLU A 1 127 ? 26.266  -14.627 4.469   1.00 41.37 ? 1122 GLU A N   1 
ATOM   942  C CA  . GLU A 1 127 ? 27.271  -15.679 4.355   1.00 40.02 ? 1122 GLU A CA  1 
ATOM   943  C C   . GLU A 1 127 ? 27.570  -16.275 5.728   1.00 40.01 ? 1122 GLU A C   1 
ATOM   944  O O   . GLU A 1 127 ? 28.107  -15.579 6.592   1.00 39.74 ? 1122 GLU A O   1 
ATOM   945  C CB  . GLU A 1 127 ? 28.546  -15.121 3.723   1.00 39.77 ? 1122 GLU A CB  1 
ATOM   946  C CG  . GLU A 1 127 ? 29.677  -16.123 3.572   1.00 41.81 ? 1122 GLU A CG  1 
ATOM   947  N N   . LEU A 1 128 ? 27.194  -17.534 5.939   1.00 36.96 ? 1123 LEU A N   1 
ATOM   948  C CA  . LEU A 1 128 ? 27.573  -18.221 7.173   1.00 34.19 ? 1123 LEU A CA  1 
ATOM   949  C C   . LEU A 1 128 ? 29.003  -18.742 7.023   1.00 31.29 ? 1123 LEU A C   1 
ATOM   950  O O   . LEU A 1 128 ? 29.472  -18.975 5.910   1.00 29.94 ? 1123 LEU A O   1 
ATOM   951  C CB  . LEU A 1 128 ? 26.627  -19.347 7.558   1.00 33.62 ? 1123 LEU A CB  1 
ATOM   952  C CG  . LEU A 1 128 ? 25.150  -19.011 7.764   1.00 33.99 ? 1123 LEU A CG  1 
ATOM   953  C CD1 . LEU A 1 128 ? 24.346  -20.278 8.038   1.00 33.36 ? 1123 LEU A CD1 1 
ATOM   954  C CD2 . LEU A 1 128 ? 24.963  -18.011 8.896   1.00 34.12 ? 1123 LEU A CD2 1 
ATOM   955  N N   . THR A 1 129 ? 29.687  -18.886 8.150   1.00 26.99 ? 1124 THR A N   1 
ATOM   956  C CA  . THR A 1 129 ? 31.061  -19.370 8.146   1.00 26.19 ? 1124 THR A CA  1 
ATOM   957  C C   . THR A 1 129 ? 31.391  -20.059 9.464   1.00 24.53 ? 1124 THR A C   1 
ATOM   958  O O   . THR A 1 129 ? 30.777  -19.764 10.491  1.00 25.07 ? 1124 THR A O   1 
ATOM   959  C CB  . THR A 1 129 ? 32.064  -18.230 7.894   1.00 27.68 ? 1124 THR A CB  1 
ATOM   960  O OG1 . THR A 1 129 ? 33.401  -18.746 7.945   1.00 31.39 ? 1124 THR A OG1 1 
ATOM   961  C CG2 . THR A 1 129 ? 31.912  -17.129 8.934   1.00 26.75 ? 1124 THR A CG2 1 
ATOM   962  N N   . SER A 1 130 ? 32.327  -21.002 9.424   1.00 21.57 ? 1125 SER A N   1 
ATOM   963  C CA  . SER A 1 130 ? 32.907  -21.515 10.666  1.00 21.73 ? 1125 SER A CA  1 
ATOM   964  C C   . SER A 1 130 ? 33.695  -20.389 11.332  1.00 23.68 ? 1125 SER A C   1 
ATOM   965  O O   . SER A 1 130 ? 34.028  -19.405 10.668  1.00 23.83 ? 1125 SER A O   1 
ATOM   966  C CB  . SER A 1 130 ? 33.795  -22.725 10.401  1.00 22.08 ? 1125 SER A CB  1 
ATOM   967  O OG  . SER A 1 130 ? 33.050  -23.805 9.865   1.00 23.73 ? 1125 SER A OG  1 
ATOM   968  N N   . THR A 1 131 ? 33.969  -20.525 12.624  1.00 22.50 ? 1126 THR A N   1 
ATOM   969  C CA  . THR A 1 131 ? 34.666  -19.459 13.343  1.00 22.99 ? 1126 THR A CA  1 
ATOM   970  C C   . THR A 1 131 ? 36.058  -19.270 12.755  1.00 25.42 ? 1126 THR A C   1 
ATOM   971  O O   . THR A 1 131 ? 36.765  -20.241 12.489  1.00 26.17 ? 1126 THR A O   1 
ATOM   972  C CB  . THR A 1 131 ? 34.764  -19.765 14.847  1.00 22.62 ? 1126 THR A CB  1 
ATOM   973  O OG1 . THR A 1 131 ? 33.445  -19.940 15.385  1.00 22.13 ? 1126 THR A OG1 1 
ATOM   974  C CG2 . THR A 1 131 ? 35.452  -18.638 15.600  1.00 22.71 ? 1126 THR A CG2 1 
ATOM   975  N N   . PRO A 1 132 ? 36.445  -18.022 12.543  1.00 28.08 ? 1127 PRO A N   1 
ATOM   976  C CA  . PRO A 1 132 ? 37.764  -17.702 12.025  1.00 31.96 ? 1127 PRO A CA  1 
ATOM   977  C C   . PRO A 1 132 ? 38.850  -18.482 12.746  1.00 35.18 ? 1127 PRO A C   1 
ATOM   978  O O   . PRO A 1 132 ? 38.956  -18.428 13.972  1.00 34.16 ? 1127 PRO A O   1 
ATOM   979  C CB  . PRO A 1 132 ? 37.867  -16.200 12.248  1.00 31.43 ? 1127 PRO A CB  1 
ATOM   980  C CG  . PRO A 1 132 ? 36.468  -15.703 12.151  1.00 30.90 ? 1127 PRO A CG  1 
ATOM   981  C CD  . PRO A 1 132 ? 35.574  -16.823 12.605  1.00 29.10 ? 1127 PRO A CD  1 
ATOM   982  N N   . SER A 1 133 ? 39.646  -19.230 11.990  1.00 40.09 ? 1128 SER A N   1 
ATOM   983  C CA  . SER A 1 133 ? 40.674  -20.090 12.566  1.00 44.27 ? 1128 SER A CA  1 
ATOM   984  C C   . SER A 1 133 ? 41.662  -19.289 13.407  1.00 46.70 ? 1128 SER A C   1 
ATOM   985  O O   . SER A 1 133 ? 42.415  -19.911 14.189  1.00 50.49 ? 1128 SER A O   1 
ATOM   986  C CB  . SER A 1 133 ? 41.413  -20.848 11.461  1.00 45.53 ? 1128 SER A CB  1 
ATOM   987  O OG  . SER A 1 133 ? 40.489  -21.577 10.650  1.00 48.58 ? 1128 SER A OG  1 
ATOM   988  N N   . GLY A 1 139 ? 46.893  -11.864 23.786  1.00 56.91 ? 1134 GLY A N   1 
ATOM   989  C CA  . GLY A 1 139 ? 45.711  -11.094 24.265  1.00 56.74 ? 1134 GLY A CA  1 
ATOM   990  C C   . GLY A 1 139 ? 45.275  -10.048 23.244  1.00 56.25 ? 1134 GLY A C   1 
ATOM   991  O O   . GLY A 1 139 ? 44.513  -9.137  23.569  1.00 56.73 ? 1134 GLY A O   1 
ATOM   992  N N   . ASP A 1 140 ? 45.751  -10.191 22.009  1.00 55.20 ? 1135 ASP A N   1 
ATOM   993  C CA  . ASP A 1 140 ? 45.481  -9.195  20.979  1.00 54.22 ? 1135 ASP A CA  1 
ATOM   994  C C   . ASP A 1 140 ? 44.059  -9.310  20.442  1.00 54.37 ? 1135 ASP A C   1 
ATOM   995  O O   . ASP A 1 140 ? 43.426  -10.362 20.470  1.00 54.56 ? 1135 ASP A O   1 
ATOM   996  C CB  . ASP A 1 140 ? 46.496  -9.284  19.840  1.00 54.36 ? 1135 ASP A CB  1 
ATOM   997  C CG  . ASP A 1 140 ? 47.910  -8.954  20.280  1.00 53.79 ? 1135 ASP A CG  1 
ATOM   998  O OD1 . ASP A 1 140 ? 48.079  -8.237  21.289  1.00 52.86 ? 1135 ASP A OD1 1 
ATOM   999  O OD2 . ASP A 1 140 ? 48.862  -9.415  19.613  1.00 56.07 ? 1135 ASP A OD2 1 
ATOM   1000 N N   . LEU A 1 141 ? 43.558  -8.187  19.947  1.00 52.62 ? 1136 LEU A N   1 
ATOM   1001 C CA  . LEU A 1 141 ? 42.178  -8.063  19.480  1.00 50.90 ? 1136 LEU A CA  1 
ATOM   1002 C C   . LEU A 1 141 ? 42.094  -8.417  18.003  1.00 49.48 ? 1136 LEU A C   1 
ATOM   1003 O O   . LEU A 1 141 ? 42.980  -8.028  17.236  1.00 49.03 ? 1136 LEU A O   1 
ATOM   1004 C CB  . LEU A 1 141 ? 41.737  -6.629  19.766  1.00 50.81 ? 1136 LEU A CB  1 
ATOM   1005 C CG  . LEU A 1 141 ? 40.259  -6.326  20.005  1.00 51.35 ? 1136 LEU A CG  1 
ATOM   1006 C CD1 . LEU A 1 141 ? 40.113  -5.164  20.984  1.00 52.24 ? 1136 LEU A CD1 1 
ATOM   1007 C CD2 . LEU A 1 141 ? 39.551  -5.984  18.690  1.00 51.69 ? 1136 LEU A CD2 1 
ATOM   1008 N N   . GLN A 1 142 ? 41.076  -9.175  17.597  1.00 48.54 ? 1137 GLN A N   1 
ATOM   1009 C CA  . GLN A 1 142 ? 40.908  -9.501  16.185  1.00 46.87 ? 1137 GLN A CA  1 
ATOM   1010 C C   . GLN A 1 142 ? 39.727  -8.799  15.531  1.00 44.01 ? 1137 GLN A C   1 
ATOM   1011 O O   . GLN A 1 142 ? 39.554  -8.910  14.313  1.00 45.30 ? 1137 GLN A O   1 
ATOM   1012 C CB  . GLN A 1 142 ? 40.837  -11.014 15.959  1.00 49.62 ? 1137 GLN A CB  1 
ATOM   1013 C CG  . GLN A 1 142 ? 42.209  -11.651 15.810  1.00 52.57 ? 1137 GLN A CG  1 
ATOM   1014 C CD  . GLN A 1 142 ? 42.205  -13.060 15.266  1.00 54.42 ? 1137 GLN A CD  1 
ATOM   1015 O OE1 . GLN A 1 142 ? 43.265  -13.606 14.947  1.00 56.10 ? 1137 GLN A OE1 1 
ATOM   1016 N NE2 . GLN A 1 142 ? 41.036  -13.680 15.148  1.00 55.56 ? 1137 GLN A NE2 1 
ATOM   1017 N N   . SER A 1 143 ? 38.945  -8.046  16.293  1.00 38.13 ? 1138 SER A N   1 
ATOM   1018 C CA  . SER A 1 143 ? 37.794  -7.336  15.743  1.00 33.41 ? 1138 SER A CA  1 
ATOM   1019 C C   . SER A 1 143 ? 38.163  -5.940  15.253  1.00 31.28 ? 1138 SER A C   1 
ATOM   1020 O O   . SER A 1 143 ? 39.158  -5.353  15.674  1.00 29.94 ? 1138 SER A O   1 
ATOM   1021 C CB  . SER A 1 143 ? 36.684  -7.236  16.792  1.00 34.39 ? 1138 SER A CB  1 
ATOM   1022 O OG  . SER A 1 143 ? 36.274  -8.519  17.228  1.00 34.75 ? 1138 SER A OG  1 
ATOM   1023 N N   . PRO A 1 144 ? 37.343  -5.400  14.356  1.00 29.01 ? 1139 PRO A N   1 
ATOM   1024 C CA  . PRO A 1 144 ? 37.509  -4.044  13.863  1.00 28.03 ? 1139 PRO A CA  1 
ATOM   1025 C C   . PRO A 1 144 ? 37.427  -3.008  14.970  1.00 27.37 ? 1139 PRO A C   1 
ATOM   1026 O O   . PRO A 1 144 ? 36.705  -3.179  15.952  1.00 24.78 ? 1139 PRO A O   1 
ATOM   1027 C CB  . PRO A 1 144 ? 36.379  -3.870  12.857  1.00 28.83 ? 1139 PRO A CB  1 
ATOM   1028 C CG  . PRO A 1 144 ? 36.011  -5.244  12.425  1.00 29.15 ? 1139 PRO A CG  1 
ATOM   1029 C CD  . PRO A 1 144 ? 36.328  -6.155  13.577  1.00 29.31 ? 1139 PRO A CD  1 
ATOM   1030 N N   . LEU A 1 145 ? 38.138  -1.896  14.804  1.00 24.39 ? 1140 LEU A N   1 
ATOM   1031 C CA  . LEU A 1 145 ? 38.251  -0.871  15.830  1.00 25.52 ? 1140 LEU A CA  1 
ATOM   1032 C C   . LEU A 1 145 ? 37.014  0.013   15.931  1.00 26.16 ? 1140 LEU A C   1 
ATOM   1033 O O   . LEU A 1 145 ? 36.765  0.630   16.967  1.00 24.55 ? 1140 LEU A O   1 
ATOM   1034 C CB  . LEU A 1 145 ? 39.478  0.008   15.562  1.00 25.89 ? 1140 LEU A CB  1 
ATOM   1035 C CG  . LEU A 1 145 ? 40.837  -0.695  15.535  1.00 27.61 ? 1140 LEU A CG  1 
ATOM   1036 C CD1 . LEU A 1 145 ? 41.913  0.243   15.007  1.00 28.79 ? 1140 LEU A CD1 1 
ATOM   1037 C CD2 . LEU A 1 145 ? 41.211  -1.208  16.918  1.00 29.06 ? 1140 LEU A CD2 1 
ATOM   1038 N N   . THR A 1 146 ? 36.251  0.101   14.850  1.00 27.25 ? 1141 THR A N   1 
ATOM   1039 C CA  . THR A 1 146 ? 35.020  0.879   14.820  1.00 28.86 ? 1141 THR A CA  1 
ATOM   1040 C C   . THR A 1 146 ? 33.942  0.119   14.057  1.00 29.09 ? 1141 THR A C   1 
ATOM   1041 O O   . THR A 1 146 ? 34.239  -0.697  13.184  1.00 26.51 ? 1141 THR A O   1 
ATOM   1042 C CB  . THR A 1 146 ? 35.248  2.261   14.183  1.00 32.58 ? 1141 THR A CB  1 
ATOM   1043 O OG1 . THR A 1 146 ? 34.016  2.996   14.144  1.00 37.35 ? 1141 THR A OG1 1 
ATOM   1044 C CG2 . THR A 1 146 ? 35.791  2.124   12.767  1.00 33.80 ? 1141 THR A CG2 1 
ATOM   1045 N N   . PRO A 1 147 ? 32.685  0.397   14.394  1.00 31.25 ? 1142 PRO A N   1 
ATOM   1046 C CA  . PRO A 1 147 ? 31.555  -0.223  13.724  1.00 35.61 ? 1142 PRO A CA  1 
ATOM   1047 C C   . PRO A 1 147 ? 31.382  0.257   12.293  1.00 39.72 ? 1142 PRO A C   1 
ATOM   1048 O O   . PRO A 1 147 ? 31.008  -0.519  11.411  1.00 44.64 ? 1142 PRO A O   1 
ATOM   1049 C CB  . PRO A 1 147 ? 30.350  0.123   14.584  1.00 34.16 ? 1142 PRO A CB  1 
ATOM   1050 C CG  . PRO A 1 147 ? 30.801  1.152   15.556  1.00 33.01 ? 1142 PRO A CG  1 
ATOM   1051 C CD  . PRO A 1 147 ? 32.285  0.964   15.713  1.00 32.64 ? 1142 PRO A CD  1 
ATOM   1052 N N   . GLU A 1 148 ? 31.633  1.538   12.049  1.00 43.56 ? 1143 GLU A N   1 
ATOM   1053 C CA  . GLU A 1 148 ? 31.580  2.105   10.708  1.00 46.88 ? 1143 GLU A CA  1 
ATOM   1054 C C   . GLU A 1 148 ? 32.001  3.573   10.719  1.00 48.53 ? 1143 GLU A C   1 
ATOM   1055 O O   . GLU A 1 148 ? 32.609  4.007   11.722  1.00 50.87 ? 1143 GLU A O   1 
ATOM   1056 C CB  . GLU A 1 148 ? 30.177  1.967   10.105  1.00 47.69 ? 1143 GLU A CB  1 
HETATM 1057 O O   . HOH B 2 .   ? 1.731   3.363   3.862   1.00 18.08 ? 1    HOH A O   1 
HETATM 1058 O O   . HOH B 2 .   ? -11.487 12.359  8.951   1.00 20.73 ? 2    HOH A O   1 
HETATM 1059 O O   . HOH B 2 .   ? 2.238   0.829   5.124   1.00 20.56 ? 3    HOH A O   1 
HETATM 1060 O O   . HOH B 2 .   ? -10.711 15.101  8.775   1.00 20.95 ? 4    HOH A O   1 
HETATM 1061 O O   . HOH B 2 .   ? 2.653   9.096   8.584   1.00 21.91 ? 5    HOH A O   1 
HETATM 1062 O O   . HOH B 2 .   ? -15.273 -7.763  3.540   1.00 19.27 ? 6    HOH A O   1 
HETATM 1063 O O   . HOH B 2 .   ? -4.458  8.154   -10.155 1.00 26.59 ? 7    HOH A O   1 
HETATM 1064 O O   . HOH B 2 .   ? -10.796 0.146   7.769   1.00 25.39 ? 8    HOH A O   1 
HETATM 1065 O O   . HOH B 2 .   ? 9.127   -5.755  0.791   1.00 28.83 ? 9    HOH A O   1 
HETATM 1066 O O   . HOH B 2 .   ? -10.772 -2.627  6.937   1.00 25.57 ? 10   HOH A O   1 
HETATM 1067 O O   . HOH B 2 .   ? -11.921 -2.407  -9.181  1.00 27.46 ? 11   HOH A O   1 
HETATM 1068 O O   . HOH B 2 .   ? -4.854  12.912  11.758  1.00 25.91 ? 12   HOH A O   1 
HETATM 1069 O O   . HOH B 2 .   ? -0.105  -12.792 -8.344  1.00 30.18 ? 13   HOH A O   1 
HETATM 1070 O O   . HOH B 2 .   ? 7.275   2.148   1.331   1.00 26.64 ? 14   HOH A O   1 
HETATM 1071 O O   . HOH B 2 .   ? 3.877   -1.964  -11.362 1.00 23.51 ? 15   HOH A O   1 
HETATM 1072 O O   . HOH B 2 .   ? -15.795 1.571   -9.998  1.00 25.31 ? 16   HOH A O   1 
HETATM 1073 O O   . HOH B 2 .   ? -15.230 11.060  -2.318  1.00 23.82 ? 17   HOH A O   1 
HETATM 1074 O O   . HOH B 2 .   ? 4.377   -4.330  -0.370  1.00 21.20 ? 18   HOH A O   1 
HETATM 1075 O O   . HOH B 2 .   ? 3.627   4.840   1.335   1.00 22.71 ? 19   HOH A O   1 
HETATM 1076 O O   . HOH B 2 .   ? 6.833   -0.716  -11.945 1.00 24.20 ? 20   HOH A O   1 
HETATM 1077 O O   . HOH B 2 .   ? 4.942   -0.097  5.160   1.00 25.36 ? 21   HOH A O   1 
HETATM 1078 O O   . HOH B 2 .   ? 0.626   0.269   7.406   1.00 28.54 ? 22   HOH A O   1 
HETATM 1079 O O   . HOH B 2 .   ? -7.782  -7.767  2.827   1.00 29.52 ? 23   HOH A O   1 
HETATM 1080 O O   . HOH B 2 .   ? 32.946  -19.001 18.026  1.00 24.38 ? 24   HOH A O   1 
HETATM 1081 O O   . HOH B 2 .   ? -9.595  -7.926  0.606   1.00 24.96 ? 25   HOH A O   1 
HETATM 1082 O O   . HOH B 2 .   ? -11.661 9.905   13.548  1.00 29.86 ? 26   HOH A O   1 
HETATM 1083 O O   . HOH B 2 .   ? -14.362 -9.346  -3.072  1.00 26.42 ? 27   HOH A O   1 
HETATM 1084 O O   . HOH B 2 .   ? -5.389  -2.672  7.653   1.00 23.24 ? 28   HOH A O   1 
HETATM 1085 O O   . HOH B 2 .   ? -12.439 -3.602  -11.735 1.00 30.28 ? 29   HOH A O   1 
HETATM 1086 O O   . HOH B 2 .   ? -12.824 -5.970  9.279   1.00 28.36 ? 30   HOH A O   1 
HETATM 1087 O O   . HOH B 2 .   ? -1.861  -0.843  8.346   1.00 29.22 ? 31   HOH A O   1 
HETATM 1088 O O   . HOH B 2 .   ? 6.301   -10.148 -4.676  1.00 32.52 ? 32   HOH A O   1 
HETATM 1089 O O   . HOH B 2 .   ? -7.023  10.119  -11.194 1.00 31.32 ? 33   HOH A O   1 
HETATM 1090 O O   . HOH B 2 .   ? -8.188  -2.253  8.106   1.00 30.28 ? 34   HOH A O   1 
HETATM 1091 O O   . HOH B 2 .   ? -5.172  12.044  1.521   1.00 28.39 ? 35   HOH A O   1 
HETATM 1092 O O   . HOH B 2 .   ? 5.073   -4.646  3.189   1.00 27.54 ? 36   HOH A O   1 
HETATM 1093 O O   . HOH B 2 .   ? -3.016  5.706   -9.915  1.00 29.27 ? 37   HOH A O   1 
HETATM 1094 O O   . HOH B 2 .   ? 0.215   10.076  4.085   0.50 31.67 ? 38   HOH A O   1 
HETATM 1095 O O   . HOH B 2 .   ? -8.275  7.351   11.420  1.00 31.47 ? 39   HOH A O   1 
HETATM 1096 O O   . HOH B 2 .   ? -13.034 -7.891  1.756   1.00 25.42 ? 40   HOH A O   1 
HETATM 1097 O O   . HOH B 2 .   ? -16.230 5.429   -10.114 1.00 36.28 ? 41   HOH A O   1 
HETATM 1098 O O   . HOH B 2 .   ? -5.984  5.810   11.825  1.00 33.36 ? 42   HOH A O   1 
HETATM 1099 O O   . HOH B 2 .   ? -10.042 7.452   13.634  1.00 40.14 ? 43   HOH A O   1 
HETATM 1100 O O   . HOH B 2 .   ? -25.460 -0.904  1.671   1.00 37.77 ? 44   HOH A O   1 
HETATM 1101 O O   . HOH B 2 .   ? -18.737 9.069   8.652   1.00 31.64 ? 45   HOH A O   1 
HETATM 1102 O O   . HOH B 2 .   ? 6.474   -2.309  4.134   1.00 37.57 ? 46   HOH A O   1 
HETATM 1103 O O   . HOH B 2 .   ? -4.267  11.617  8.278   1.00 37.38 ? 47   HOH A O   1 
HETATM 1104 O O   . HOH B 2 .   ? -4.617  13.128  -12.758 1.00 39.00 ? 48   HOH A O   1 
HETATM 1105 O O   . HOH B 2 .   ? -10.691 -2.101  -13.462 1.00 36.37 ? 49   HOH A O   1 
HETATM 1106 O O   . HOH B 2 .   ? -4.640  5.885   14.329  1.00 40.53 ? 50   HOH A O   1 
HETATM 1107 O O   . HOH B 2 .   ? -4.870  3.635   10.459  1.00 26.03 ? 51   HOH A O   1 
HETATM 1108 O O   . HOH B 2 .   ? -12.960 17.168  2.844   1.00 45.17 ? 52   HOH A O   1 
HETATM 1109 O O   . HOH B 2 .   ? -22.033 -4.968  -10.168 1.00 36.56 ? 53   HOH A O   1 
HETATM 1110 O O   . HOH B 2 .   ? -22.182 2.866   0.744   1.00 32.88 ? 54   HOH A O   1 
HETATM 1111 O O   . HOH B 2 .   ? -4.545  9.644   -12.586 1.00 38.99 ? 55   HOH A O   1 
HETATM 1112 O O   . HOH B 2 .   ? -23.785 -2.545  -8.500  1.00 35.18 ? 56   HOH A O   1 
HETATM 1113 O O   . HOH B 2 .   ? -20.096 4.803   -4.688  1.00 36.75 ? 57   HOH A O   1 
HETATM 1114 O O   . HOH B 2 .   ? -12.484 -10.534 -1.866  1.00 39.88 ? 58   HOH A O   1 
HETATM 1115 O O   . HOH B 2 .   ? -7.513  -12.815 -4.673  1.00 41.30 ? 59   HOH A O   1 
HETATM 1116 O O   . HOH B 2 .   ? -0.772  8.320   1.806   1.00 48.11 ? 60   HOH A O   1 
HETATM 1117 O O   . HOH B 2 .   ? -17.520 6.158   -7.670  1.00 30.87 ? 61   HOH A O   1 
HETATM 1118 O O   . HOH B 2 .   ? -13.561 1.213   -12.457 1.00 41.40 ? 62   HOH A O   1 
HETATM 1119 O O   . HOH B 2 .   ? 0.033   -12.617 -5.436  1.00 32.19 ? 63   HOH A O   1 
HETATM 1120 O O   . HOH B 2 .   ? 2.604   5.401   -15.055 1.00 44.99 ? 64   HOH A O   1 
HETATM 1121 O O   . HOH B 2 .   ? -10.578 10.904  16.041  1.00 37.04 ? 65   HOH A O   1 
HETATM 1122 O O   . HOH B 2 .   ? -15.905 2.855   -12.965 1.00 38.82 ? 66   HOH A O   1 
HETATM 1123 O O   . HOH B 2 .   ? -15.343 -11.542 -4.632  1.00 43.79 ? 67   HOH A O   1 
HETATM 1124 O O   . HOH B 2 .   ? -11.104 -8.959  4.020   1.00 36.71 ? 68   HOH A O   1 
HETATM 1125 O O   . HOH B 2 .   ? -11.489 -9.392  0.591   1.00 36.96 ? 69   HOH A O   1 
HETATM 1126 O O   . HOH B 2 .   ? -17.866 12.197  -2.132  1.00 37.78 ? 70   HOH A O   1 
HETATM 1127 O O   . HOH B 2 .   ? -18.981 7.376   -4.014  1.00 43.76 ? 71   HOH A O   1 
HETATM 1128 O O   . HOH B 2 .   ? 8.756   0.088   2.704   1.00 43.62 ? 72   HOH A O   1 
HETATM 1129 O O   . HOH B 2 .   ? -17.174 11.429  -10.626 1.00 39.82 ? 73   HOH A O   1 
HETATM 1130 O O   . HOH B 2 .   ? -19.066 -9.314  -8.159  1.00 45.52 ? 74   HOH A O   1 
HETATM 1131 O O   . HOH B 2 .   ? 2.626   -0.765  9.211   1.00 44.89 ? 75   HOH A O   1 
HETATM 1132 O O   . HOH B 2 .   ? 10.652  -4.062  2.499   1.00 57.49 ? 76   HOH A O   1 
HETATM 1133 O O   . HOH B 2 .   ? 1.749   7.865   3.035   0.50 9.44  ? 77   HOH A O   1 
HETATM 1134 O O   . HOH B 2 .   ? 37.269  -9.254  20.214  1.00 38.35 ? 78   HOH A O   1 
HETATM 1135 O O   . HOH B 2 .   ? -11.241 16.899  -5.455  1.00 54.48 ? 79   HOH A O   1 
HETATM 1136 O O   . HOH B 2 .   ? -11.339 12.217  11.708  1.00 14.41 ? 80   HOH A O   1 
HETATM 1137 O O   . HOH B 2 .   ? 6.302   -5.930  0.940   1.00 23.81 ? 81   HOH A O   1 
HETATM 1138 O O   . HOH B 2 .   ? -6.926  -9.620  6.879   1.00 50.73 ? 82   HOH A O   1 
HETATM 1139 O O   . HOH B 2 .   ? -19.314 -2.842  -13.584 1.00 40.72 ? 83   HOH A O   1 
HETATM 1140 O O   . HOH B 2 .   ? 14.965  -3.311  -4.856  1.00 38.24 ? 84   HOH A O   1 
HETATM 1141 O O   . HOH B 2 .   ? -8.351  -10.081 4.428   1.00 48.42 ? 85   HOH A O   1 
HETATM 1142 O O   . HOH B 2 .   ? 35.631  -10.807 15.634  1.00 41.84 ? 86   HOH A O   1 
HETATM 1143 O O   . HOH B 2 .   ? 17.162  0.452   -4.027  1.00 45.84 ? 87   HOH A O   1 
HETATM 1144 O O   . HOH B 2 .   ? -4.183  -10.399 7.342   1.00 56.81 ? 88   HOH A O   1 
HETATM 1145 O O   . HOH B 2 .   ? -2.785  3.899   13.221  1.00 51.07 ? 89   HOH A O   1 
HETATM 1146 O O   . HOH B 2 .   ? -13.760 12.195  -12.825 1.00 53.65 ? 90   HOH A O   1 
HETATM 1147 O O   . HOH B 2 .   ? -19.098 13.290  -7.957  1.00 49.75 ? 91   HOH A O   1 
HETATM 1148 O O   . HOH B 2 .   ? 0.857   11.472  -0.622  1.00 44.59 ? 92   HOH A O   1 
HETATM 1149 O O   . HOH B 2 .   ? 3.027   1.045   11.458  1.00 55.83 ? 93   HOH A O   1 
HETATM 1150 O O   . HOH B 2 .   ? -2.675  15.095  -0.861  1.00 50.73 ? 94   HOH A O   1 
HETATM 1151 O O   . HOH B 2 .   ? 10.513  5.338   3.124   1.00 52.34 ? 95   HOH A O   1 
HETATM 1152 O O   . HOH B 2 .   ? 11.105  -0.946  1.335   1.00 54.32 ? 96   HOH A O   1 
HETATM 1153 O O   . HOH B 2 .   ? -18.093 -10.860 -4.174  1.00 40.32 ? 97   HOH A O   1 
HETATM 1154 O O   . HOH B 2 .   ? -20.187 6.372   -8.669  1.00 51.25 ? 98   HOH A O   1 
HETATM 1155 O O   . HOH B 2 .   ? -22.457 4.923   -7.612  1.00 58.37 ? 99   HOH A O   1 
HETATM 1156 O O   . HOH B 2 .   ? 5.145   -1.120  7.842   1.00 54.36 ? 100  HOH A O   1 
HETATM 1157 O O   . HOH B 2 .   ? -3.461  1.237   -15.636 1.00 49.96 ? 101  HOH A O   1 
HETATM 1158 O O   . HOH B 2 .   ? -20.973 3.974   -2.079  1.00 48.97 ? 102  HOH A O   1 
HETATM 1159 O O   . HOH B 2 .   ? 0.843   20.994  -10.552 1.00 51.41 ? 103  HOH A O   1 
HETATM 1160 O O   . HOH B 2 .   ? 11.707  -1.067  4.269   1.00 63.75 ? 104  HOH A O   1 
HETATM 1161 O O   . HOH B 2 .   ? -1.606  10.764  0.681   1.00 54.06 ? 105  HOH A O   1 
HETATM 1162 O O   . HOH B 2 .   ? -12.587 11.027  18.050  1.00 44.22 ? 106  HOH A O   1 
HETATM 1163 O O   . HOH B 2 .   ? -1.997  -9.518  -11.267 1.00 45.27 ? 107  HOH A O   1 
HETATM 1164 O O   . HOH B 2 .   ? -13.010 17.418  13.465  1.00 48.11 ? 108  HOH A O   1 
HETATM 1165 O O   . HOH B 2 .   ? -21.833 -3.780  -2.511  1.00 41.28 ? 109  HOH A O   1 
HETATM 1166 O O   . HOH B 2 .   ? 44.084  -5.485  16.478  1.00 44.00 ? 110  HOH A O   1 
HETATM 1167 O O   . HOH B 2 .   ? 10.253  1.664   4.646   1.00 51.76 ? 111  HOH A O   1 
HETATM 1168 O O   . HOH B 2 .   ? -26.360 -3.634  -4.433  1.00 52.59 ? 112  HOH A O   1 
HETATM 1169 O O   . HOH B 2 .   ? -7.113  12.996  -11.302 1.00 51.33 ? 113  HOH A O   1 
HETATM 1170 O O   . HOH B 2 .   ? 26.901  -11.767 4.526   1.00 59.56 ? 114  HOH A O   1 
# 
loop_
_pdbx_poly_seq_scheme.asym_id 
_pdbx_poly_seq_scheme.entity_id 
_pdbx_poly_seq_scheme.seq_id 
_pdbx_poly_seq_scheme.mon_id 
_pdbx_poly_seq_scheme.ndb_seq_num 
_pdbx_poly_seq_scheme.pdb_seq_num 
_pdbx_poly_seq_scheme.auth_seq_num 
_pdbx_poly_seq_scheme.pdb_mon_id 
_pdbx_poly_seq_scheme.auth_mon_id 
_pdbx_poly_seq_scheme.pdb_strand_id 
_pdbx_poly_seq_scheme.pdb_ins_code 
_pdbx_poly_seq_scheme.hetero 
A 1 1   GLY 1   996  ?    ?   ?   A . n 
A 1 2   SER 2   997  ?    ?   ?   A . n 
A 1 3   PRO 3   998  ?    ?   ?   A . n 
A 1 4   GLU 4   999  999  GLU GLU A . n 
A 1 5   PHE 5   1000 1000 PHE PHE A . n 
A 1 6   MET 6   1001 1001 MET MET A . n 
A 1 7   GLY 7   1002 1002 GLY GLY A . n 
A 1 8   GLU 8   1003 1003 GLU GLU A . n 
A 1 9   GLN 9   1004 1004 GLN GLN A . n 
A 1 10  PRO 10  1005 1005 PRO PRO A . n 
A 1 11  ILE 11  1006 1006 ILE ILE A . n 
A 1 12  PHE 12  1007 1007 PHE PHE A . n 
A 1 13  SER 13  1008 1008 SER SER A . n 
A 1 14  THR 14  1009 1009 THR THR A . n 
A 1 15  ARG 15  1010 1010 ARG ARG A . n 
A 1 16  ALA 16  1011 1011 ALA ALA A . n 
A 1 17  HIS 17  1012 1012 HIS HIS A . n 
A 1 18  VAL 18  1013 1013 VAL VAL A . n 
A 1 19  PHE 19  1014 1014 PHE PHE A . n 
A 1 20  GLN 20  1015 1015 GLN GLN A . n 
A 1 21  ILE 21  1016 1016 ILE ILE A . n 
A 1 22  ASP 22  1017 1017 ASP ASP A . n 
A 1 23  PRO 23  1018 1018 PRO PRO A . n 
A 1 24  ASN 24  1019 1019 ASN ASN A . n 
A 1 25  THR 25  1020 1020 THR THR A . n 
A 1 26  LYS 26  1021 1021 LYS LYS A . n 
A 1 27  LYS 27  1022 1022 LYS LYS A . n 
A 1 28  ASN 28  1023 1023 ASN ASN A . n 
A 1 29  TRP 29  1024 1024 TRP TRP A . n 
A 1 30  VAL 30  1025 1025 VAL VAL A . n 
A 1 31  PRO 31  1026 1026 PRO PRO A . n 
A 1 32  THR 32  1027 1027 THR THR A . n 
A 1 33  SER 33  1028 1028 SER SER A . n 
A 1 34  LYS 34  1029 1029 LYS LYS A . n 
A 1 35  HIS 35  1030 1030 HIS HIS A . n 
A 1 36  ALA 36  1031 1031 ALA ALA A . n 
A 1 37  VAL 37  1032 1032 VAL VAL A . n 
A 1 38  THR 38  1033 1033 THR THR A . n 
A 1 39  VAL 39  1034 1034 VAL VAL A . n 
A 1 40  SER 40  1035 1035 SER SER A . n 
A 1 41  TYR 41  1036 1036 TYR TYR A . n 
A 1 42  PHE 42  1037 1037 PHE PHE A . n 
A 1 43  TYR 43  1038 1038 TYR TYR A . n 
A 1 44  ASP 44  1039 1039 ASP ASP A . n 
A 1 45  SER 45  1040 1040 SER SER A . n 
A 1 46  THR 46  1041 1041 THR THR A . n 
A 1 47  ARG 47  1042 1042 ARG ARG A . n 
A 1 48  ASN 48  1043 1043 ASN ASN A . n 
A 1 49  VAL 49  1044 1044 VAL VAL A . n 
A 1 50  TYR 50  1045 1045 TYR TYR A . n 
A 1 51  ARG 51  1046 1046 ARG ARG A . n 
A 1 52  ILE 52  1047 1047 ILE ILE A . n 
A 1 53  ILE 53  1048 1048 ILE ILE A . n 
A 1 54  SER 54  1049 1049 SER SER A . n 
A 1 55  LEU 55  1050 1050 LEU LEU A . n 
A 1 56  ASP 56  1051 1051 ASP ASP A . n 
A 1 57  GLY 57  1052 1052 GLY GLY A . n 
A 1 58  SER 58  1053 1053 SER SER A . n 
A 1 59  LYS 59  1054 1054 LYS LYS A . n 
A 1 60  ALA 60  1055 1055 ALA ALA A . n 
A 1 61  ILE 61  1056 1056 ILE ILE A . n 
A 1 62  ILE 62  1057 1057 ILE ILE A . n 
A 1 63  ASN 63  1058 1058 ASN ASN A . n 
A 1 64  SER 64  1059 1059 SER SER A . n 
A 1 65  THR 65  1060 1060 THR THR A . n 
A 1 66  ILE 66  1061 1061 ILE ILE A . n 
A 1 67  THR 67  1062 1062 THR THR A . n 
A 1 68  PRO 68  1063 1063 PRO PRO A . n 
A 1 69  ASN 69  1064 1064 ASN ASN A . n 
A 1 70  MET 70  1065 1065 MET MET A . n 
A 1 71  THR 71  1066 1066 THR THR A . n 
A 1 72  PHE 72  1067 1067 PHE PHE A . n 
A 1 73  THR 73  1068 1068 THR THR A . n 
A 1 74  LYS 74  1069 1069 LYS LYS A . n 
A 1 75  THR 75  1070 1070 THR THR A . n 
A 1 76  SER 76  1071 1071 SER SER A . n 
A 1 77  GLN 77  1072 1072 GLN GLN A . n 
A 1 78  LYS 78  1073 1073 LYS LYS A . n 
A 1 79  PHE 79  1074 1074 PHE PHE A . n 
A 1 80  GLY 80  1075 1075 GLY GLY A . n 
A 1 81  GLN 81  1076 1076 GLN GLN A . n 
A 1 82  TRP 82  1077 1077 TRP TRP A . n 
A 1 83  ALA 83  1078 1078 ALA ALA A . n 
A 1 84  ASP 84  1079 1079 ASP ASP A . n 
A 1 85  SER 85  1080 1080 SER SER A . n 
A 1 86  ARG 86  1081 1081 ARG ARG A . n 
A 1 87  ALA 87  1082 1082 ALA ALA A . n 
A 1 88  ASN 88  1083 1083 ASN ASN A . n 
A 1 89  THR 89  1084 1084 THR THR A . n 
A 1 90  VAL 90  1085 1085 VAL VAL A . n 
A 1 91  TYR 91  1086 1086 TYR TYR A . n 
A 1 92  GLY 92  1087 1087 GLY GLY A . n 
A 1 93  LEU 93  1088 1088 LEU LEU A . n 
A 1 94  GLY 94  1089 1089 GLY GLY A . n 
A 1 95  PHE 95  1090 1090 PHE PHE A . n 
A 1 96  SER 96  1091 1091 SER SER A . n 
A 1 97  SER 97  1092 1092 SER SER A . n 
A 1 98  GLU 98  1093 1093 GLU GLU A . n 
A 1 99  HIS 99  1094 1094 HIS HIS A . n 
A 1 100 HIS 100 1095 1095 HIS HIS A . n 
A 1 101 LEU 101 1096 1096 LEU LEU A . n 
A 1 102 SER 102 1097 1097 SER SER A . n 
A 1 103 LYS 103 1098 1098 LYS LYS A . n 
A 1 104 PHE 104 1099 1099 PHE PHE A . n 
A 1 105 ALA 105 1100 1100 ALA ALA A . n 
A 1 106 GLU 106 1101 1101 GLU GLU A . n 
A 1 107 LYS 107 1102 1102 LYS LYS A . n 
A 1 108 PHE 108 1103 1103 PHE PHE A . n 
A 1 109 GLN 109 1104 1104 GLN GLN A . n 
A 1 110 GLU 110 1105 1105 GLU GLU A . n 
A 1 111 PHE 111 1106 1106 PHE PHE A . n 
A 1 112 LYS 112 1107 1107 LYS LYS A . n 
A 1 113 GLU 113 1108 1108 GLU GLU A . n 
A 1 114 ALA 114 1109 1109 ALA ALA A . n 
A 1 115 ALA 115 1110 1110 ALA ALA A . n 
A 1 116 ARG 116 1111 1111 ARG ARG A . n 
A 1 117 LEU 117 1112 1112 LEU LEU A . n 
A 1 118 ALA 118 1113 1113 ALA ALA A . n 
A 1 119 LYS 119 1114 1114 LYS LYS A . n 
A 1 120 GLU 120 1115 1115 GLU GLU A . n 
A 1 121 LYS 121 1116 1116 LYS LYS A . n 
A 1 122 SER 122 1117 1117 SER SER A . n 
A 1 123 GLN 123 1118 ?    ?   ?   A . n 
A 1 124 GLU 124 1119 ?    ?   ?   A . n 
A 1 125 LYS 125 1120 1120 LYS LYS A . n 
A 1 126 MET 126 1121 1121 MET MET A . n 
A 1 127 GLU 127 1122 1122 GLU GLU A . n 
A 1 128 LEU 128 1123 1123 LEU LEU A . n 
A 1 129 THR 129 1124 1124 THR THR A . n 
A 1 130 SER 130 1125 1125 SER SER A . n 
A 1 131 THR 131 1126 1126 THR THR A . n 
A 1 132 PRO 132 1127 1127 PRO PRO A . n 
A 1 133 SER 133 1128 1128 SER SER A . n 
A 1 134 GLN 134 1129 ?    ?   ?   A . n 
A 1 135 GLU 135 1130 ?    ?   ?   A . n 
A 1 136 SER 136 1131 ?    ?   ?   A . n 
A 1 137 ALA 137 1132 ?    ?   ?   A . n 
A 1 138 GLY 138 1133 ?    ?   ?   A . n 
A 1 139 GLY 139 1134 1134 GLY GLY A . n 
A 1 140 ASP 140 1135 1135 ASP ASP A . n 
A 1 141 LEU 141 1136 1136 LEU LEU A . n 
A 1 142 GLN 142 1137 1137 GLN GLN A . n 
A 1 143 SER 143 1138 1138 SER SER A . n 
A 1 144 PRO 144 1139 1139 PRO PRO A . n 
A 1 145 LEU 145 1140 1140 LEU LEU A . n 
A 1 146 THR 146 1141 1141 THR THR A . n 
A 1 147 PRO 147 1142 1142 PRO PRO A . n 
A 1 148 GLU 148 1143 1143 GLU GLU A . n 
A 1 149 SER 149 1144 ?    ?   ?   A . n 
A 1 150 ILE 150 1145 ?    ?   ?   A . n 
A 1 151 ASN 151 1146 ?    ?   ?   A . n 
A 1 152 GLY 152 1147 ?    ?   ?   A . n 
A 1 153 THR 153 1148 ?    ?   ?   A . n 
A 1 154 ASP 154 1149 ?    ?   ?   A . n 
A 1 155 ASP 155 1150 ?    ?   ?   A . n 
A 1 156 GLU 156 1151 ?    ?   ?   A . n 
A 1 157 ARG 157 1152 ?    ?   ?   A . n 
A 1 158 THR 158 1153 ?    ?   ?   A . n 
A 1 159 PRO 159 1154 ?    ?   ?   A . n 
A 1 160 ASP 160 1155 ?    ?   ?   A . n 
A 1 161 VAL 161 1156 ?    ?   ?   A . n 
A 1 162 THR 162 1157 ?    ?   ?   A . n 
A 1 163 GLN 163 1158 ?    ?   ?   A . n 
A 1 164 ASN 164 1159 ?    ?   ?   A . n 
A 1 165 SER 165 1160 ?    ?   ?   A . n 
A 1 166 GLU 166 1161 ?    ?   ?   A . n 
A 1 167 PRO 167 1162 ?    ?   ?   A . n 
A 1 168 ARG 168 1163 ?    ?   ?   A . n 
# 
loop_
_pdbx_nonpoly_scheme.asym_id 
_pdbx_nonpoly_scheme.entity_id 
_pdbx_nonpoly_scheme.mon_id 
_pdbx_nonpoly_scheme.ndb_seq_num 
_pdbx_nonpoly_scheme.pdb_seq_num 
_pdbx_nonpoly_scheme.auth_seq_num 
_pdbx_nonpoly_scheme.pdb_mon_id 
_pdbx_nonpoly_scheme.auth_mon_id 
_pdbx_nonpoly_scheme.pdb_strand_id 
_pdbx_nonpoly_scheme.pdb_ins_code 
B 2 HOH 1   1   1   HOH HOH A . 
B 2 HOH 2   2   2   HOH HOH A . 
B 2 HOH 3   3   3   HOH HOH A . 
B 2 HOH 4   4   4   HOH HOH A . 
B 2 HOH 5   5   5   HOH HOH A . 
B 2 HOH 6   6   6   HOH HOH A . 
B 2 HOH 7   7   7   HOH HOH A . 
B 2 HOH 8   8   8   HOH HOH A . 
B 2 HOH 9   9   9   HOH HOH A . 
B 2 HOH 10  10  10  HOH HOH A . 
B 2 HOH 11  11  11  HOH HOH A . 
B 2 HOH 12  12  12  HOH HOH A . 
B 2 HOH 13  13  13  HOH HOH A . 
B 2 HOH 14  14  14  HOH HOH A . 
B 2 HOH 15  15  15  HOH HOH A . 
B 2 HOH 16  16  16  HOH HOH A . 
B 2 HOH 17  17  17  HOH HOH A . 
B 2 HOH 18  18  18  HOH HOH A . 
B 2 HOH 19  19  19  HOH HOH A . 
B 2 HOH 20  20  20  HOH HOH A . 
B 2 HOH 21  21  21  HOH HOH A . 
B 2 HOH 22  22  22  HOH HOH A . 
B 2 HOH 23  23  23  HOH HOH A . 
B 2 HOH 24  24  24  HOH HOH A . 
B 2 HOH 25  25  25  HOH HOH A . 
B 2 HOH 26  26  26  HOH HOH A . 
B 2 HOH 27  27  27  HOH HOH A . 
B 2 HOH 28  28  28  HOH HOH A . 
B 2 HOH 29  29  29  HOH HOH A . 
B 2 HOH 30  30  30  HOH HOH A . 
B 2 HOH 31  31  31  HOH HOH A . 
B 2 HOH 32  32  32  HOH HOH A . 
B 2 HOH 33  33  33  HOH HOH A . 
B 2 HOH 34  34  34  HOH HOH A . 
B 2 HOH 35  35  35  HOH HOH A . 
B 2 HOH 36  36  36  HOH HOH A . 
B 2 HOH 37  37  37  HOH HOH A . 
B 2 HOH 38  38  38  HOH HOH A . 
B 2 HOH 39  39  39  HOH HOH A . 
B 2 HOH 40  40  40  HOH HOH A . 
B 2 HOH 41  41  41  HOH HOH A . 
B 2 HOH 42  42  42  HOH HOH A . 
B 2 HOH 43  43  43  HOH HOH A . 
B 2 HOH 44  44  44  HOH HOH A . 
B 2 HOH 45  45  45  HOH HOH A . 
B 2 HOH 46  46  46  HOH HOH A . 
B 2 HOH 47  47  47  HOH HOH A . 
B 2 HOH 48  48  48  HOH HOH A . 
B 2 HOH 49  49  49  HOH HOH A . 
B 2 HOH 50  50  50  HOH HOH A . 
B 2 HOH 51  51  51  HOH HOH A . 
B 2 HOH 52  52  52  HOH HOH A . 
B 2 HOH 53  53  53  HOH HOH A . 
B 2 HOH 54  54  54  HOH HOH A . 
B 2 HOH 55  55  55  HOH HOH A . 
B 2 HOH 56  56  56  HOH HOH A . 
B 2 HOH 57  57  57  HOH HOH A . 
B 2 HOH 58  58  58  HOH HOH A . 
B 2 HOH 59  59  59  HOH HOH A . 
B 2 HOH 60  60  60  HOH HOH A . 
B 2 HOH 61  61  61  HOH HOH A . 
B 2 HOH 62  62  62  HOH HOH A . 
B 2 HOH 63  63  63  HOH HOH A . 
B 2 HOH 64  64  64  HOH HOH A . 
B 2 HOH 65  65  65  HOH HOH A . 
B 2 HOH 66  66  66  HOH HOH A . 
B 2 HOH 67  67  67  HOH HOH A . 
B 2 HOH 68  68  68  HOH HOH A . 
B 2 HOH 69  69  69  HOH HOH A . 
B 2 HOH 70  70  70  HOH HOH A . 
B 2 HOH 71  71  71  HOH HOH A . 
B 2 HOH 72  72  72  HOH HOH A . 
B 2 HOH 73  73  73  HOH HOH A . 
B 2 HOH 74  74  74  HOH HOH A . 
B 2 HOH 75  75  75  HOH HOH A . 
B 2 HOH 76  76  76  HOH HOH A . 
B 2 HOH 77  77  77  HOH HOH A . 
B 2 HOH 78  78  78  HOH HOH A . 
B 2 HOH 79  79  79  HOH HOH A . 
B 2 HOH 80  80  80  HOH HOH A . 
B 2 HOH 81  81  81  HOH HOH A . 
B 2 HOH 82  82  82  HOH HOH A . 
B 2 HOH 83  83  83  HOH HOH A . 
B 2 HOH 84  84  84  HOH HOH A . 
B 2 HOH 85  85  85  HOH HOH A . 
B 2 HOH 86  86  86  HOH HOH A . 
B 2 HOH 87  87  87  HOH HOH A . 
B 2 HOH 88  88  88  HOH HOH A . 
B 2 HOH 89  89  89  HOH HOH A . 
B 2 HOH 90  90  90  HOH HOH A . 
B 2 HOH 91  91  91  HOH HOH A . 
B 2 HOH 92  92  92  HOH HOH A . 
B 2 HOH 93  93  93  HOH HOH A . 
B 2 HOH 94  94  94  HOH HOH A . 
B 2 HOH 95  95  95  HOH HOH A . 
B 2 HOH 96  96  96  HOH HOH A . 
B 2 HOH 97  97  97  HOH HOH A . 
B 2 HOH 98  98  98  HOH HOH A . 
B 2 HOH 99  99  99  HOH HOH A . 
B 2 HOH 100 100 100 HOH HOH A . 
B 2 HOH 101 101 101 HOH HOH A . 
B 2 HOH 102 102 102 HOH HOH A . 
B 2 HOH 103 103 103 HOH HOH A . 
B 2 HOH 104 104 104 HOH HOH A . 
B 2 HOH 105 105 105 HOH HOH A . 
B 2 HOH 106 106 106 HOH HOH A . 
B 2 HOH 107 107 107 HOH HOH A . 
B 2 HOH 108 108 108 HOH HOH A . 
B 2 HOH 109 109 109 HOH HOH A . 
B 2 HOH 110 110 110 HOH HOH A . 
B 2 HOH 111 111 111 HOH HOH A . 
B 2 HOH 112 112 112 HOH HOH A . 
B 2 HOH 113 113 113 HOH HOH A . 
B 2 HOH 114 114 114 HOH HOH A . 
# 
_pdbx_struct_assembly.id                   1 
_pdbx_struct_assembly.details              author_defined_assembly 
_pdbx_struct_assembly.method_details       ? 
_pdbx_struct_assembly.oligomeric_details   monomeric 
_pdbx_struct_assembly.oligomeric_count     1 
# 
_pdbx_struct_assembly_gen.assembly_id       1 
_pdbx_struct_assembly_gen.oper_expression   1 
_pdbx_struct_assembly_gen.asym_id_list      A,B 
# 
_pdbx_struct_oper_list.id                   1 
_pdbx_struct_oper_list.type                 'identity operation' 
_pdbx_struct_oper_list.name                 1_555 
_pdbx_struct_oper_list.symmetry_operation   x,y,z 
_pdbx_struct_oper_list.matrix[1][1]         1.0000000000 
_pdbx_struct_oper_list.matrix[1][2]         0.0000000000 
_pdbx_struct_oper_list.matrix[1][3]         0.0000000000 
_pdbx_struct_oper_list.vector[1]            0.0000000000 
_pdbx_struct_oper_list.matrix[2][1]         0.0000000000 
_pdbx_struct_oper_list.matrix[2][2]         1.0000000000 
_pdbx_struct_oper_list.matrix[2][3]         0.0000000000 
_pdbx_struct_oper_list.vector[2]            0.0000000000 
_pdbx_struct_oper_list.matrix[3][1]         0.0000000000 
_pdbx_struct_oper_list.matrix[3][2]         0.0000000000 
_pdbx_struct_oper_list.matrix[3][3]         1.0000000000 
_pdbx_struct_oper_list.vector[3]            0.0000000000 
# 
_pdbx_struct_special_symmetry.id              1 
_pdbx_struct_special_symmetry.PDB_model_num   1 
_pdbx_struct_special_symmetry.auth_asym_id    A 
_pdbx_struct_special_symmetry.auth_comp_id    HOH 
_pdbx_struct_special_symmetry.auth_seq_id     38 
_pdbx_struct_special_symmetry.PDB_ins_code    ? 
_pdbx_struct_special_symmetry.label_asym_id   B 
_pdbx_struct_special_symmetry.label_comp_id   HOH 
_pdbx_struct_special_symmetry.label_seq_id    . 
# 
loop_
_pdbx_audit_revision_history.ordinal 
_pdbx_audit_revision_history.data_content_type 
_pdbx_audit_revision_history.major_revision 
_pdbx_audit_revision_history.minor_revision 
_pdbx_audit_revision_history.revision_date 
1 'Structure model' 1 0 2002-05-29 
2 'Structure model' 1 1 2008-04-27 
3 'Structure model' 1 2 2011-07-13 
4 'Structure model' 1 3 2023-08-09 
# 
_pdbx_audit_revision_details.ordinal             1 
_pdbx_audit_revision_details.revision_ordinal    1 
_pdbx_audit_revision_details.data_content_type   'Structure model' 
_pdbx_audit_revision_details.provider            repository 
_pdbx_audit_revision_details.type                'Initial release' 
_pdbx_audit_revision_details.description         ? 
_pdbx_audit_revision_details.details             ? 
# 
loop_
_pdbx_audit_revision_group.ordinal 
_pdbx_audit_revision_group.revision_ordinal 
_pdbx_audit_revision_group.data_content_type 
_pdbx_audit_revision_group.group 
1 2 'Structure model' 'Version format compliance' 
2 3 'Structure model' 'Version format compliance' 
3 4 'Structure model' 'Data collection'           
4 4 'Structure model' 'Database references'       
5 4 'Structure model' 'Refinement description'    
# 
loop_
_pdbx_audit_revision_category.ordinal 
_pdbx_audit_revision_category.revision_ordinal 
_pdbx_audit_revision_category.data_content_type 
_pdbx_audit_revision_category.category 
1 4 'Structure model' chem_comp_atom                
2 4 'Structure model' chem_comp_bond                
3 4 'Structure model' database_2                    
4 4 'Structure model' pdbx_initial_refinement_model 
# 
loop_
_pdbx_audit_revision_item.ordinal 
_pdbx_audit_revision_item.revision_ordinal 
_pdbx_audit_revision_item.data_content_type 
_pdbx_audit_revision_item.item 
1 4 'Structure model' '_database_2.pdbx_DOI'                
2 4 'Structure model' '_database_2.pdbx_database_accession' 
# 
loop_
_software.name 
_software.classification 
_software.version 
_software.citation_id 
_software.pdbx_ordinal 
AMoRE  phasing          .         ? 1 
REFMAC refinement       .         ? 2 
MOSFLM 'data reduction' .         ? 3 
CCP4   'data scaling'   '(SCALA)' ? 4 
# 
loop_
_pdbx_database_remark.id 
_pdbx_database_remark.text 
300 
;
BIOMOLECULE: 1
THIS ENTRY CONTAINS THE CRYSTALLOGRAPHIC ASYMMETRIC UNIT
WHICH CONSISTS OF 1 CHAIN(S). SEE REMARK 350 FOR
INFORMATION ON GENERATING THE BIOLOGICAL MOLECULE(S).
IT IS UNCLEAR WHETHER THE BIOLOGICAL UNIT IS A MONOMER
OR DIMER.
;
999 
;SEQUENCE 
FIVE RESIDUES (GSPEF) INSERTED AT N-TERMINUS COME 
FROM PGEX-4T-1.
The EcoRI and Xho I site of pGEX-4T-1 is used for cloning.  
The GST-fusion linker, GSPEF, is located after the thrombin
cleavage site and before the EcoRI site.  These fusion 
linker residues are numbered 996-1000.
;
# 
_pdbx_validate_symm_contact.id                1 
_pdbx_validate_symm_contact.PDB_model_num     1 
_pdbx_validate_symm_contact.auth_atom_id_1    O 
_pdbx_validate_symm_contact.auth_asym_id_1    A 
_pdbx_validate_symm_contact.auth_comp_id_1    SER 
_pdbx_validate_symm_contact.auth_seq_id_1     1053 
_pdbx_validate_symm_contact.PDB_ins_code_1    ? 
_pdbx_validate_symm_contact.label_alt_id_1    ? 
_pdbx_validate_symm_contact.site_symmetry_1   1_555 
_pdbx_validate_symm_contact.auth_atom_id_2    O 
_pdbx_validate_symm_contact.auth_asym_id_2    A 
_pdbx_validate_symm_contact.auth_comp_id_2    HOH 
_pdbx_validate_symm_contact.auth_seq_id_2     4 
_pdbx_validate_symm_contact.PDB_ins_code_2    ? 
_pdbx_validate_symm_contact.label_alt_id_2    ? 
_pdbx_validate_symm_contact.site_symmetry_2   2_655 
_pdbx_validate_symm_contact.dist              2.16 
# 
loop_
_pdbx_validate_torsion.id 
_pdbx_validate_torsion.PDB_model_num 
_pdbx_validate_torsion.auth_comp_id 
_pdbx_validate_torsion.auth_asym_id 
_pdbx_validate_torsion.auth_seq_id 
_pdbx_validate_torsion.PDB_ins_code 
_pdbx_validate_torsion.label_alt_id 
_pdbx_validate_torsion.phi 
_pdbx_validate_torsion.psi 
1 1 ASN A 1023 ? ? -95.07 -119.20 
2 1 LYS A 1073 ? ? 59.68  17.57   
# 
loop_
_pdbx_unobs_or_zero_occ_atoms.id 
_pdbx_unobs_or_zero_occ_atoms.PDB_model_num 
_pdbx_unobs_or_zero_occ_atoms.polymer_flag 
_pdbx_unobs_or_zero_occ_atoms.occupancy_flag 
_pdbx_unobs_or_zero_occ_atoms.auth_asym_id 
_pdbx_unobs_or_zero_occ_atoms.auth_comp_id 
_pdbx_unobs_or_zero_occ_atoms.auth_seq_id 
_pdbx_unobs_or_zero_occ_atoms.PDB_ins_code 
_pdbx_unobs_or_zero_occ_atoms.auth_atom_id 
_pdbx_unobs_or_zero_occ_atoms.label_alt_id 
_pdbx_unobs_or_zero_occ_atoms.label_asym_id 
_pdbx_unobs_or_zero_occ_atoms.label_comp_id 
_pdbx_unobs_or_zero_occ_atoms.label_seq_id 
_pdbx_unobs_or_zero_occ_atoms.label_atom_id 
1  1 Y 1 A MET 1001 ? CE  ? A MET 6   CE  
2  1 Y 1 A LYS 1021 ? NZ  ? A LYS 26  NZ  
3  1 Y 1 A LYS 1029 ? CG  ? A LYS 34  CG  
4  1 Y 1 A LYS 1029 ? CD  ? A LYS 34  CD  
5  1 Y 1 A LYS 1029 ? CE  ? A LYS 34  CE  
6  1 Y 1 A LYS 1029 ? NZ  ? A LYS 34  NZ  
7  1 Y 1 A HIS 1030 ? CG  ? A HIS 35  CG  
8  1 Y 1 A HIS 1030 ? ND1 ? A HIS 35  ND1 
9  1 Y 1 A HIS 1030 ? CD2 ? A HIS 35  CD2 
10 1 Y 1 A HIS 1030 ? CE1 ? A HIS 35  CE1 
11 1 Y 1 A HIS 1030 ? NE2 ? A HIS 35  NE2 
12 1 Y 1 A ASN 1064 ? OD1 ? A ASN 69  OD1 
13 1 Y 1 A ASN 1064 ? ND2 ? A ASN 69  ND2 
14 1 Y 1 A LYS 1098 ? NZ  ? A LYS 103 NZ  
15 1 Y 1 A GLN 1104 ? OE1 ? A GLN 109 OE1 
16 1 Y 1 A GLN 1104 ? NE2 ? A GLN 109 NE2 
17 1 Y 1 A GLU 1108 ? CD  ? A GLU 113 CD  
18 1 Y 1 A GLU 1108 ? OE1 ? A GLU 113 OE1 
19 1 Y 1 A GLU 1108 ? OE2 ? A GLU 113 OE2 
20 1 Y 1 A ARG 1111 ? CZ  ? A ARG 116 CZ  
21 1 Y 1 A ARG 1111 ? NH1 ? A ARG 116 NH1 
22 1 Y 1 A ARG 1111 ? NH2 ? A ARG 116 NH2 
23 1 Y 1 A LEU 1112 ? CG  ? A LEU 117 CG  
24 1 Y 1 A LEU 1112 ? CD1 ? A LEU 117 CD1 
25 1 Y 1 A LEU 1112 ? CD2 ? A LEU 117 CD2 
26 1 Y 1 A LYS 1114 ? CD  ? A LYS 119 CD  
27 1 Y 1 A LYS 1114 ? CE  ? A LYS 119 CE  
28 1 Y 1 A LYS 1114 ? NZ  ? A LYS 119 NZ  
29 1 Y 1 A GLU 1115 ? CG  ? A GLU 120 CG  
30 1 Y 1 A GLU 1115 ? CD  ? A GLU 120 CD  
31 1 Y 1 A GLU 1115 ? OE1 ? A GLU 120 OE1 
32 1 Y 1 A GLU 1115 ? OE2 ? A GLU 120 OE2 
33 1 Y 1 A LYS 1116 ? CE  ? A LYS 121 CE  
34 1 Y 1 A LYS 1116 ? NZ  ? A LYS 121 NZ  
35 1 Y 1 A LYS 1120 ? CB  ? A LYS 125 CB  
36 1 Y 1 A LYS 1120 ? CG  ? A LYS 125 CG  
37 1 Y 1 A LYS 1120 ? CD  ? A LYS 125 CD  
38 1 Y 1 A LYS 1120 ? CE  ? A LYS 125 CE  
39 1 Y 1 A LYS 1120 ? NZ  ? A LYS 125 NZ  
40 1 Y 1 A GLU 1122 ? CD  ? A GLU 127 CD  
41 1 Y 1 A GLU 1122 ? OE1 ? A GLU 127 OE1 
42 1 Y 1 A GLU 1122 ? OE2 ? A GLU 127 OE2 
43 1 Y 1 A GLU 1143 ? CG  ? A GLU 148 CG  
44 1 Y 1 A GLU 1143 ? CD  ? A GLU 148 CD  
45 1 Y 1 A GLU 1143 ? OE1 ? A GLU 148 OE1 
46 1 Y 1 A GLU 1143 ? OE2 ? A GLU 148 OE2 
# 
loop_
_pdbx_unobs_or_zero_occ_residues.id 
_pdbx_unobs_or_zero_occ_residues.PDB_model_num 
_pdbx_unobs_or_zero_occ_residues.polymer_flag 
_pdbx_unobs_or_zero_occ_residues.occupancy_flag 
_pdbx_unobs_or_zero_occ_residues.auth_asym_id 
_pdbx_unobs_or_zero_occ_residues.auth_comp_id 
_pdbx_unobs_or_zero_occ_residues.auth_seq_id 
_pdbx_unobs_or_zero_occ_residues.PDB_ins_code 
_pdbx_unobs_or_zero_occ_residues.label_asym_id 
_pdbx_unobs_or_zero_occ_residues.label_comp_id 
_pdbx_unobs_or_zero_occ_residues.label_seq_id 
1  1 Y 1 A GLY 996  ? A GLY 1   
2  1 Y 1 A SER 997  ? A SER 2   
3  1 Y 1 A PRO 998  ? A PRO 3   
4  1 Y 1 A GLN 1118 ? A GLN 123 
5  1 Y 1 A GLU 1119 ? A GLU 124 
6  1 Y 1 A GLN 1129 ? A GLN 134 
7  1 Y 1 A GLU 1130 ? A GLU 135 
8  1 Y 1 A SER 1131 ? A SER 136 
9  1 Y 1 A ALA 1132 ? A ALA 137 
10 1 Y 1 A GLY 1133 ? A GLY 138 
11 1 Y 1 A SER 1144 ? A SER 149 
12 1 Y 1 A ILE 1145 ? A ILE 150 
13 1 Y 1 A ASN 1146 ? A ASN 151 
14 1 Y 1 A GLY 1147 ? A GLY 152 
15 1 Y 1 A THR 1148 ? A THR 153 
16 1 Y 1 A ASP 1149 ? A ASP 154 
17 1 Y 1 A ASP 1150 ? A ASP 155 
18 1 Y 1 A GLU 1151 ? A GLU 156 
19 1 Y 1 A ARG 1152 ? A ARG 157 
20 1 Y 1 A THR 1153 ? A THR 158 
21 1 Y 1 A PRO 1154 ? A PRO 159 
22 1 Y 1 A ASP 1155 ? A ASP 160 
23 1 Y 1 A VAL 1156 ? A VAL 161 
24 1 Y 1 A THR 1157 ? A THR 162 
25 1 Y 1 A GLN 1158 ? A GLN 163 
26 1 Y 1 A ASN 1159 ? A ASN 164 
27 1 Y 1 A SER 1160 ? A SER 165 
28 1 Y 1 A GLU 1161 ? A GLU 166 
29 1 Y 1 A PRO 1162 ? A PRO 167 
30 1 Y 1 A ARG 1163 ? A ARG 168 
# 
loop_
_chem_comp_atom.comp_id 
_chem_comp_atom.atom_id 
_chem_comp_atom.type_symbol 
_chem_comp_atom.pdbx_aromatic_flag 
_chem_comp_atom.pdbx_stereo_config 
_chem_comp_atom.pdbx_ordinal 
ALA N    N N N 1   
ALA CA   C N S 2   
ALA C    C N N 3   
ALA O    O N N 4   
ALA CB   C N N 5   
ALA OXT  O N N 6   
ALA H    H N N 7   
ALA H2   H N N 8   
ALA HA   H N N 9   
ALA HB1  H N N 10  
ALA HB2  H N N 11  
ALA HB3  H N N 12  
ALA HXT  H N N 13  
ARG N    N N N 14  
ARG CA   C N S 15  
ARG C    C N N 16  
ARG O    O N N 17  
ARG CB   C N N 18  
ARG CG   C N N 19  
ARG CD   C N N 20  
ARG NE   N N N 21  
ARG CZ   C N N 22  
ARG NH1  N N N 23  
ARG NH2  N N N 24  
ARG OXT  O N N 25  
ARG H    H N N 26  
ARG H2   H N N 27  
ARG HA   H N N 28  
ARG HB2  H N N 29  
ARG HB3  H N N 30  
ARG HG2  H N N 31  
ARG HG3  H N N 32  
ARG HD2  H N N 33  
ARG HD3  H N N 34  
ARG HE   H N N 35  
ARG HH11 H N N 36  
ARG HH12 H N N 37  
ARG HH21 H N N 38  
ARG HH22 H N N 39  
ARG HXT  H N N 40  
ASN N    N N N 41  
ASN CA   C N S 42  
ASN C    C N N 43  
ASN O    O N N 44  
ASN CB   C N N 45  
ASN CG   C N N 46  
ASN OD1  O N N 47  
ASN ND2  N N N 48  
ASN OXT  O N N 49  
ASN H    H N N 50  
ASN H2   H N N 51  
ASN HA   H N N 52  
ASN HB2  H N N 53  
ASN HB3  H N N 54  
ASN HD21 H N N 55  
ASN HD22 H N N 56  
ASN HXT  H N N 57  
ASP N    N N N 58  
ASP CA   C N S 59  
ASP C    C N N 60  
ASP O    O N N 61  
ASP CB   C N N 62  
ASP CG   C N N 63  
ASP OD1  O N N 64  
ASP OD2  O N N 65  
ASP OXT  O N N 66  
ASP H    H N N 67  
ASP H2   H N N 68  
ASP HA   H N N 69  
ASP HB2  H N N 70  
ASP HB3  H N N 71  
ASP HD2  H N N 72  
ASP HXT  H N N 73  
GLN N    N N N 74  
GLN CA   C N S 75  
GLN C    C N N 76  
GLN O    O N N 77  
GLN CB   C N N 78  
GLN CG   C N N 79  
GLN CD   C N N 80  
GLN OE1  O N N 81  
GLN NE2  N N N 82  
GLN OXT  O N N 83  
GLN H    H N N 84  
GLN H2   H N N 85  
GLN HA   H N N 86  
GLN HB2  H N N 87  
GLN HB3  H N N 88  
GLN HG2  H N N 89  
GLN HG3  H N N 90  
GLN HE21 H N N 91  
GLN HE22 H N N 92  
GLN HXT  H N N 93  
GLU N    N N N 94  
GLU CA   C N S 95  
GLU C    C N N 96  
GLU O    O N N 97  
GLU CB   C N N 98  
GLU CG   C N N 99  
GLU CD   C N N 100 
GLU OE1  O N N 101 
GLU OE2  O N N 102 
GLU OXT  O N N 103 
GLU H    H N N 104 
GLU H2   H N N 105 
GLU HA   H N N 106 
GLU HB2  H N N 107 
GLU HB3  H N N 108 
GLU HG2  H N N 109 
GLU HG3  H N N 110 
GLU HE2  H N N 111 
GLU HXT  H N N 112 
GLY N    N N N 113 
GLY CA   C N N 114 
GLY C    C N N 115 
GLY O    O N N 116 
GLY OXT  O N N 117 
GLY H    H N N 118 
GLY H2   H N N 119 
GLY HA2  H N N 120 
GLY HA3  H N N 121 
GLY HXT  H N N 122 
HIS N    N N N 123 
HIS CA   C N S 124 
HIS C    C N N 125 
HIS O    O N N 126 
HIS CB   C N N 127 
HIS CG   C Y N 128 
HIS ND1  N Y N 129 
HIS CD2  C Y N 130 
HIS CE1  C Y N 131 
HIS NE2  N Y N 132 
HIS OXT  O N N 133 
HIS H    H N N 134 
HIS H2   H N N 135 
HIS HA   H N N 136 
HIS HB2  H N N 137 
HIS HB3  H N N 138 
HIS HD1  H N N 139 
HIS HD2  H N N 140 
HIS HE1  H N N 141 
HIS HE2  H N N 142 
HIS HXT  H N N 143 
HOH O    O N N 144 
HOH H1   H N N 145 
HOH H2   H N N 146 
ILE N    N N N 147 
ILE CA   C N S 148 
ILE C    C N N 149 
ILE O    O N N 150 
ILE CB   C N S 151 
ILE CG1  C N N 152 
ILE CG2  C N N 153 
ILE CD1  C N N 154 
ILE OXT  O N N 155 
ILE H    H N N 156 
ILE H2   H N N 157 
ILE HA   H N N 158 
ILE HB   H N N 159 
ILE HG12 H N N 160 
ILE HG13 H N N 161 
ILE HG21 H N N 162 
ILE HG22 H N N 163 
ILE HG23 H N N 164 
ILE HD11 H N N 165 
ILE HD12 H N N 166 
ILE HD13 H N N 167 
ILE HXT  H N N 168 
LEU N    N N N 169 
LEU CA   C N S 170 
LEU C    C N N 171 
LEU O    O N N 172 
LEU CB   C N N 173 
LEU CG   C N N 174 
LEU CD1  C N N 175 
LEU CD2  C N N 176 
LEU OXT  O N N 177 
LEU H    H N N 178 
LEU H2   H N N 179 
LEU HA   H N N 180 
LEU HB2  H N N 181 
LEU HB3  H N N 182 
LEU HG   H N N 183 
LEU HD11 H N N 184 
LEU HD12 H N N 185 
LEU HD13 H N N 186 
LEU HD21 H N N 187 
LEU HD22 H N N 188 
LEU HD23 H N N 189 
LEU HXT  H N N 190 
LYS N    N N N 191 
LYS CA   C N S 192 
LYS C    C N N 193 
LYS O    O N N 194 
LYS CB   C N N 195 
LYS CG   C N N 196 
LYS CD   C N N 197 
LYS CE   C N N 198 
LYS NZ   N N N 199 
LYS OXT  O N N 200 
LYS H    H N N 201 
LYS H2   H N N 202 
LYS HA   H N N 203 
LYS HB2  H N N 204 
LYS HB3  H N N 205 
LYS HG2  H N N 206 
LYS HG3  H N N 207 
LYS HD2  H N N 208 
LYS HD3  H N N 209 
LYS HE2  H N N 210 
LYS HE3  H N N 211 
LYS HZ1  H N N 212 
LYS HZ2  H N N 213 
LYS HZ3  H N N 214 
LYS HXT  H N N 215 
MET N    N N N 216 
MET CA   C N S 217 
MET C    C N N 218 
MET O    O N N 219 
MET CB   C N N 220 
MET CG   C N N 221 
MET SD   S N N 222 
MET CE   C N N 223 
MET OXT  O N N 224 
MET H    H N N 225 
MET H2   H N N 226 
MET HA   H N N 227 
MET HB2  H N N 228 
MET HB3  H N N 229 
MET HG2  H N N 230 
MET HG3  H N N 231 
MET HE1  H N N 232 
MET HE2  H N N 233 
MET HE3  H N N 234 
MET HXT  H N N 235 
PHE N    N N N 236 
PHE CA   C N S 237 
PHE C    C N N 238 
PHE O    O N N 239 
PHE CB   C N N 240 
PHE CG   C Y N 241 
PHE CD1  C Y N 242 
PHE CD2  C Y N 243 
PHE CE1  C Y N 244 
PHE CE2  C Y N 245 
PHE CZ   C Y N 246 
PHE OXT  O N N 247 
PHE H    H N N 248 
PHE H2   H N N 249 
PHE HA   H N N 250 
PHE HB2  H N N 251 
PHE HB3  H N N 252 
PHE HD1  H N N 253 
PHE HD2  H N N 254 
PHE HE1  H N N 255 
PHE HE2  H N N 256 
PHE HZ   H N N 257 
PHE HXT  H N N 258 
PRO N    N N N 259 
PRO CA   C N S 260 
PRO C    C N N 261 
PRO O    O N N 262 
PRO CB   C N N 263 
PRO CG   C N N 264 
PRO CD   C N N 265 
PRO OXT  O N N 266 
PRO H    H N N 267 
PRO HA   H N N 268 
PRO HB2  H N N 269 
PRO HB3  H N N 270 
PRO HG2  H N N 271 
PRO HG3  H N N 272 
PRO HD2  H N N 273 
PRO HD3  H N N 274 
PRO HXT  H N N 275 
SER N    N N N 276 
SER CA   C N S 277 
SER C    C N N 278 
SER O    O N N 279 
SER CB   C N N 280 
SER OG   O N N 281 
SER OXT  O N N 282 
SER H    H N N 283 
SER H2   H N N 284 
SER HA   H N N 285 
SER HB2  H N N 286 
SER HB3  H N N 287 
SER HG   H N N 288 
SER HXT  H N N 289 
THR N    N N N 290 
THR CA   C N S 291 
THR C    C N N 292 
THR O    O N N 293 
THR CB   C N R 294 
THR OG1  O N N 295 
THR CG2  C N N 296 
THR OXT  O N N 297 
THR H    H N N 298 
THR H2   H N N 299 
THR HA   H N N 300 
THR HB   H N N 301 
THR HG1  H N N 302 
THR HG21 H N N 303 
THR HG22 H N N 304 
THR HG23 H N N 305 
THR HXT  H N N 306 
TRP N    N N N 307 
TRP CA   C N S 308 
TRP C    C N N 309 
TRP O    O N N 310 
TRP CB   C N N 311 
TRP CG   C Y N 312 
TRP CD1  C Y N 313 
TRP CD2  C Y N 314 
TRP NE1  N Y N 315 
TRP CE2  C Y N 316 
TRP CE3  C Y N 317 
TRP CZ2  C Y N 318 
TRP CZ3  C Y N 319 
TRP CH2  C Y N 320 
TRP OXT  O N N 321 
TRP H    H N N 322 
TRP H2   H N N 323 
TRP HA   H N N 324 
TRP HB2  H N N 325 
TRP HB3  H N N 326 
TRP HD1  H N N 327 
TRP HE1  H N N 328 
TRP HE3  H N N 329 
TRP HZ2  H N N 330 
TRP HZ3  H N N 331 
TRP HH2  H N N 332 
TRP HXT  H N N 333 
TYR N    N N N 334 
TYR CA   C N S 335 
TYR C    C N N 336 
TYR O    O N N 337 
TYR CB   C N N 338 
TYR CG   C Y N 339 
TYR CD1  C Y N 340 
TYR CD2  C Y N 341 
TYR CE1  C Y N 342 
TYR CE2  C Y N 343 
TYR CZ   C Y N 344 
TYR OH   O N N 345 
TYR OXT  O N N 346 
TYR H    H N N 347 
TYR H2   H N N 348 
TYR HA   H N N 349 
TYR HB2  H N N 350 
TYR HB3  H N N 351 
TYR HD1  H N N 352 
TYR HD2  H N N 353 
TYR HE1  H N N 354 
TYR HE2  H N N 355 
TYR HH   H N N 356 
TYR HXT  H N N 357 
VAL N    N N N 358 
VAL CA   C N S 359 
VAL C    C N N 360 
VAL O    O N N 361 
VAL CB   C N N 362 
VAL CG1  C N N 363 
VAL CG2  C N N 364 
VAL OXT  O N N 365 
VAL H    H N N 366 
VAL H2   H N N 367 
VAL HA   H N N 368 
VAL HB   H N N 369 
VAL HG11 H N N 370 
VAL HG12 H N N 371 
VAL HG13 H N N 372 
VAL HG21 H N N 373 
VAL HG22 H N N 374 
VAL HG23 H N N 375 
VAL HXT  H N N 376 
# 
loop_
_chem_comp_bond.comp_id 
_chem_comp_bond.atom_id_1 
_chem_comp_bond.atom_id_2 
_chem_comp_bond.value_order 
_chem_comp_bond.pdbx_aromatic_flag 
_chem_comp_bond.pdbx_stereo_config 
_chem_comp_bond.pdbx_ordinal 
ALA N   CA   sing N N 1   
ALA N   H    sing N N 2   
ALA N   H2   sing N N 3   
ALA CA  C    sing N N 4   
ALA CA  CB   sing N N 5   
ALA CA  HA   sing N N 6   
ALA C   O    doub N N 7   
ALA C   OXT  sing N N 8   
ALA CB  HB1  sing N N 9   
ALA CB  HB2  sing N N 10  
ALA CB  HB3  sing N N 11  
ALA OXT HXT  sing N N 12  
ARG N   CA   sing N N 13  
ARG N   H    sing N N 14  
ARG N   H2   sing N N 15  
ARG CA  C    sing N N 16  
ARG CA  CB   sing N N 17  
ARG CA  HA   sing N N 18  
ARG C   O    doub N N 19  
ARG C   OXT  sing N N 20  
ARG CB  CG   sing N N 21  
ARG CB  HB2  sing N N 22  
ARG CB  HB3  sing N N 23  
ARG CG  CD   sing N N 24  
ARG CG  HG2  sing N N 25  
ARG CG  HG3  sing N N 26  
ARG CD  NE   sing N N 27  
ARG CD  HD2  sing N N 28  
ARG CD  HD3  sing N N 29  
ARG NE  CZ   sing N N 30  
ARG NE  HE   sing N N 31  
ARG CZ  NH1  sing N N 32  
ARG CZ  NH2  doub N N 33  
ARG NH1 HH11 sing N N 34  
ARG NH1 HH12 sing N N 35  
ARG NH2 HH21 sing N N 36  
ARG NH2 HH22 sing N N 37  
ARG OXT HXT  sing N N 38  
ASN N   CA   sing N N 39  
ASN N   H    sing N N 40  
ASN N   H2   sing N N 41  
ASN CA  C    sing N N 42  
ASN CA  CB   sing N N 43  
ASN CA  HA   sing N N 44  
ASN C   O    doub N N 45  
ASN C   OXT  sing N N 46  
ASN CB  CG   sing N N 47  
ASN CB  HB2  sing N N 48  
ASN CB  HB3  sing N N 49  
ASN CG  OD1  doub N N 50  
ASN CG  ND2  sing N N 51  
ASN ND2 HD21 sing N N 52  
ASN ND2 HD22 sing N N 53  
ASN OXT HXT  sing N N 54  
ASP N   CA   sing N N 55  
ASP N   H    sing N N 56  
ASP N   H2   sing N N 57  
ASP CA  C    sing N N 58  
ASP CA  CB   sing N N 59  
ASP CA  HA   sing N N 60  
ASP C   O    doub N N 61  
ASP C   OXT  sing N N 62  
ASP CB  CG   sing N N 63  
ASP CB  HB2  sing N N 64  
ASP CB  HB3  sing N N 65  
ASP CG  OD1  doub N N 66  
ASP CG  OD2  sing N N 67  
ASP OD2 HD2  sing N N 68  
ASP OXT HXT  sing N N 69  
GLN N   CA   sing N N 70  
GLN N   H    sing N N 71  
GLN N   H2   sing N N 72  
GLN CA  C    sing N N 73  
GLN CA  CB   sing N N 74  
GLN CA  HA   sing N N 75  
GLN C   O    doub N N 76  
GLN C   OXT  sing N N 77  
GLN CB  CG   sing N N 78  
GLN CB  HB2  sing N N 79  
GLN CB  HB3  sing N N 80  
GLN CG  CD   sing N N 81  
GLN CG  HG2  sing N N 82  
GLN CG  HG3  sing N N 83  
GLN CD  OE1  doub N N 84  
GLN CD  NE2  sing N N 85  
GLN NE2 HE21 sing N N 86  
GLN NE2 HE22 sing N N 87  
GLN OXT HXT  sing N N 88  
GLU N   CA   sing N N 89  
GLU N   H    sing N N 90  
GLU N   H2   sing N N 91  
GLU CA  C    sing N N 92  
GLU CA  CB   sing N N 93  
GLU CA  HA   sing N N 94  
GLU C   O    doub N N 95  
GLU C   OXT  sing N N 96  
GLU CB  CG   sing N N 97  
GLU CB  HB2  sing N N 98  
GLU CB  HB3  sing N N 99  
GLU CG  CD   sing N N 100 
GLU CG  HG2  sing N N 101 
GLU CG  HG3  sing N N 102 
GLU CD  OE1  doub N N 103 
GLU CD  OE2  sing N N 104 
GLU OE2 HE2  sing N N 105 
GLU OXT HXT  sing N N 106 
GLY N   CA   sing N N 107 
GLY N   H    sing N N 108 
GLY N   H2   sing N N 109 
GLY CA  C    sing N N 110 
GLY CA  HA2  sing N N 111 
GLY CA  HA3  sing N N 112 
GLY C   O    doub N N 113 
GLY C   OXT  sing N N 114 
GLY OXT HXT  sing N N 115 
HIS N   CA   sing N N 116 
HIS N   H    sing N N 117 
HIS N   H2   sing N N 118 
HIS CA  C    sing N N 119 
HIS CA  CB   sing N N 120 
HIS CA  HA   sing N N 121 
HIS C   O    doub N N 122 
HIS C   OXT  sing N N 123 
HIS CB  CG   sing N N 124 
HIS CB  HB2  sing N N 125 
HIS CB  HB3  sing N N 126 
HIS CG  ND1  sing Y N 127 
HIS CG  CD2  doub Y N 128 
HIS ND1 CE1  doub Y N 129 
HIS ND1 HD1  sing N N 130 
HIS CD2 NE2  sing Y N 131 
HIS CD2 HD2  sing N N 132 
HIS CE1 NE2  sing Y N 133 
HIS CE1 HE1  sing N N 134 
HIS NE2 HE2  sing N N 135 
HIS OXT HXT  sing N N 136 
HOH O   H1   sing N N 137 
HOH O   H2   sing N N 138 
ILE N   CA   sing N N 139 
ILE N   H    sing N N 140 
ILE N   H2   sing N N 141 
ILE CA  C    sing N N 142 
ILE CA  CB   sing N N 143 
ILE CA  HA   sing N N 144 
ILE C   O    doub N N 145 
ILE C   OXT  sing N N 146 
ILE CB  CG1  sing N N 147 
ILE CB  CG2  sing N N 148 
ILE CB  HB   sing N N 149 
ILE CG1 CD1  sing N N 150 
ILE CG1 HG12 sing N N 151 
ILE CG1 HG13 sing N N 152 
ILE CG2 HG21 sing N N 153 
ILE CG2 HG22 sing N N 154 
ILE CG2 HG23 sing N N 155 
ILE CD1 HD11 sing N N 156 
ILE CD1 HD12 sing N N 157 
ILE CD1 HD13 sing N N 158 
ILE OXT HXT  sing N N 159 
LEU N   CA   sing N N 160 
LEU N   H    sing N N 161 
LEU N   H2   sing N N 162 
LEU CA  C    sing N N 163 
LEU CA  CB   sing N N 164 
LEU CA  HA   sing N N 165 
LEU C   O    doub N N 166 
LEU C   OXT  sing N N 167 
LEU CB  CG   sing N N 168 
LEU CB  HB2  sing N N 169 
LEU CB  HB3  sing N N 170 
LEU CG  CD1  sing N N 171 
LEU CG  CD2  sing N N 172 
LEU CG  HG   sing N N 173 
LEU CD1 HD11 sing N N 174 
LEU CD1 HD12 sing N N 175 
LEU CD1 HD13 sing N N 176 
LEU CD2 HD21 sing N N 177 
LEU CD2 HD22 sing N N 178 
LEU CD2 HD23 sing N N 179 
LEU OXT HXT  sing N N 180 
LYS N   CA   sing N N 181 
LYS N   H    sing N N 182 
LYS N   H2   sing N N 183 
LYS CA  C    sing N N 184 
LYS CA  CB   sing N N 185 
LYS CA  HA   sing N N 186 
LYS C   O    doub N N 187 
LYS C   OXT  sing N N 188 
LYS CB  CG   sing N N 189 
LYS CB  HB2  sing N N 190 
LYS CB  HB3  sing N N 191 
LYS CG  CD   sing N N 192 
LYS CG  HG2  sing N N 193 
LYS CG  HG3  sing N N 194 
LYS CD  CE   sing N N 195 
LYS CD  HD2  sing N N 196 
LYS CD  HD3  sing N N 197 
LYS CE  NZ   sing N N 198 
LYS CE  HE2  sing N N 199 
LYS CE  HE3  sing N N 200 
LYS NZ  HZ1  sing N N 201 
LYS NZ  HZ2  sing N N 202 
LYS NZ  HZ3  sing N N 203 
LYS OXT HXT  sing N N 204 
MET N   CA   sing N N 205 
MET N   H    sing N N 206 
MET N   H2   sing N N 207 
MET CA  C    sing N N 208 
MET CA  CB   sing N N 209 
MET CA  HA   sing N N 210 
MET C   O    doub N N 211 
MET C   OXT  sing N N 212 
MET CB  CG   sing N N 213 
MET CB  HB2  sing N N 214 
MET CB  HB3  sing N N 215 
MET CG  SD   sing N N 216 
MET CG  HG2  sing N N 217 
MET CG  HG3  sing N N 218 
MET SD  CE   sing N N 219 
MET CE  HE1  sing N N 220 
MET CE  HE2  sing N N 221 
MET CE  HE3  sing N N 222 
MET OXT HXT  sing N N 223 
PHE N   CA   sing N N 224 
PHE N   H    sing N N 225 
PHE N   H2   sing N N 226 
PHE CA  C    sing N N 227 
PHE CA  CB   sing N N 228 
PHE CA  HA   sing N N 229 
PHE C   O    doub N N 230 
PHE C   OXT  sing N N 231 
PHE CB  CG   sing N N 232 
PHE CB  HB2  sing N N 233 
PHE CB  HB3  sing N N 234 
PHE CG  CD1  doub Y N 235 
PHE CG  CD2  sing Y N 236 
PHE CD1 CE1  sing Y N 237 
PHE CD1 HD1  sing N N 238 
PHE CD2 CE2  doub Y N 239 
PHE CD2 HD2  sing N N 240 
PHE CE1 CZ   doub Y N 241 
PHE CE1 HE1  sing N N 242 
PHE CE2 CZ   sing Y N 243 
PHE CE2 HE2  sing N N 244 
PHE CZ  HZ   sing N N 245 
PHE OXT HXT  sing N N 246 
PRO N   CA   sing N N 247 
PRO N   CD   sing N N 248 
PRO N   H    sing N N 249 
PRO CA  C    sing N N 250 
PRO CA  CB   sing N N 251 
PRO CA  HA   sing N N 252 
PRO C   O    doub N N 253 
PRO C   OXT  sing N N 254 
PRO CB  CG   sing N N 255 
PRO CB  HB2  sing N N 256 
PRO CB  HB3  sing N N 257 
PRO CG  CD   sing N N 258 
PRO CG  HG2  sing N N 259 
PRO CG  HG3  sing N N 260 
PRO CD  HD2  sing N N 261 
PRO CD  HD3  sing N N 262 
PRO OXT HXT  sing N N 263 
SER N   CA   sing N N 264 
SER N   H    sing N N 265 
SER N   H2   sing N N 266 
SER CA  C    sing N N 267 
SER CA  CB   sing N N 268 
SER CA  HA   sing N N 269 
SER C   O    doub N N 270 
SER C   OXT  sing N N 271 
SER CB  OG   sing N N 272 
SER CB  HB2  sing N N 273 
SER CB  HB3  sing N N 274 
SER OG  HG   sing N N 275 
SER OXT HXT  sing N N 276 
THR N   CA   sing N N 277 
THR N   H    sing N N 278 
THR N   H2   sing N N 279 
THR CA  C    sing N N 280 
THR CA  CB   sing N N 281 
THR CA  HA   sing N N 282 
THR C   O    doub N N 283 
THR C   OXT  sing N N 284 
THR CB  OG1  sing N N 285 
THR CB  CG2  sing N N 286 
THR CB  HB   sing N N 287 
THR OG1 HG1  sing N N 288 
THR CG2 HG21 sing N N 289 
THR CG2 HG22 sing N N 290 
THR CG2 HG23 sing N N 291 
THR OXT HXT  sing N N 292 
TRP N   CA   sing N N 293 
TRP N   H    sing N N 294 
TRP N   H2   sing N N 295 
TRP CA  C    sing N N 296 
TRP CA  CB   sing N N 297 
TRP CA  HA   sing N N 298 
TRP C   O    doub N N 299 
TRP C   OXT  sing N N 300 
TRP CB  CG   sing N N 301 
TRP CB  HB2  sing N N 302 
TRP CB  HB3  sing N N 303 
TRP CG  CD1  doub Y N 304 
TRP CG  CD2  sing Y N 305 
TRP CD1 NE1  sing Y N 306 
TRP CD1 HD1  sing N N 307 
TRP CD2 CE2  doub Y N 308 
TRP CD2 CE3  sing Y N 309 
TRP NE1 CE2  sing Y N 310 
TRP NE1 HE1  sing N N 311 
TRP CE2 CZ2  sing Y N 312 
TRP CE3 CZ3  doub Y N 313 
TRP CE3 HE3  sing N N 314 
TRP CZ2 CH2  doub Y N 315 
TRP CZ2 HZ2  sing N N 316 
TRP CZ3 CH2  sing Y N 317 
TRP CZ3 HZ3  sing N N 318 
TRP CH2 HH2  sing N N 319 
TRP OXT HXT  sing N N 320 
TYR N   CA   sing N N 321 
TYR N   H    sing N N 322 
TYR N   H2   sing N N 323 
TYR CA  C    sing N N 324 
TYR CA  CB   sing N N 325 
TYR CA  HA   sing N N 326 
TYR C   O    doub N N 327 
TYR C   OXT  sing N N 328 
TYR CB  CG   sing N N 329 
TYR CB  HB2  sing N N 330 
TYR CB  HB3  sing N N 331 
TYR CG  CD1  doub Y N 332 
TYR CG  CD2  sing Y N 333 
TYR CD1 CE1  sing Y N 334 
TYR CD1 HD1  sing N N 335 
TYR CD2 CE2  doub Y N 336 
TYR CD2 HD2  sing N N 337 
TYR CE1 CZ   doub Y N 338 
TYR CE1 HE1  sing N N 339 
TYR CE2 CZ   sing Y N 340 
TYR CE2 HE2  sing N N 341 
TYR CZ  OH   sing N N 342 
TYR OH  HH   sing N N 343 
TYR OXT HXT  sing N N 344 
VAL N   CA   sing N N 345 
VAL N   H    sing N N 346 
VAL N   H2   sing N N 347 
VAL CA  C    sing N N 348 
VAL CA  CB   sing N N 349 
VAL CA  HA   sing N N 350 
VAL C   O    doub N N 351 
VAL C   OXT  sing N N 352 
VAL CB  CG1  sing N N 353 
VAL CB  CG2  sing N N 354 
VAL CB  HB   sing N N 355 
VAL CG1 HG11 sing N N 356 
VAL CG1 HG12 sing N N 357 
VAL CG1 HG13 sing N N 358 
VAL CG2 HG21 sing N N 359 
VAL CG2 HG22 sing N N 360 
VAL CG2 HG23 sing N N 361 
VAL OXT HXT  sing N N 362 
# 
_pdbx_entity_nonpoly.entity_id   2 
_pdbx_entity_nonpoly.name        water 
_pdbx_entity_nonpoly.comp_id     HOH 
# 
_pdbx_initial_refinement_model.id               1 
_pdbx_initial_refinement_model.entity_id_list   ? 
_pdbx_initial_refinement_model.type             'experimental model' 
_pdbx_initial_refinement_model.source_name      PDB 
_pdbx_initial_refinement_model.accession_code   1DDW 
_pdbx_initial_refinement_model.details          'PDB ENTRY 1DDW' 
# 
